data_2ELI
#
_entry.id   2ELI
#
loop_
_entity.id
_entity.type
_entity.pdbx_description
1 polymer 'Protein kinase C alpha type'
2 non-polymer 'ZINC ION'
#
_entity_poly.entity_id   1
_entity_poly.type   'polypeptide(L)'
_entity_poly.pdbx_seq_one_letter_code
;GSSGSSGGPDTDDPRSKHKFKIHTYGSPTFCDHCGSLLYGLIHQGMKCDTCDMNVHKQCVINVPSLCGMDHTEKRGRIYL
KAEVA
;
_entity_poly.pdbx_strand_id   A
#
loop_
_chem_comp.id
_chem_comp.type
_chem_comp.name
_chem_comp.formula
ZN non-polymer 'ZINC ION' 'Zn 2'
#
# COMPACT_ATOMS: atom_id res chain seq x y z
N GLY A 1 -21.46 46.78 -13.49
CA GLY A 1 -21.11 45.43 -13.11
C GLY A 1 -20.56 44.61 -14.25
N SER A 2 -21.15 43.44 -14.48
CA SER A 2 -20.72 42.55 -15.56
C SER A 2 -19.23 42.22 -15.42
N SER A 3 -18.80 41.97 -14.19
CA SER A 3 -17.40 41.65 -13.93
C SER A 3 -17.29 40.60 -12.83
N GLY A 4 -16.36 39.67 -12.99
CA GLY A 4 -16.15 38.62 -12.00
C GLY A 4 -16.55 37.25 -12.52
N SER A 5 -15.86 36.79 -13.56
CA SER A 5 -16.14 35.49 -14.15
C SER A 5 -14.90 34.62 -14.15
N SER A 6 -14.83 33.68 -13.21
CA SER A 6 -13.70 32.78 -13.10
C SER A 6 -13.97 31.69 -12.06
N GLY A 7 -13.23 30.59 -12.16
CA GLY A 7 -13.40 29.49 -11.22
C GLY A 7 -13.19 28.14 -11.88
N GLY A 8 -12.47 27.25 -11.20
CA GLY A 8 -12.22 25.93 -11.72
C GLY A 8 -10.96 25.31 -11.15
N PRO A 9 -10.96 25.06 -9.83
CA PRO A 9 -9.82 24.46 -9.13
C PRO A 9 -9.63 22.99 -9.51
N ASP A 10 -8.37 22.58 -9.58
CA ASP A 10 -8.03 21.20 -9.92
C ASP A 10 -6.67 20.81 -9.36
N THR A 11 -6.56 19.56 -8.90
CA THR A 11 -5.32 19.07 -8.33
C THR A 11 -5.35 17.55 -8.16
N ASP A 12 -4.18 16.95 -8.02
CA ASP A 12 -4.08 15.50 -7.85
C ASP A 12 -4.79 15.06 -6.57
N ASP A 13 -4.79 13.75 -6.32
CA ASP A 13 -5.43 13.20 -5.14
C ASP A 13 -4.39 12.65 -4.16
N PRO A 14 -3.95 13.50 -3.24
CA PRO A 14 -2.95 13.12 -2.22
C PRO A 14 -3.50 12.13 -1.20
N ARG A 15 -4.82 12.03 -1.14
CA ARG A 15 -5.48 11.13 -0.21
C ARG A 15 -5.32 9.67 -0.66
N SER A 16 -5.54 9.43 -1.94
CA SER A 16 -5.43 8.08 -2.49
C SER A 16 -4.00 7.56 -2.36
N LYS A 17 -3.03 8.46 -2.42
CA LYS A 17 -1.63 8.10 -2.30
C LYS A 17 -1.42 7.10 -1.17
N HIS A 18 -0.41 6.24 -1.32
CA HIS A 18 -0.11 5.24 -0.30
C HIS A 18 0.78 5.83 0.79
N LYS A 19 0.48 5.49 2.04
CA LYS A 19 1.25 5.97 3.18
C LYS A 19 2.28 4.95 3.62
N PHE A 20 2.90 4.27 2.65
CA PHE A 20 3.90 3.26 2.94
C PHE A 20 5.04 3.85 3.78
N LYS A 21 5.43 3.11 4.82
CA LYS A 21 6.51 3.57 5.69
C LYS A 21 7.55 2.46 5.88
N ILE A 22 8.81 2.78 5.60
CA ILE A 22 9.90 1.83 5.73
C ILE A 22 10.02 1.32 7.17
N HIS A 23 9.80 0.03 7.35
CA HIS A 23 9.87 -0.59 8.67
C HIS A 23 10.44 -2.00 8.58
N THR A 24 10.88 -2.53 9.73
CA THR A 24 11.44 -3.87 9.77
C THR A 24 10.39 -4.89 10.18
N TYR A 25 10.63 -6.16 9.86
CA TYR A 25 9.71 -7.24 10.19
C TYR A 25 10.39 -8.29 11.04
N GLY A 26 9.58 -9.03 11.80
CA GLY A 26 10.12 -10.07 12.66
C GLY A 26 9.89 -11.47 12.10
N SER A 27 8.96 -11.57 11.16
CA SER A 27 8.64 -12.86 10.55
C SER A 27 8.83 -12.80 9.03
N PRO A 28 8.96 -13.97 8.40
CA PRO A 28 9.14 -14.08 6.95
C PRO A 28 7.87 -13.70 6.18
N THR A 29 7.77 -12.42 5.82
CA THR A 29 6.61 -11.93 5.09
C THR A 29 6.89 -11.89 3.59
N PHE A 30 5.83 -11.96 2.79
CA PHE A 30 5.95 -11.94 1.34
C PHE A 30 5.30 -10.69 0.75
N CYS A 31 5.97 -10.06 -0.19
CA CYS A 31 5.46 -8.86 -0.85
C CYS A 31 4.00 -9.05 -1.26
N ASP A 32 3.30 -7.94 -1.47
CA ASP A 32 1.90 -7.98 -1.87
C ASP A 32 1.75 -7.73 -3.38
N HIS A 33 2.69 -6.97 -3.93
CA HIS A 33 2.67 -6.65 -5.35
C HIS A 33 3.18 -7.83 -6.18
N CYS A 34 4.48 -8.08 -6.10
CA CYS A 34 5.09 -9.18 -6.84
C CYS A 34 4.87 -10.51 -6.13
N GLY A 35 4.90 -10.47 -4.81
CA GLY A 35 4.68 -11.69 -4.03
C GLY A 35 5.95 -12.51 -3.89
N SER A 36 6.95 -11.95 -3.23
CA SER A 36 8.23 -12.63 -3.03
C SER A 36 8.77 -12.39 -1.63
N LEU A 37 9.30 -13.44 -1.01
CA LEU A 37 9.86 -13.34 0.33
C LEU A 37 10.57 -12.00 0.53
N LEU A 38 10.33 -11.38 1.68
CA LEU A 38 10.94 -10.10 1.99
C LEU A 38 12.10 -10.28 2.97
N TYR A 39 13.32 -10.30 2.46
CA TYR A 39 14.50 -10.46 3.29
C TYR A 39 15.14 -9.11 3.60
N GLY A 40 16.14 -9.13 4.47
CA GLY A 40 16.81 -7.89 4.85
C GLY A 40 16.90 -7.71 6.36
N LEU A 41 17.91 -6.98 6.80
CA LEU A 41 18.10 -6.73 8.23
C LEU A 41 17.41 -5.44 8.65
N ILE A 42 17.67 -4.37 7.91
CA ILE A 42 17.07 -3.07 8.21
C ILE A 42 16.41 -2.48 6.98
N HIS A 43 15.16 -2.05 7.13
CA HIS A 43 14.41 -1.46 6.02
C HIS A 43 14.15 -2.49 4.93
N GLN A 44 13.73 -3.68 5.33
CA GLN A 44 13.44 -4.76 4.38
C GLN A 44 12.43 -4.30 3.34
N GLY A 45 11.23 -3.94 3.80
CA GLY A 45 10.19 -3.49 2.89
C GLY A 45 9.42 -2.30 3.43
N MET A 46 8.23 -2.08 2.89
CA MET A 46 7.40 -0.96 3.32
C MET A 46 5.99 -1.43 3.67
N LYS A 47 5.36 -0.75 4.62
CA LYS A 47 4.01 -1.11 5.06
C LYS A 47 3.15 0.14 5.18
N CYS A 48 1.98 0.12 4.54
CA CYS A 48 1.07 1.25 4.58
C CYS A 48 0.48 1.41 5.98
N ASP A 49 -0.14 2.57 6.22
CA ASP A 49 -0.74 2.86 7.52
C ASP A 49 -2.26 2.76 7.44
N THR A 50 -2.78 2.72 6.23
CA THR A 50 -4.23 2.61 6.02
C THR A 50 -4.61 1.22 5.55
N CYS A 51 -3.85 0.68 4.60
CA CYS A 51 -4.12 -0.64 4.07
C CYS A 51 -3.07 -1.64 4.54
N ASP A 52 -2.15 -1.19 5.38
CA ASP A 52 -1.09 -2.03 5.91
C ASP A 52 -0.68 -3.09 4.88
N MET A 53 -0.32 -2.63 3.69
CA MET A 53 0.11 -3.52 2.62
C MET A 53 1.63 -3.61 2.54
N ASN A 54 2.16 -4.80 2.79
CA ASN A 54 3.60 -5.02 2.76
C ASN A 54 4.10 -5.16 1.32
N VAL A 55 5.01 -4.27 0.93
CA VAL A 55 5.56 -4.30 -0.43
C VAL A 55 7.01 -3.84 -0.44
N HIS A 56 7.77 -4.33 -1.40
CA HIS A 56 9.19 -3.97 -1.51
C HIS A 56 9.34 -2.46 -1.71
N LYS A 57 10.51 -1.94 -1.35
CA LYS A 57 10.79 -0.51 -1.47
C LYS A 57 10.74 -0.09 -2.94
N GLN A 58 11.06 -1.01 -3.83
CA GLN A 58 11.06 -0.72 -5.26
C GLN A 58 9.71 -1.09 -5.88
N CYS A 59 8.87 -1.78 -5.12
CA CYS A 59 7.55 -2.19 -5.59
C CYS A 59 6.52 -1.10 -5.31
N VAL A 60 6.80 -0.26 -4.32
CA VAL A 60 5.89 0.82 -3.95
C VAL A 60 5.63 1.74 -5.15
N ILE A 61 6.64 1.91 -6.00
CA ILE A 61 6.52 2.76 -7.17
C ILE A 61 5.62 2.12 -8.22
N ASN A 62 5.57 0.80 -8.22
CA ASN A 62 4.75 0.06 -9.18
C ASN A 62 3.31 -0.05 -8.68
N VAL A 63 3.15 -0.22 -7.37
CA VAL A 63 1.83 -0.34 -6.76
C VAL A 63 0.95 0.85 -7.15
N PRO A 64 -0.31 0.56 -7.51
CA PRO A 64 -1.28 1.60 -7.90
C PRO A 64 -1.71 2.46 -6.72
N SER A 65 -1.46 3.76 -6.81
CA SER A 65 -1.82 4.69 -5.75
C SER A 65 -3.14 4.28 -5.10
N LEU A 66 -4.02 3.68 -5.89
CA LEU A 66 -5.32 3.25 -5.39
C LEU A 66 -5.20 2.67 -3.99
N CYS A 67 -5.58 3.47 -2.99
CA CYS A 67 -5.51 3.03 -1.60
C CYS A 67 -6.80 3.37 -0.87
N GLY A 68 -7.26 2.45 -0.02
CA GLY A 68 -8.48 2.66 0.73
C GLY A 68 -9.61 1.77 0.25
N MET A 69 -9.34 0.47 0.18
CA MET A 69 -10.35 -0.50 -0.27
C MET A 69 -10.86 -1.31 0.91
N ASP A 70 -12.17 -1.53 0.95
CA ASP A 70 -12.79 -2.30 2.02
C ASP A 70 -13.16 -3.70 1.54
N HIS A 71 -12.25 -4.33 0.79
CA HIS A 71 -12.49 -5.66 0.27
C HIS A 71 -11.50 -6.66 0.88
N THR A 72 -11.31 -6.56 2.19
CA THR A 72 -10.40 -7.46 2.89
C THR A 72 -10.97 -7.87 4.25
N GLU A 73 -10.65 -9.09 4.68
CA GLU A 73 -11.13 -9.60 5.96
C GLU A 73 -9.97 -10.04 6.83
N LYS A 74 -8.80 -10.20 6.22
CA LYS A 74 -7.61 -10.63 6.94
C LYS A 74 -6.91 -9.44 7.59
N ARG A 75 -6.30 -9.67 8.75
CA ARG A 75 -5.60 -8.61 9.47
C ARG A 75 -4.51 -9.19 10.37
N GLY A 76 -3.26 -8.88 10.04
CA GLY A 76 -2.15 -9.38 10.83
C GLY A 76 -2.04 -8.71 12.19
N ARG A 77 -1.01 -9.06 12.94
CA ARG A 77 -0.79 -8.49 14.26
C ARG A 77 0.59 -7.86 14.37
N ILE A 78 0.72 -6.88 15.25
CA ILE A 78 2.00 -6.19 15.45
C ILE A 78 2.62 -6.57 16.79
N TYR A 79 3.93 -6.73 16.79
CA TYR A 79 4.66 -7.10 18.01
C TYR A 79 5.51 -5.93 18.51
N LEU A 80 6.14 -6.12 19.66
CA LEU A 80 6.99 -5.09 20.24
C LEU A 80 8.17 -5.71 20.98
N LYS A 81 9.26 -4.95 21.07
CA LYS A 81 10.46 -5.43 21.75
C LYS A 81 10.76 -4.60 22.99
N ALA A 82 11.67 -5.10 23.82
CA ALA A 82 12.03 -4.39 25.05
C ALA A 82 13.54 -4.13 25.10
N GLU A 83 13.97 -3.40 26.13
CA GLU A 83 15.39 -3.08 26.29
C GLU A 83 15.71 -2.80 27.75
N VAL A 84 16.99 -2.58 28.04
CA VAL A 84 17.43 -2.29 29.40
C VAL A 84 18.73 -1.50 29.40
N ALA A 85 18.92 -0.69 30.43
CA ALA A 85 20.12 0.13 30.56
C ALA A 85 21.02 -0.37 31.68
ZN ZN B . -2.11 1.90 1.15
ZN ZN C . 7.60 -6.76 -4.48
N GLY A 1 -20.99 43.08 -12.27
CA GLY A 1 -19.91 42.13 -12.49
C GLY A 1 -19.08 41.90 -11.25
N SER A 2 -18.78 42.97 -10.53
CA SER A 2 -17.98 42.88 -9.31
C SER A 2 -16.75 42.01 -9.53
N SER A 3 -16.11 42.19 -10.68
CA SER A 3 -14.92 41.42 -11.01
C SER A 3 -15.06 39.97 -10.56
N GLY A 4 -16.23 39.40 -10.80
CA GLY A 4 -16.48 38.02 -10.40
C GLY A 4 -15.70 37.03 -11.25
N SER A 5 -15.15 36.00 -10.60
CA SER A 5 -14.38 34.98 -11.30
C SER A 5 -14.27 33.72 -10.46
N SER A 6 -13.67 32.68 -11.04
CA SER A 6 -13.50 31.41 -10.35
C SER A 6 -12.18 30.75 -10.74
N GLY A 7 -11.61 29.99 -9.82
CA GLY A 7 -10.36 29.30 -10.08
C GLY A 7 -10.40 27.84 -9.72
N GLY A 8 -9.25 27.18 -9.76
CA GLY A 8 -9.19 25.76 -9.44
C GLY A 8 -10.10 24.93 -10.30
N PRO A 9 -9.66 24.64 -11.54
CA PRO A 9 -10.42 23.85 -12.50
C PRO A 9 -10.51 22.38 -12.08
N ASP A 10 -9.37 21.79 -11.77
CA ASP A 10 -9.33 20.39 -11.36
C ASP A 10 -8.29 20.18 -10.26
N THR A 11 -8.69 19.47 -9.21
CA THR A 11 -7.80 19.20 -8.08
C THR A 11 -7.30 17.76 -8.11
N ASP A 12 -6.56 17.38 -7.08
CA ASP A 12 -6.03 16.02 -6.97
C ASP A 12 -6.83 15.20 -5.97
N ASP A 13 -6.63 13.88 -6.01
CA ASP A 13 -7.33 12.98 -5.11
C ASP A 13 -6.34 12.23 -4.22
N PRO A 14 -5.67 12.99 -3.33
CA PRO A 14 -4.69 12.43 -2.40
C PRO A 14 -5.34 11.57 -1.31
N ARG A 15 -6.66 11.44 -1.38
CA ARG A 15 -7.40 10.65 -0.41
C ARG A 15 -7.07 9.17 -0.54
N SER A 16 -6.96 8.70 -1.79
CA SER A 16 -6.66 7.30 -2.05
C SER A 16 -5.15 7.10 -2.24
N LYS A 17 -4.37 7.81 -1.43
CA LYS A 17 -2.92 7.73 -1.50
C LYS A 17 -2.40 6.67 -0.52
N HIS A 18 -1.18 6.19 -0.77
CA HIS A 18 -0.57 5.19 0.09
C HIS A 18 0.42 5.83 1.06
N LYS A 19 0.42 5.33 2.29
CA LYS A 19 1.32 5.86 3.33
C LYS A 19 2.41 4.85 3.66
N PHE A 20 2.85 4.11 2.66
CA PHE A 20 3.90 3.10 2.85
C PHE A 20 5.06 3.67 3.65
N LYS A 21 5.20 3.21 4.89
CA LYS A 21 6.26 3.67 5.77
C LYS A 21 7.30 2.58 5.99
N ILE A 22 8.56 2.91 5.75
CA ILE A 22 9.66 1.95 5.92
C ILE A 22 9.72 1.45 7.36
N HIS A 23 9.55 0.15 7.54
CA HIS A 23 9.59 -0.46 8.87
C HIS A 23 10.25 -1.83 8.82
N THR A 24 10.67 -2.32 9.97
CA THR A 24 11.33 -3.62 10.06
C THR A 24 10.33 -4.72 10.42
N TYR A 25 10.48 -5.88 9.79
CA TYR A 25 9.59 -7.00 10.05
C TYR A 25 10.28 -8.07 10.88
N GLY A 26 9.81 -8.27 12.11
CA GLY A 26 10.40 -9.26 12.99
C GLY A 26 10.31 -10.66 12.41
N SER A 27 9.55 -10.81 11.33
CA SER A 27 9.39 -12.12 10.70
C SER A 27 9.46 -11.98 9.18
N PRO A 28 9.85 -13.08 8.50
CA PRO A 28 9.97 -13.11 7.04
C PRO A 28 8.61 -13.04 6.35
N THR A 29 8.24 -11.85 5.91
CA THR A 29 6.97 -11.64 5.23
C THR A 29 7.14 -11.69 3.72
N PHE A 30 6.05 -11.97 3.01
CA PHE A 30 6.08 -12.04 1.56
C PHE A 30 5.38 -10.83 0.93
N CYS A 31 6.03 -10.19 -0.02
CA CYS A 31 5.48 -9.02 -0.70
C CYS A 31 4.05 -9.28 -1.13
N ASP A 32 3.28 -8.21 -1.30
CA ASP A 32 1.88 -8.31 -1.71
C ASP A 32 1.73 -7.97 -3.19
N HIS A 33 2.65 -7.17 -3.70
CA HIS A 33 2.62 -6.76 -5.11
C HIS A 33 3.14 -7.88 -6.00
N CYS A 34 4.45 -8.12 -5.95
CA CYS A 34 5.07 -9.15 -6.76
C CYS A 34 4.87 -10.53 -6.13
N GLY A 35 5.11 -10.63 -4.83
CA GLY A 35 4.95 -11.89 -4.14
C GLY A 35 6.26 -12.65 -4.00
N SER A 36 7.24 -12.03 -3.36
CA SER A 36 8.55 -12.65 -3.17
C SER A 36 9.07 -12.38 -1.75
N LEU A 37 9.42 -13.45 -1.05
CA LEU A 37 9.95 -13.34 0.31
C LEU A 37 10.79 -12.07 0.46
N LEU A 38 10.53 -11.32 1.52
CA LEU A 38 11.27 -10.10 1.79
C LEU A 38 12.56 -10.39 2.54
N TYR A 39 13.69 -10.25 1.85
CA TYR A 39 14.99 -10.50 2.44
C TYR A 39 15.50 -9.27 3.17
N GLY A 40 16.36 -9.50 4.17
CA GLY A 40 16.91 -8.39 4.93
C GLY A 40 16.50 -8.44 6.39
N LEU A 41 17.32 -7.84 7.25
CA LEU A 41 17.05 -7.82 8.68
C LEU A 41 16.29 -6.54 9.07
N ILE A 42 16.76 -5.41 8.57
CA ILE A 42 16.14 -4.13 8.86
C ILE A 42 15.73 -3.41 7.58
N HIS A 43 14.59 -2.73 7.63
CA HIS A 43 14.09 -1.99 6.48
C HIS A 43 13.99 -2.91 5.25
N GLN A 44 13.45 -4.10 5.46
CA GLN A 44 13.31 -5.06 4.37
C GLN A 44 12.41 -4.52 3.27
N GLY A 45 11.21 -4.09 3.66
CA GLY A 45 10.27 -3.55 2.68
C GLY A 45 9.50 -2.35 3.22
N MET A 46 8.31 -2.13 2.70
CA MET A 46 7.47 -1.01 3.13
C MET A 46 6.09 -1.49 3.52
N LYS A 47 5.52 -0.89 4.56
CA LYS A 47 4.19 -1.25 5.03
C LYS A 47 3.31 -0.03 5.19
N CYS A 48 2.15 -0.05 4.55
CA CYS A 48 1.21 1.07 4.62
C CYS A 48 0.67 1.24 6.05
N ASP A 49 0.05 2.39 6.30
CA ASP A 49 -0.51 2.68 7.61
C ASP A 49 -2.03 2.64 7.57
N THR A 50 -2.59 2.63 6.36
CA THR A 50 -4.03 2.58 6.19
C THR A 50 -4.49 1.21 5.70
N CYS A 51 -3.70 0.61 4.82
CA CYS A 51 -4.02 -0.70 4.26
C CYS A 51 -3.01 -1.75 4.71
N ASP A 52 -1.96 -1.29 5.41
CA ASP A 52 -0.92 -2.19 5.89
C ASP A 52 -0.59 -3.25 4.85
N MET A 53 -0.25 -2.80 3.65
CA MET A 53 0.09 -3.72 2.56
C MET A 53 1.59 -3.80 2.37
N ASN A 54 2.18 -4.91 2.81
CA ASN A 54 3.62 -5.11 2.68
C ASN A 54 4.05 -5.15 1.22
N VAL A 55 5.05 -4.36 0.88
CA VAL A 55 5.56 -4.29 -0.48
C VAL A 55 7.00 -3.79 -0.51
N HIS A 56 7.79 -4.33 -1.44
CA HIS A 56 9.19 -3.94 -1.58
C HIS A 56 9.30 -2.43 -1.81
N LYS A 57 10.51 -1.91 -1.62
CA LYS A 57 10.76 -0.48 -1.81
C LYS A 57 10.61 -0.10 -3.29
N GLN A 58 10.88 -1.05 -4.17
CA GLN A 58 10.77 -0.80 -5.61
C GLN A 58 9.39 -1.19 -6.12
N CYS A 59 8.60 -1.81 -5.26
CA CYS A 59 7.24 -2.24 -5.62
C CYS A 59 6.25 -1.10 -5.44
N VAL A 60 6.51 -0.25 -4.45
CA VAL A 60 5.64 0.89 -4.16
C VAL A 60 5.44 1.75 -5.41
N ILE A 61 6.49 1.90 -6.21
CA ILE A 61 6.44 2.69 -7.42
C ILE A 61 5.53 2.05 -8.45
N ASN A 62 5.35 0.73 -8.34
CA ASN A 62 4.50 -0.01 -9.27
C ASN A 62 3.05 0.06 -8.85
N VAL A 63 2.81 0.02 -7.54
CA VAL A 63 1.45 0.08 -7.01
C VAL A 63 0.76 1.38 -7.41
N PRO A 64 -0.53 1.27 -7.77
CA PRO A 64 -1.33 2.43 -8.18
C PRO A 64 -1.63 3.37 -7.02
N SER A 65 -1.53 4.66 -7.27
CA SER A 65 -1.80 5.66 -6.24
C SER A 65 -2.91 5.20 -5.31
N LEU A 66 -3.99 4.68 -5.89
CA LEU A 66 -5.12 4.20 -5.11
C LEU A 66 -4.65 3.30 -3.97
N CYS A 67 -5.34 3.37 -2.83
CA CYS A 67 -5.00 2.57 -1.67
C CYS A 67 -6.25 1.99 -1.02
N GLY A 68 -6.08 0.89 -0.28
CA GLY A 68 -7.20 0.27 0.38
C GLY A 68 -8.13 -0.44 -0.59
N MET A 69 -7.55 -1.05 -1.61
CA MET A 69 -8.34 -1.76 -2.62
C MET A 69 -9.42 -2.61 -1.96
N ASP A 70 -10.34 -3.11 -2.77
CA ASP A 70 -11.44 -3.94 -2.27
C ASP A 70 -10.97 -5.38 -2.06
N HIS A 71 -9.82 -5.54 -1.42
CA HIS A 71 -9.26 -6.85 -1.15
C HIS A 71 -9.63 -7.33 0.24
N THR A 72 -9.18 -8.53 0.60
CA THR A 72 -9.46 -9.10 1.91
C THR A 72 -8.25 -9.85 2.45
N GLU A 73 -8.25 -10.09 3.76
CA GLU A 73 -7.16 -10.79 4.41
C GLU A 73 -7.12 -12.25 3.98
N LYS A 74 -6.06 -12.95 4.37
CA LYS A 74 -5.90 -14.35 4.02
C LYS A 74 -6.01 -15.24 5.26
N ARG A 75 -6.05 -16.55 5.05
CA ARG A 75 -6.15 -17.50 6.16
C ARG A 75 -5.03 -18.53 6.10
N GLY A 76 -4.88 -19.29 7.17
CA GLY A 76 -3.84 -20.30 7.22
C GLY A 76 -3.98 -21.33 6.12
N ARG A 77 -3.26 -22.44 6.24
CA ARG A 77 -3.31 -23.50 5.24
C ARG A 77 -3.78 -24.81 5.87
N ILE A 78 -3.92 -25.84 5.05
CA ILE A 78 -4.37 -27.15 5.52
C ILE A 78 -3.25 -28.18 5.42
N TYR A 79 -3.24 -29.13 6.34
CA TYR A 79 -2.23 -30.17 6.36
C TYR A 79 -2.87 -31.56 6.39
N LEU A 80 -2.20 -32.52 5.79
CA LEU A 80 -2.70 -33.89 5.73
C LEU A 80 -1.65 -34.84 5.13
N LYS A 81 -1.79 -36.13 5.44
CA LYS A 81 -0.87 -37.13 4.92
C LYS A 81 -1.60 -38.42 4.57
N ALA A 82 -0.94 -39.27 3.79
CA ALA A 82 -1.54 -40.54 3.37
C ALA A 82 -0.50 -41.65 3.34
N GLU A 83 -0.96 -42.89 3.24
CA GLU A 83 -0.06 -44.04 3.21
C GLU A 83 -0.84 -45.33 2.95
N VAL A 84 -0.34 -46.15 2.04
CA VAL A 84 -0.98 -47.41 1.70
C VAL A 84 -0.14 -48.22 0.71
N ALA A 85 -0.16 -49.53 0.87
CA ALA A 85 0.61 -50.42 0.00
C ALA A 85 0.00 -50.45 -1.40
ZN ZN B . -2.14 1.75 1.43
ZN ZN C . 7.61 -6.83 -4.29
N GLY A 1 -24.86 -0.81 4.36
CA GLY A 1 -24.52 -2.22 4.21
C GLY A 1 -24.37 -2.63 2.77
N SER A 2 -23.13 -2.71 2.29
CA SER A 2 -22.86 -3.09 0.91
C SER A 2 -21.52 -3.81 0.81
N SER A 3 -21.35 -4.57 -0.27
CA SER A 3 -20.13 -5.33 -0.48
C SER A 3 -19.88 -5.54 -1.98
N GLY A 4 -18.61 -5.50 -2.37
CA GLY A 4 -18.26 -5.69 -3.77
C GLY A 4 -16.97 -4.99 -4.15
N SER A 5 -15.84 -5.61 -3.82
CA SER A 5 -14.53 -5.03 -4.12
C SER A 5 -14.55 -4.31 -5.46
N SER A 6 -13.95 -3.13 -5.49
CA SER A 6 -13.91 -2.33 -6.72
C SER A 6 -12.99 -1.12 -6.54
N GLY A 7 -12.45 -0.64 -7.65
CA GLY A 7 -11.56 0.51 -7.60
C GLY A 7 -12.30 1.82 -7.80
N GLY A 8 -11.54 2.89 -8.03
CA GLY A 8 -12.15 4.19 -8.24
C GLY A 8 -11.64 4.88 -9.50
N PRO A 9 -12.46 4.85 -10.55
CA PRO A 9 -12.11 5.47 -11.84
C PRO A 9 -12.09 6.99 -11.77
N ASP A 10 -10.90 7.56 -11.68
CA ASP A 10 -10.75 9.01 -11.61
C ASP A 10 -9.52 9.47 -12.39
N THR A 11 -9.61 10.65 -12.98
CA THR A 11 -8.51 11.21 -13.76
C THR A 11 -7.21 11.16 -12.97
N ASP A 12 -7.28 11.50 -11.68
CA ASP A 12 -6.11 11.50 -10.82
C ASP A 12 -6.51 11.69 -9.37
N ASP A 13 -6.14 10.73 -8.52
CA ASP A 13 -6.46 10.80 -7.11
C ASP A 13 -5.18 10.83 -6.26
N PRO A 14 -4.74 12.04 -5.90
CA PRO A 14 -3.53 12.24 -5.10
C PRO A 14 -3.72 11.78 -3.66
N ARG A 15 -4.96 11.82 -3.19
CA ARG A 15 -5.28 11.41 -1.82
C ARG A 15 -5.15 9.90 -1.67
N SER A 16 -5.78 9.16 -2.58
CA SER A 16 -5.74 7.71 -2.55
C SER A 16 -4.31 7.20 -2.40
N LYS A 17 -3.35 8.04 -2.77
CA LYS A 17 -1.94 7.68 -2.68
C LYS A 17 -1.68 6.80 -1.47
N HIS A 18 -0.72 5.89 -1.59
CA HIS A 18 -0.37 4.99 -0.50
C HIS A 18 0.49 5.71 0.54
N LYS A 19 0.50 5.18 1.77
CA LYS A 19 1.27 5.76 2.85
C LYS A 19 2.37 4.81 3.31
N PHE A 20 2.90 4.03 2.38
CA PHE A 20 3.96 3.08 2.69
C PHE A 20 5.10 3.75 3.46
N LYS A 21 5.44 3.19 4.60
CA LYS A 21 6.52 3.73 5.43
C LYS A 21 7.56 2.66 5.75
N ILE A 22 8.83 3.00 5.55
CA ILE A 22 9.92 2.06 5.82
C ILE A 22 9.93 1.63 7.27
N HIS A 23 9.66 0.35 7.51
CA HIS A 23 9.65 -0.19 8.87
C HIS A 23 10.33 -1.55 8.92
N THR A 24 10.70 -1.98 10.13
CA THR A 24 11.36 -3.25 10.31
C THR A 24 10.36 -4.34 10.70
N TYR A 25 10.61 -5.57 10.23
CA TYR A 25 9.74 -6.69 10.52
C TYR A 25 10.46 -7.75 11.34
N GLY A 26 9.70 -8.56 12.06
CA GLY A 26 10.29 -9.60 12.89
C GLY A 26 10.08 -10.98 12.29
N SER A 27 9.28 -11.06 11.24
CA SER A 27 9.00 -12.33 10.58
C SER A 27 9.11 -12.21 9.07
N PRO A 28 9.30 -13.34 8.39
CA PRO A 28 9.44 -13.38 6.93
C PRO A 28 8.12 -13.07 6.22
N THR A 29 7.97 -11.83 5.76
CA THR A 29 6.76 -11.41 5.07
C THR A 29 6.92 -11.55 3.56
N PHE A 30 5.80 -11.67 2.85
CA PHE A 30 5.80 -11.80 1.40
C PHE A 30 5.12 -10.62 0.74
N CYS A 31 5.83 -9.95 -0.15
CA CYS A 31 5.29 -8.80 -0.86
C CYS A 31 3.86 -9.06 -1.32
N ASP A 32 3.12 -7.99 -1.59
CA ASP A 32 1.74 -8.10 -2.05
C ASP A 32 1.62 -7.79 -3.53
N HIS A 33 2.51 -6.94 -4.03
CA HIS A 33 2.51 -6.57 -5.44
C HIS A 33 3.07 -7.69 -6.29
N CYS A 34 4.36 -7.98 -6.13
CA CYS A 34 5.02 -9.03 -6.88
C CYS A 34 4.79 -10.40 -6.24
N GLY A 35 4.88 -10.44 -4.92
CA GLY A 35 4.67 -11.69 -4.20
C GLY A 35 5.95 -12.51 -4.07
N SER A 36 6.94 -11.93 -3.39
CA SER A 36 8.22 -12.60 -3.20
C SER A 36 8.75 -12.37 -1.79
N LEU A 37 9.20 -13.44 -1.15
CA LEU A 37 9.73 -13.36 0.20
C LEU A 37 10.63 -12.14 0.36
N LEU A 38 10.45 -11.41 1.47
CA LEU A 38 11.26 -10.23 1.73
C LEU A 38 12.54 -10.59 2.47
N TYR A 39 13.68 -10.27 1.87
CA TYR A 39 14.97 -10.55 2.49
C TYR A 39 15.54 -9.32 3.19
N GLY A 40 16.36 -9.55 4.19
CA GLY A 40 16.96 -8.45 4.92
C GLY A 40 16.61 -8.49 6.40
N LEU A 41 17.38 -7.77 7.21
CA LEU A 41 17.15 -7.72 8.65
C LEU A 41 16.47 -6.41 9.04
N ILE A 42 16.97 -5.30 8.51
CA ILE A 42 16.40 -3.99 8.81
C ILE A 42 15.92 -3.29 7.53
N HIS A 43 14.81 -2.59 7.64
CA HIS A 43 14.25 -1.87 6.49
C HIS A 43 14.09 -2.81 5.30
N GLN A 44 13.63 -4.02 5.56
CA GLN A 44 13.45 -5.01 4.50
C GLN A 44 12.54 -4.46 3.40
N GLY A 45 11.36 -3.97 3.79
CA GLY A 45 10.43 -3.42 2.82
C GLY A 45 9.64 -2.26 3.38
N MET A 46 8.42 -2.07 2.89
CA MET A 46 7.57 -0.98 3.34
C MET A 46 6.17 -1.48 3.67
N LYS A 47 5.49 -0.78 4.58
CA LYS A 47 4.14 -1.17 4.98
C LYS A 47 3.25 0.07 5.11
N CYS A 48 2.08 0.01 4.47
CA CYS A 48 1.14 1.12 4.52
C CYS A 48 0.63 1.36 5.94
N ASP A 49 0.01 2.51 6.15
CA ASP A 49 -0.51 2.85 7.48
C ASP A 49 -2.02 2.59 7.54
N THR A 50 -2.66 2.52 6.38
CA THR A 50 -4.08 2.27 6.32
C THR A 50 -4.38 0.85 5.81
N CYS A 51 -3.74 0.49 4.71
CA CYS A 51 -3.94 -0.84 4.13
C CYS A 51 -2.84 -1.80 4.58
N ASP A 52 -1.87 -1.28 5.33
CA ASP A 52 -0.77 -2.08 5.84
C ASP A 52 -0.42 -3.19 4.86
N MET A 53 -0.15 -2.81 3.61
CA MET A 53 0.19 -3.79 2.58
C MET A 53 1.71 -3.91 2.44
N ASN A 54 2.23 -5.10 2.73
CA ASN A 54 3.66 -5.35 2.65
C ASN A 54 4.13 -5.34 1.20
N VAL A 55 5.12 -4.50 0.90
CA VAL A 55 5.65 -4.39 -0.45
C VAL A 55 7.11 -3.91 -0.42
N HIS A 56 7.85 -4.25 -1.47
CA HIS A 56 9.25 -3.86 -1.58
C HIS A 56 9.39 -2.35 -1.71
N LYS A 57 10.59 -1.84 -1.45
CA LYS A 57 10.85 -0.41 -1.54
C LYS A 57 10.73 0.07 -2.99
N GLN A 58 11.01 -0.82 -3.93
CA GLN A 58 10.93 -0.48 -5.35
C GLN A 58 9.56 -0.81 -5.91
N CYS A 59 8.84 -1.70 -5.23
CA CYS A 59 7.50 -2.11 -5.65
C CYS A 59 6.50 -0.99 -5.43
N VAL A 60 6.78 -0.12 -4.46
CA VAL A 60 5.91 1.00 -4.14
C VAL A 60 5.72 1.90 -5.36
N ILE A 61 6.67 1.86 -6.28
CA ILE A 61 6.61 2.67 -7.48
C ILE A 61 5.66 2.06 -8.52
N ASN A 62 5.41 0.77 -8.39
CA ASN A 62 4.52 0.06 -9.31
C ASN A 62 3.12 -0.10 -8.70
N VAL A 63 3.06 -0.07 -7.37
CA VAL A 63 1.79 -0.20 -6.66
C VAL A 63 0.83 0.93 -7.02
N PRO A 64 -0.39 0.57 -7.42
CA PRO A 64 -1.42 1.53 -7.80
C PRO A 64 -1.93 2.33 -6.60
N SER A 65 -1.83 3.65 -6.68
CA SER A 65 -2.29 4.51 -5.61
C SER A 65 -3.57 3.97 -4.97
N LEU A 66 -4.36 3.25 -5.76
CA LEU A 66 -5.60 2.67 -5.27
C LEU A 66 -5.43 2.12 -3.86
N CYS A 67 -5.77 2.92 -2.87
CA CYS A 67 -5.66 2.52 -1.47
C CYS A 67 -6.94 2.83 -0.71
N GLY A 68 -7.11 2.19 0.44
CA GLY A 68 -8.29 2.41 1.25
C GLY A 68 -9.54 1.80 0.64
N MET A 69 -9.50 0.50 0.42
CA MET A 69 -10.63 -0.22 -0.16
C MET A 69 -11.28 -1.14 0.87
N ASP A 70 -11.47 -0.62 2.08
CA ASP A 70 -12.08 -1.41 3.16
C ASP A 70 -13.52 -1.77 2.80
N HIS A 71 -14.35 -0.75 2.60
CA HIS A 71 -15.75 -0.96 2.25
C HIS A 71 -16.12 -0.22 0.97
N THR A 72 -16.04 -0.90 -0.16
CA THR A 72 -16.36 -0.31 -1.45
C THR A 72 -17.38 -1.15 -2.21
N GLU A 73 -18.37 -0.49 -2.80
CA GLU A 73 -19.41 -1.19 -3.55
C GLU A 73 -20.02 -0.26 -4.60
N LYS A 74 -19.75 -0.55 -5.87
CA LYS A 74 -20.29 0.25 -6.96
C LYS A 74 -20.95 -0.64 -8.01
N ARG A 75 -20.46 -1.86 -8.15
CA ARG A 75 -21.01 -2.81 -9.11
C ARG A 75 -20.45 -4.21 -8.89
N GLY A 76 -21.29 -5.22 -9.09
CA GLY A 76 -20.85 -6.59 -8.90
C GLY A 76 -19.67 -6.94 -9.79
N ARG A 77 -18.68 -7.62 -9.22
CA ARG A 77 -17.49 -8.01 -9.97
C ARG A 77 -16.81 -9.21 -9.31
N ILE A 78 -16.21 -10.06 -10.12
CA ILE A 78 -15.53 -11.24 -9.62
C ILE A 78 -14.12 -11.36 -10.21
N TYR A 79 -13.50 -10.22 -10.48
CA TYR A 79 -12.16 -10.19 -11.06
C TYR A 79 -11.12 -10.58 -10.02
N LEU A 80 -10.83 -11.88 -9.95
CA LEU A 80 -9.85 -12.39 -9.00
C LEU A 80 -8.76 -13.17 -9.71
N LYS A 81 -7.71 -12.48 -10.14
CA LYS A 81 -6.60 -13.10 -10.84
C LYS A 81 -5.78 -13.96 -9.88
N ALA A 82 -6.00 -13.77 -8.59
CA ALA A 82 -5.28 -14.54 -7.57
C ALA A 82 -3.86 -14.84 -8.02
N GLU A 83 -3.19 -13.83 -8.58
CA GLU A 83 -1.82 -13.98 -9.05
C GLU A 83 -1.21 -12.64 -9.43
N VAL A 84 0.06 -12.64 -9.81
CA VAL A 84 0.76 -11.42 -10.19
C VAL A 84 -0.19 -10.45 -10.89
N ALA A 85 -0.23 -9.22 -10.41
CA ALA A 85 -1.09 -8.20 -11.00
C ALA A 85 -0.27 -7.18 -11.79
ZN ZN B . -2.12 1.57 1.19
ZN ZN C . 7.51 -6.69 -4.44
N GLY A 1 12.71 36.51 14.47
CA GLY A 1 12.64 35.91 13.15
C GLY A 1 11.46 34.95 13.02
N SER A 2 11.28 34.41 11.83
CA SER A 2 10.19 33.47 11.58
C SER A 2 10.29 32.89 10.17
N SER A 3 9.65 31.74 9.96
CA SER A 3 9.66 31.08 8.67
C SER A 3 8.44 30.19 8.49
N GLY A 4 8.13 29.85 7.25
CA GLY A 4 6.98 29.01 6.96
C GLY A 4 6.82 28.72 5.49
N SER A 5 5.70 28.10 5.12
CA SER A 5 5.43 27.76 3.73
C SER A 5 3.99 28.08 3.36
N SER A 6 3.67 27.93 2.09
CA SER A 6 2.32 28.21 1.60
C SER A 6 2.06 27.51 0.27
N GLY A 7 0.81 27.08 0.07
CA GLY A 7 0.46 26.40 -1.17
C GLY A 7 -0.61 25.35 -0.96
N GLY A 8 -1.42 25.11 -1.99
CA GLY A 8 -2.47 24.12 -1.90
C GLY A 8 -2.07 22.78 -2.45
N PRO A 9 -2.88 21.75 -2.18
CA PRO A 9 -2.62 20.38 -2.65
C PRO A 9 -2.79 20.24 -4.16
N ASP A 10 -3.87 20.82 -4.68
CA ASP A 10 -4.16 20.76 -6.11
C ASP A 10 -3.70 19.43 -6.70
N THR A 11 -4.05 18.33 -6.02
CA THR A 11 -3.69 17.00 -6.47
C THR A 11 -4.73 15.98 -6.07
N ASP A 12 -4.75 14.85 -6.78
CA ASP A 12 -5.71 13.79 -6.49
C ASP A 12 -5.89 13.60 -4.99
N ASP A 13 -6.99 12.96 -4.61
CA ASP A 13 -7.28 12.73 -3.19
C ASP A 13 -6.02 12.31 -2.44
N PRO A 14 -5.55 13.18 -1.54
CA PRO A 14 -4.35 12.93 -0.74
C PRO A 14 -4.56 11.84 0.30
N ARG A 15 -5.80 11.37 0.41
CA ARG A 15 -6.15 10.32 1.37
C ARG A 15 -5.94 8.95 0.75
N SER A 16 -6.31 8.81 -0.52
CA SER A 16 -6.17 7.54 -1.22
C SER A 16 -4.72 7.10 -1.28
N LYS A 17 -3.82 8.07 -1.37
CA LYS A 17 -2.39 7.79 -1.43
C LYS A 17 -1.99 6.74 -0.39
N HIS A 18 -0.96 5.96 -0.70
CA HIS A 18 -0.49 4.92 0.21
C HIS A 18 0.45 5.51 1.26
N LYS A 19 0.27 5.08 2.50
CA LYS A 19 1.10 5.57 3.60
C LYS A 19 2.25 4.60 3.87
N PHE A 20 2.87 4.11 2.81
CA PHE A 20 3.98 3.18 2.93
C PHE A 20 5.14 3.81 3.71
N LYS A 21 5.50 3.19 4.83
CA LYS A 21 6.59 3.68 5.66
C LYS A 21 7.71 2.66 5.75
N ILE A 22 8.94 3.11 5.49
CA ILE A 22 10.10 2.23 5.54
C ILE A 22 10.28 1.64 6.93
N HIS A 23 9.79 0.43 7.12
CA HIS A 23 9.89 -0.25 8.41
C HIS A 23 10.33 -1.70 8.23
N THR A 24 10.86 -2.29 9.30
CA THR A 24 11.32 -3.68 9.26
C THR A 24 10.30 -4.61 9.88
N TYR A 25 10.23 -5.84 9.37
CA TYR A 25 9.29 -6.83 9.88
C TYR A 25 9.99 -7.80 10.83
N GLY A 26 9.23 -8.33 11.79
CA GLY A 26 9.78 -9.26 12.74
C GLY A 26 9.58 -10.71 12.33
N SER A 27 8.86 -10.92 11.24
CA SER A 27 8.60 -12.26 10.75
C SER A 27 8.71 -12.31 9.21
N PRO A 28 8.80 -13.54 8.68
CA PRO A 28 8.92 -13.76 7.23
C PRO A 28 7.63 -13.41 6.49
N THR A 29 7.64 -12.27 5.80
CA THR A 29 6.47 -11.83 5.05
C THR A 29 6.72 -11.90 3.55
N PHE A 30 5.66 -12.06 2.78
CA PHE A 30 5.76 -12.14 1.32
C PHE A 30 5.06 -10.95 0.66
N CYS A 31 5.78 -10.26 -0.21
CA CYS A 31 5.22 -9.11 -0.92
C CYS A 31 3.82 -9.42 -1.46
N ASP A 32 3.04 -8.38 -1.71
CA ASP A 32 1.69 -8.55 -2.22
C ASP A 32 1.62 -8.18 -3.70
N HIS A 33 2.58 -7.39 -4.15
CA HIS A 33 2.64 -6.96 -5.54
C HIS A 33 3.30 -8.03 -6.41
N CYS A 34 4.57 -8.32 -6.13
CA CYS A 34 5.31 -9.32 -6.87
C CYS A 34 5.04 -10.72 -6.34
N GLY A 35 5.12 -10.86 -5.01
CA GLY A 35 4.87 -12.16 -4.40
C GLY A 35 6.16 -12.86 -4.02
N SER A 36 7.03 -12.16 -3.29
CA SER A 36 8.30 -12.72 -2.86
C SER A 36 8.64 -12.29 -1.44
N LEU A 37 9.19 -13.21 -0.66
CA LEU A 37 9.56 -12.92 0.72
C LEU A 37 10.48 -11.71 0.80
N LEU A 38 10.34 -10.93 1.86
CA LEU A 38 11.16 -9.74 2.06
C LEU A 38 12.35 -10.05 2.97
N TYR A 39 13.53 -10.14 2.37
CA TYR A 39 14.75 -10.41 3.12
C TYR A 39 15.41 -9.13 3.61
N GLY A 40 16.24 -9.25 4.63
CA GLY A 40 16.92 -8.08 5.17
C GLY A 40 16.68 -7.91 6.67
N LEU A 41 17.70 -7.40 7.37
CA LEU A 41 17.59 -7.19 8.80
C LEU A 41 16.67 -6.01 9.12
N ILE A 42 16.95 -4.87 8.50
CA ILE A 42 16.15 -3.66 8.71
C ILE A 42 15.83 -2.98 7.38
N HIS A 43 14.73 -2.23 7.37
CA HIS A 43 14.31 -1.53 6.16
C HIS A 43 14.16 -2.50 4.99
N GLN A 44 13.68 -3.70 5.28
CA GLN A 44 13.49 -4.71 4.25
C GLN A 44 12.58 -4.19 3.14
N GLY A 45 11.50 -3.51 3.53
CA GLY A 45 10.56 -2.99 2.56
C GLY A 45 9.75 -1.83 3.11
N MET A 46 8.47 -1.79 2.75
CA MET A 46 7.58 -0.74 3.21
C MET A 46 6.24 -1.31 3.66
N LYS A 47 5.64 -0.70 4.68
CA LYS A 47 4.36 -1.14 5.20
C LYS A 47 3.39 0.02 5.33
N CYS A 48 2.18 -0.15 4.78
CA CYS A 48 1.16 0.88 4.83
C CYS A 48 0.57 0.98 6.23
N ASP A 49 -0.02 2.14 6.53
CA ASP A 49 -0.62 2.37 7.83
C ASP A 49 -2.15 2.30 7.75
N THR A 50 -2.65 2.05 6.54
CA THR A 50 -4.08 1.95 6.32
C THR A 50 -4.47 0.56 5.83
N CYS A 51 -3.67 0.01 4.92
CA CYS A 51 -3.92 -1.31 4.37
C CYS A 51 -2.83 -2.30 4.78
N ASP A 52 -1.94 -1.84 5.65
CA ASP A 52 -0.84 -2.68 6.13
C ASP A 52 -0.40 -3.67 5.05
N MET A 53 -0.10 -3.14 3.87
CA MET A 53 0.34 -3.98 2.75
C MET A 53 1.85 -3.94 2.61
N ASN A 54 2.50 -5.05 2.92
CA ASN A 54 3.96 -5.15 2.83
C ASN A 54 4.40 -5.29 1.37
N VAL A 55 5.33 -4.45 0.95
CA VAL A 55 5.84 -4.49 -0.41
C VAL A 55 7.28 -4.00 -0.48
N HIS A 56 7.98 -4.35 -1.55
CA HIS A 56 9.37 -3.93 -1.73
C HIS A 56 9.45 -2.43 -2.03
N LYS A 57 10.56 -1.83 -1.64
CA LYS A 57 10.77 -0.40 -1.85
C LYS A 57 10.64 -0.05 -3.33
N GLN A 58 10.98 -1.00 -4.19
CA GLN A 58 10.89 -0.79 -5.63
C GLN A 58 9.54 -1.24 -6.17
N CYS A 59 8.76 -1.90 -5.33
CA CYS A 59 7.44 -2.38 -5.71
C CYS A 59 6.38 -1.31 -5.47
N VAL A 60 6.72 -0.32 -4.65
CA VAL A 60 5.79 0.76 -4.34
C VAL A 60 5.64 1.70 -5.52
N ILE A 61 6.65 1.73 -6.39
CA ILE A 61 6.62 2.58 -7.57
C ILE A 61 5.60 2.09 -8.59
N ASN A 62 5.27 0.81 -8.50
CA ASN A 62 4.30 0.21 -9.41
C ASN A 62 2.88 0.32 -8.85
N VAL A 63 2.73 -0.01 -7.57
CA VAL A 63 1.44 0.05 -6.92
C VAL A 63 0.78 1.40 -7.12
N PRO A 64 -0.55 1.40 -7.36
CA PRO A 64 -1.32 2.62 -7.57
C PRO A 64 -1.46 3.44 -6.30
N SER A 65 -1.05 4.72 -6.38
CA SER A 65 -1.12 5.62 -5.23
C SER A 65 -2.34 5.29 -4.36
N LEU A 66 -3.53 5.38 -4.95
CA LEU A 66 -4.77 5.10 -4.25
C LEU A 66 -4.58 3.93 -3.26
N CYS A 67 -5.41 3.90 -2.24
CA CYS A 67 -5.34 2.84 -1.24
C CYS A 67 -6.68 2.66 -0.53
N GLY A 68 -6.86 1.51 0.11
CA GLY A 68 -8.10 1.24 0.82
C GLY A 68 -9.17 0.68 -0.09
N MET A 69 -8.94 -0.53 -0.62
CA MET A 69 -9.88 -1.17 -1.51
C MET A 69 -10.72 -2.20 -0.76
N ASP A 70 -10.11 -2.84 0.24
CA ASP A 70 -10.80 -3.85 1.03
C ASP A 70 -11.14 -3.31 2.42
N HIS A 71 -12.09 -3.95 3.09
CA HIS A 71 -12.50 -3.54 4.42
C HIS A 71 -12.97 -2.08 4.42
N THR A 72 -13.87 -1.76 3.51
CA THR A 72 -14.39 -0.40 3.40
C THR A 72 -15.43 -0.12 4.48
N GLU A 73 -15.33 1.05 5.09
CA GLU A 73 -16.26 1.44 6.14
C GLU A 73 -17.69 1.50 5.61
N LYS A 74 -18.52 0.56 6.05
CA LYS A 74 -19.91 0.51 5.61
C LYS A 74 -20.53 1.91 5.56
N ARG A 75 -21.13 2.24 4.44
CA ARG A 75 -21.75 3.55 4.25
C ARG A 75 -23.14 3.41 3.64
N GLY A 76 -23.94 4.46 3.77
CA GLY A 76 -25.29 4.44 3.23
C GLY A 76 -25.32 4.01 1.78
N ARG A 77 -25.72 2.77 1.54
CA ARG A 77 -25.79 2.23 0.19
C ARG A 77 -26.41 0.82 0.19
N ILE A 78 -27.07 0.48 -0.90
CA ILE A 78 -27.70 -0.83 -1.03
C ILE A 78 -27.28 -1.52 -2.33
N TYR A 79 -27.05 -2.83 -2.25
CA TYR A 79 -26.64 -3.60 -3.41
C TYR A 79 -27.85 -4.12 -4.18
N LEU A 80 -27.86 -3.89 -5.49
CA LEU A 80 -28.97 -4.32 -6.34
C LEU A 80 -28.79 -5.79 -6.75
N LYS A 81 -29.90 -6.51 -6.84
CA LYS A 81 -29.86 -7.92 -7.22
C LYS A 81 -30.33 -8.09 -8.67
N ALA A 82 -29.53 -8.79 -9.45
CA ALA A 82 -29.86 -9.04 -10.86
C ALA A 82 -31.27 -9.61 -10.99
N GLU A 83 -31.78 -9.61 -12.21
CA GLU A 83 -33.12 -10.14 -12.48
C GLU A 83 -33.14 -10.95 -13.77
N VAL A 84 -34.30 -11.51 -14.08
CA VAL A 84 -34.45 -12.32 -15.29
C VAL A 84 -34.90 -11.46 -16.47
N ALA A 85 -34.50 -11.87 -17.68
CA ALA A 85 -34.86 -11.14 -18.89
C ALA A 85 -35.65 -12.02 -19.85
ZN ZN B . -2.15 1.41 1.58
ZN ZN C . 7.54 -6.86 -4.34
N GLY A 1 20.88 34.09 3.57
CA GLY A 1 20.27 33.62 2.34
C GLY A 1 18.98 32.87 2.59
N SER A 2 18.53 32.12 1.58
CA SER A 2 17.29 31.36 1.70
C SER A 2 17.28 30.20 0.70
N SER A 3 16.69 29.09 1.11
CA SER A 3 16.61 27.91 0.26
C SER A 3 15.69 28.16 -0.94
N GLY A 4 14.44 28.48 -0.65
CA GLY A 4 13.48 28.75 -1.70
C GLY A 4 12.16 28.03 -1.48
N SER A 5 11.86 27.05 -2.32
CA SER A 5 10.62 26.30 -2.22
C SER A 5 10.89 24.86 -1.77
N SER A 6 11.83 24.21 -2.45
CA SER A 6 12.19 22.83 -2.13
C SER A 6 10.99 21.92 -2.31
N GLY A 7 10.25 22.13 -3.39
CA GLY A 7 9.09 21.30 -3.67
C GLY A 7 9.43 20.07 -4.48
N GLY A 8 8.55 19.70 -5.41
CA GLY A 8 8.79 18.53 -6.23
C GLY A 8 7.53 17.70 -6.43
N PRO A 9 7.21 16.87 -5.43
CA PRO A 9 6.03 16.00 -5.48
C PRO A 9 4.72 16.79 -5.36
N ASP A 10 3.65 16.23 -5.93
CA ASP A 10 2.35 16.88 -5.90
C ASP A 10 1.30 15.97 -5.27
N THR A 11 0.83 16.36 -4.08
CA THR A 11 -0.16 15.57 -3.37
C THR A 11 -1.53 16.25 -3.40
N ASP A 12 -2.30 16.00 -4.45
CA ASP A 12 -3.62 16.58 -4.60
C ASP A 12 -4.70 15.63 -4.12
N ASP A 13 -4.38 14.34 -4.13
CA ASP A 13 -5.33 13.31 -3.69
C ASP A 13 -4.65 12.31 -2.76
N PRO A 14 -4.27 12.77 -1.56
CA PRO A 14 -3.60 11.92 -0.57
C PRO A 14 -4.54 10.88 0.02
N ARG A 15 -5.83 11.01 -0.26
CA ARG A 15 -6.83 10.08 0.25
C ARG A 15 -6.56 8.67 -0.25
N SER A 16 -6.14 8.56 -1.51
CA SER A 16 -5.85 7.26 -2.12
C SER A 16 -4.37 6.94 -2.00
N LYS A 17 -3.55 7.97 -1.85
CA LYS A 17 -2.11 7.79 -1.72
C LYS A 17 -1.77 6.74 -0.66
N HIS A 18 -0.66 6.04 -0.86
CA HIS A 18 -0.25 5.00 0.08
C HIS A 18 0.68 5.58 1.15
N LYS A 19 0.41 5.24 2.40
CA LYS A 19 1.22 5.73 3.52
C LYS A 19 2.35 4.76 3.84
N PHE A 20 2.88 4.12 2.81
CA PHE A 20 3.96 3.15 2.98
C PHE A 20 5.10 3.76 3.80
N LYS A 21 5.38 3.18 4.95
CA LYS A 21 6.44 3.66 5.82
C LYS A 21 7.52 2.61 6.00
N ILE A 22 8.77 2.98 5.73
CA ILE A 22 9.90 2.07 5.86
C ILE A 22 10.04 1.57 7.29
N HIS A 23 9.75 0.29 7.50
CA HIS A 23 9.85 -0.31 8.81
C HIS A 23 10.34 -1.76 8.73
N THR A 24 10.85 -2.27 9.83
CA THR A 24 11.35 -3.64 9.88
C THR A 24 10.25 -4.63 10.23
N TYR A 25 10.46 -5.89 9.88
CA TYR A 25 9.47 -6.93 10.16
C TYR A 25 10.05 -8.01 11.07
N GLY A 26 9.35 -8.28 12.16
CA GLY A 26 9.80 -9.29 13.11
C GLY A 26 9.90 -10.67 12.48
N SER A 27 9.18 -10.86 11.39
CA SER A 27 9.18 -12.15 10.70
C SER A 27 9.26 -11.96 9.18
N PRO A 28 9.61 -13.04 8.47
CA PRO A 28 9.72 -13.01 7.00
C PRO A 28 8.36 -12.88 6.32
N THR A 29 8.05 -11.67 5.87
CA THR A 29 6.79 -11.41 5.19
C THR A 29 6.94 -11.47 3.68
N PHE A 30 5.88 -11.87 3.00
CA PHE A 30 5.90 -11.97 1.54
C PHE A 30 5.22 -10.77 0.90
N CYS A 31 5.90 -10.15 -0.05
CA CYS A 31 5.38 -8.98 -0.74
C CYS A 31 3.97 -9.26 -1.27
N ASP A 32 3.22 -8.20 -1.53
CA ASP A 32 1.86 -8.32 -2.04
C ASP A 32 1.81 -7.99 -3.53
N HIS A 33 2.66 -7.06 -3.95
CA HIS A 33 2.72 -6.66 -5.35
C HIS A 33 3.20 -7.80 -6.24
N CYS A 34 4.47 -8.19 -6.06
CA CYS A 34 5.06 -9.27 -6.83
C CYS A 34 4.80 -10.62 -6.17
N GLY A 35 5.01 -10.68 -4.86
CA GLY A 35 4.81 -11.92 -4.12
C GLY A 35 6.08 -12.71 -3.94
N SER A 36 7.09 -12.09 -3.33
CA SER A 36 8.37 -12.75 -3.10
C SER A 36 8.86 -12.49 -1.68
N LEU A 37 9.34 -13.54 -1.03
CA LEU A 37 9.84 -13.44 0.33
C LEU A 37 10.69 -12.19 0.51
N LEU A 38 10.36 -11.38 1.51
CA LEU A 38 11.08 -10.15 1.79
C LEU A 38 12.38 -10.45 2.54
N TYR A 39 13.51 -10.23 1.88
CA TYR A 39 14.81 -10.46 2.49
C TYR A 39 15.37 -9.19 3.12
N GLY A 40 16.49 -9.31 3.81
CA GLY A 40 17.11 -8.17 4.44
C GLY A 40 16.85 -8.12 5.94
N LEU A 41 17.76 -7.49 6.67
CA LEU A 41 17.63 -7.38 8.12
C LEU A 41 16.83 -6.14 8.50
N ILE A 42 17.22 -4.99 7.94
CA ILE A 42 16.54 -3.73 8.22
C ILE A 42 15.93 -3.16 6.95
N HIS A 43 14.87 -2.38 7.11
CA HIS A 43 14.19 -1.74 5.97
C HIS A 43 13.95 -2.76 4.86
N GLN A 44 13.49 -3.95 5.24
CA GLN A 44 13.22 -5.00 4.27
C GLN A 44 12.15 -4.56 3.27
N GLY A 45 11.00 -4.17 3.79
CA GLY A 45 9.91 -3.73 2.92
C GLY A 45 9.21 -2.50 3.46
N MET A 46 8.01 -2.23 2.95
CA MET A 46 7.24 -1.07 3.38
C MET A 46 5.79 -1.47 3.68
N LYS A 47 5.21 -0.82 4.69
CA LYS A 47 3.83 -1.11 5.08
C LYS A 47 3.00 0.17 5.08
N CYS A 48 1.77 0.06 4.61
CA CYS A 48 0.86 1.21 4.56
C CYS A 48 0.29 1.51 5.95
N ASP A 49 -0.31 2.69 6.09
CA ASP A 49 -0.88 3.10 7.36
C ASP A 49 -2.41 2.95 7.33
N THR A 50 -2.93 2.48 6.20
CA THR A 50 -4.36 2.28 6.06
C THR A 50 -4.69 0.87 5.58
N CYS A 51 -3.83 0.34 4.70
CA CYS A 51 -4.02 -1.00 4.16
C CYS A 51 -2.90 -1.93 4.61
N ASP A 52 -1.96 -1.38 5.37
CA ASP A 52 -0.82 -2.16 5.87
C ASP A 52 -0.44 -3.26 4.88
N MET A 53 -0.18 -2.86 3.64
CA MET A 53 0.20 -3.82 2.60
C MET A 53 1.72 -3.99 2.55
N ASN A 54 2.17 -5.24 2.64
CA ASN A 54 3.60 -5.54 2.60
C ASN A 54 4.11 -5.55 1.17
N VAL A 55 5.00 -4.61 0.87
CA VAL A 55 5.58 -4.52 -0.47
C VAL A 55 7.04 -4.08 -0.41
N HIS A 56 7.80 -4.45 -1.43
CA HIS A 56 9.22 -4.10 -1.49
C HIS A 56 9.40 -2.60 -1.68
N LYS A 57 10.56 -2.09 -1.30
CA LYS A 57 10.87 -0.67 -1.42
C LYS A 57 10.79 -0.22 -2.88
N GLN A 58 11.13 -1.12 -3.79
CA GLN A 58 11.10 -0.83 -5.22
C GLN A 58 9.75 -1.22 -5.83
N CYS A 59 8.93 -1.92 -5.05
CA CYS A 59 7.62 -2.35 -5.51
C CYS A 59 6.58 -1.26 -5.29
N VAL A 60 6.87 -0.35 -4.38
CA VAL A 60 5.96 0.75 -4.07
C VAL A 60 5.81 1.70 -5.26
N ILE A 61 6.88 1.81 -6.04
CA ILE A 61 6.88 2.68 -7.23
C ILE A 61 5.93 2.14 -8.29
N ASN A 62 5.65 0.84 -8.23
CA ASN A 62 4.76 0.21 -9.20
C ASN A 62 3.32 0.17 -8.68
N VAL A 63 3.18 0.04 -7.36
CA VAL A 63 1.87 -0.01 -6.74
C VAL A 63 1.11 1.29 -6.95
N PRO A 64 -0.15 1.18 -7.38
CA PRO A 64 -1.01 2.34 -7.63
C PRO A 64 -1.41 3.06 -6.35
N SER A 65 -1.64 4.37 -6.45
CA SER A 65 -2.03 5.17 -5.30
C SER A 65 -3.53 5.10 -5.07
N LEU A 66 -4.17 4.06 -5.59
CA LEU A 66 -5.60 3.88 -5.44
C LEU A 66 -5.93 3.13 -4.16
N CYS A 67 -5.07 3.26 -3.16
CA CYS A 67 -5.25 2.59 -1.88
C CYS A 67 -6.72 2.65 -1.45
N GLY A 68 -7.09 1.78 -0.53
CA GLY A 68 -8.46 1.74 -0.05
C GLY A 68 -9.28 0.65 -0.71
N MET A 69 -8.67 -0.52 -0.87
CA MET A 69 -9.35 -1.65 -1.50
C MET A 69 -9.51 -2.81 -0.51
N ASP A 70 -9.81 -2.47 0.74
CA ASP A 70 -10.00 -3.47 1.78
C ASP A 70 -11.41 -4.04 1.75
N HIS A 71 -11.60 -5.05 0.89
CA HIS A 71 -12.91 -5.68 0.75
C HIS A 71 -12.77 -7.21 0.68
N THR A 72 -13.12 -7.87 1.78
CA THR A 72 -13.03 -9.32 1.85
C THR A 72 -14.37 -9.94 2.24
N GLU A 73 -14.83 -10.90 1.43
CA GLU A 73 -16.11 -11.56 1.70
C GLU A 73 -15.89 -12.89 2.43
N LYS A 74 -15.06 -12.84 3.48
CA LYS A 74 -14.77 -14.03 4.27
C LYS A 74 -15.57 -14.03 5.56
N ARG A 75 -16.85 -13.74 5.46
CA ARG A 75 -17.73 -13.69 6.64
C ARG A 75 -18.90 -14.66 6.46
N GLY A 76 -18.61 -15.95 6.51
CA GLY A 76 -19.66 -16.95 6.36
C GLY A 76 -19.39 -17.91 5.22
N ARG A 77 -19.33 -19.20 5.53
CA ARG A 77 -19.08 -20.22 4.53
C ARG A 77 -19.53 -21.60 5.02
N ILE A 78 -20.08 -22.39 4.11
CA ILE A 78 -20.56 -23.72 4.44
C ILE A 78 -20.08 -24.74 3.42
N TYR A 79 -19.62 -25.89 3.91
CA TYR A 79 -19.14 -26.95 3.03
C TYR A 79 -19.57 -28.32 3.55
N LEU A 80 -19.69 -29.27 2.63
CA LEU A 80 -20.10 -30.63 2.99
C LEU A 80 -18.89 -31.55 3.11
N LYS A 81 -19.03 -32.58 3.96
CA LYS A 81 -17.95 -33.53 4.18
C LYS A 81 -18.39 -34.94 3.82
N ALA A 82 -19.19 -35.55 4.68
CA ALA A 82 -19.69 -36.90 4.46
C ALA A 82 -19.93 -37.15 2.97
N GLU A 83 -19.03 -37.91 2.35
CA GLU A 83 -19.14 -38.22 0.93
C GLU A 83 -18.91 -39.71 0.69
N VAL A 84 -19.52 -40.54 1.53
CA VAL A 84 -19.39 -41.99 1.41
C VAL A 84 -20.74 -42.64 1.13
N ALA A 85 -21.81 -41.90 1.38
CA ALA A 85 -23.17 -42.40 1.15
C ALA A 85 -23.36 -42.83 -0.30
ZN ZN B . -2.33 1.65 1.16
ZN ZN C . 7.42 -7.04 -4.52
N GLY A 1 -18.50 41.85 0.58
CA GLY A 1 -18.20 40.50 0.16
C GLY A 1 -18.98 39.46 0.93
N SER A 2 -20.00 38.90 0.28
CA SER A 2 -20.83 37.89 0.91
C SER A 2 -20.13 36.53 0.93
N SER A 3 -19.73 36.06 -0.25
CA SER A 3 -19.06 34.77 -0.36
C SER A 3 -18.11 34.77 -1.57
N GLY A 4 -17.23 33.78 -1.61
CA GLY A 4 -16.29 33.68 -2.71
C GLY A 4 -16.60 32.51 -3.63
N SER A 5 -15.57 31.92 -4.20
CA SER A 5 -15.73 30.80 -5.13
C SER A 5 -14.72 29.69 -4.82
N SER A 6 -14.94 28.53 -5.42
CA SER A 6 -14.05 27.39 -5.22
C SER A 6 -13.76 26.68 -6.54
N GLY A 7 -12.56 26.12 -6.65
CA GLY A 7 -12.17 25.43 -7.87
C GLY A 7 -11.37 24.17 -7.59
N GLY A 8 -10.65 23.70 -8.60
CA GLY A 8 -9.84 22.50 -8.44
C GLY A 8 -8.67 22.46 -9.39
N PRO A 9 -7.52 21.95 -8.89
CA PRO A 9 -6.30 21.85 -9.68
C PRO A 9 -6.40 20.80 -10.79
N ASP A 10 -6.91 19.62 -10.44
CA ASP A 10 -7.07 18.54 -11.40
C ASP A 10 -7.94 17.43 -10.83
N THR A 11 -8.24 16.43 -11.66
CA THR A 11 -9.07 15.31 -11.25
C THR A 11 -8.22 14.08 -10.94
N ASP A 12 -8.03 13.80 -9.66
CA ASP A 12 -7.24 12.65 -9.23
C ASP A 12 -7.79 12.06 -7.94
N ASP A 13 -7.22 10.92 -7.53
CA ASP A 13 -7.66 10.26 -6.30
C ASP A 13 -6.56 10.31 -5.25
N PRO A 14 -6.22 11.52 -4.79
CA PRO A 14 -5.17 11.73 -3.78
C PRO A 14 -5.59 11.23 -2.41
N ARG A 15 -6.87 10.84 -2.29
CA ARG A 15 -7.40 10.34 -1.02
C ARG A 15 -7.09 8.86 -0.85
N SER A 16 -7.12 8.12 -1.95
CA SER A 16 -6.84 6.69 -1.91
C SER A 16 -5.35 6.42 -2.04
N LYS A 17 -4.54 7.40 -1.67
CA LYS A 17 -3.09 7.28 -1.75
C LYS A 17 -2.57 6.30 -0.71
N HIS A 18 -1.37 5.79 -0.92
CA HIS A 18 -0.76 4.84 0.01
C HIS A 18 0.17 5.55 0.98
N LYS A 19 0.18 5.10 2.23
CA LYS A 19 1.01 5.70 3.26
C LYS A 19 2.17 4.76 3.63
N PHE A 20 2.76 4.13 2.62
CA PHE A 20 3.87 3.21 2.83
C PHE A 20 5.01 3.91 3.58
N LYS A 21 5.61 3.19 4.51
CA LYS A 21 6.72 3.74 5.30
C LYS A 21 7.78 2.67 5.56
N ILE A 22 9.03 3.03 5.35
CA ILE A 22 10.14 2.10 5.58
C ILE A 22 10.25 1.71 7.05
N HIS A 23 10.00 0.44 7.34
CA HIS A 23 10.07 -0.06 8.71
C HIS A 23 10.65 -1.48 8.74
N THR A 24 11.11 -1.89 9.91
CA THR A 24 11.69 -3.22 10.08
C THR A 24 10.63 -4.23 10.49
N TYR A 25 10.68 -5.42 9.91
CA TYR A 25 9.73 -6.48 10.22
C TYR A 25 10.38 -7.58 11.05
N GLY A 26 9.57 -8.25 11.86
CA GLY A 26 10.09 -9.32 12.70
C GLY A 26 9.51 -10.67 12.33
N SER A 27 9.32 -10.90 11.03
CA SER A 27 8.76 -12.16 10.56
C SER A 27 8.81 -12.23 9.03
N PRO A 28 8.88 -13.46 8.50
CA PRO A 28 8.94 -13.69 7.05
C PRO A 28 7.63 -13.36 6.36
N THR A 29 7.65 -12.31 5.54
CA THR A 29 6.45 -11.88 4.81
C THR A 29 6.70 -11.91 3.31
N PHE A 30 5.63 -12.13 2.55
CA PHE A 30 5.71 -12.18 1.10
C PHE A 30 5.02 -10.98 0.46
N CYS A 31 5.76 -10.21 -0.32
CA CYS A 31 5.22 -9.04 -0.99
C CYS A 31 3.82 -9.32 -1.53
N ASP A 32 3.04 -8.26 -1.69
CA ASP A 32 1.67 -8.39 -2.21
C ASP A 32 1.61 -8.00 -3.67
N HIS A 33 2.51 -7.13 -4.11
CA HIS A 33 2.56 -6.69 -5.49
C HIS A 33 3.16 -7.76 -6.39
N CYS A 34 4.42 -8.09 -6.15
CA CYS A 34 5.12 -9.10 -6.93
C CYS A 34 4.91 -10.49 -6.34
N GLY A 35 5.00 -10.59 -5.02
CA GLY A 35 4.81 -11.86 -4.35
C GLY A 35 6.11 -12.61 -4.15
N SER A 36 7.02 -12.03 -3.37
CA SER A 36 8.31 -12.65 -3.10
C SER A 36 8.75 -12.40 -1.66
N LEU A 37 9.23 -13.44 -1.00
CA LEU A 37 9.68 -13.32 0.38
C LEU A 37 10.59 -12.11 0.56
N LEU A 38 10.23 -11.25 1.50
CA LEU A 38 11.01 -10.05 1.78
C LEU A 38 12.14 -10.34 2.76
N TYR A 39 13.37 -10.29 2.27
CA TYR A 39 14.53 -10.55 3.10
C TYR A 39 15.12 -9.25 3.65
N GLY A 40 16.09 -9.37 4.54
CA GLY A 40 16.73 -8.20 5.13
C GLY A 40 16.51 -8.12 6.62
N LEU A 41 17.49 -7.56 7.32
CA LEU A 41 17.41 -7.42 8.78
C LEU A 41 16.72 -6.12 9.16
N ILE A 42 17.17 -5.01 8.57
CA ILE A 42 16.59 -3.70 8.85
C ILE A 42 16.14 -3.02 7.57
N HIS A 43 14.98 -2.37 7.63
CA HIS A 43 14.44 -1.67 6.47
C HIS A 43 14.26 -2.62 5.29
N GLN A 44 13.69 -3.79 5.57
CA GLN A 44 13.46 -4.79 4.52
C GLN A 44 12.54 -4.25 3.44
N GLY A 45 11.31 -3.91 3.83
CA GLY A 45 10.34 -3.38 2.88
C GLY A 45 9.55 -2.23 3.45
N MET A 46 8.40 -1.94 2.82
CA MET A 46 7.55 -0.86 3.28
C MET A 46 6.17 -1.38 3.67
N LYS A 47 5.58 -0.79 4.71
CA LYS A 47 4.27 -1.19 5.19
C LYS A 47 3.33 0.01 5.29
N CYS A 48 2.13 -0.15 4.76
CA CYS A 48 1.14 0.93 4.80
C CYS A 48 0.58 1.11 6.21
N ASP A 49 -0.07 2.24 6.44
CA ASP A 49 -0.67 2.53 7.75
C ASP A 49 -2.18 2.38 7.70
N THR A 50 -2.73 2.26 6.50
CA THR A 50 -4.17 2.11 6.32
C THR A 50 -4.52 0.73 5.79
N CYS A 51 -3.62 0.15 5.00
CA CYS A 51 -3.83 -1.17 4.43
C CYS A 51 -2.73 -2.14 4.87
N ASP A 52 -1.77 -1.62 5.63
CA ASP A 52 -0.66 -2.44 6.12
C ASP A 52 -0.28 -3.50 5.09
N MET A 53 -0.01 -3.06 3.88
CA MET A 53 0.37 -3.97 2.80
C MET A 53 1.89 -4.00 2.64
N ASN A 54 2.48 -5.18 2.87
CA ASN A 54 3.92 -5.34 2.75
C ASN A 54 4.35 -5.37 1.28
N VAL A 55 5.40 -4.64 0.96
CA VAL A 55 5.91 -4.57 -0.41
C VAL A 55 7.36 -4.09 -0.44
N HIS A 56 8.02 -4.33 -1.55
CA HIS A 56 9.42 -3.92 -1.71
C HIS A 56 9.52 -2.41 -1.92
N LYS A 57 10.65 -1.85 -1.55
CA LYS A 57 10.88 -0.41 -1.71
C LYS A 57 10.75 0.01 -3.16
N GLN A 58 11.07 -0.92 -4.07
CA GLN A 58 11.00 -0.64 -5.50
C GLN A 58 9.63 -1.04 -6.05
N CYS A 59 8.83 -1.70 -5.23
CA CYS A 59 7.50 -2.13 -5.63
C CYS A 59 6.47 -1.04 -5.40
N VAL A 60 6.63 -0.30 -4.30
CA VAL A 60 5.71 0.79 -3.98
C VAL A 60 5.53 1.72 -5.15
N ILE A 61 6.52 1.77 -6.04
CA ILE A 61 6.47 2.62 -7.22
C ILE A 61 5.50 2.07 -8.26
N ASN A 62 5.35 0.75 -8.28
CA ASN A 62 4.46 0.10 -9.22
C ASN A 62 3.01 0.14 -8.73
N VAL A 63 2.83 -0.02 -7.43
CA VAL A 63 1.51 0.00 -6.82
C VAL A 63 0.71 1.22 -7.29
N PRO A 64 -0.57 1.01 -7.60
CA PRO A 64 -1.47 2.06 -8.06
C PRO A 64 -1.80 3.06 -6.95
N SER A 65 -1.85 4.34 -7.30
CA SER A 65 -2.16 5.39 -6.34
C SER A 65 -3.26 4.94 -5.38
N LEU A 66 -4.19 4.13 -5.89
CA LEU A 66 -5.29 3.63 -5.07
C LEU A 66 -4.77 2.83 -3.89
N CYS A 67 -5.60 2.70 -2.85
CA CYS A 67 -5.22 1.95 -1.66
C CYS A 67 -6.46 1.45 -0.92
N GLY A 68 -6.26 0.47 -0.05
CA GLY A 68 -7.37 -0.09 0.71
C GLY A 68 -8.41 -0.74 -0.17
N MET A 69 -7.96 -1.65 -1.03
CA MET A 69 -8.86 -2.35 -1.95
C MET A 69 -9.35 -3.65 -1.32
N ASP A 70 -9.43 -3.67 0.00
CA ASP A 70 -9.89 -4.87 0.72
C ASP A 70 -11.36 -4.73 1.10
N HIS A 71 -11.71 -3.64 1.76
CA HIS A 71 -13.08 -3.40 2.18
C HIS A 71 -13.96 -3.01 0.98
N THR A 72 -14.61 -4.01 0.39
CA THR A 72 -15.47 -3.77 -0.76
C THR A 72 -16.77 -4.58 -0.65
N GLU A 73 -17.87 -3.95 -1.04
CA GLU A 73 -19.18 -4.60 -0.98
C GLU A 73 -20.23 -3.77 -1.68
N LYS A 74 -21.32 -4.42 -2.10
CA LYS A 74 -22.41 -3.73 -2.78
C LYS A 74 -21.89 -2.91 -3.95
N ARG A 75 -21.14 -3.56 -4.84
CA ARG A 75 -20.58 -2.89 -6.00
C ARG A 75 -21.68 -2.25 -6.85
N GLY A 76 -22.66 -3.05 -7.25
CA GLY A 76 -23.75 -2.54 -8.05
C GLY A 76 -23.36 -2.37 -9.51
N ARG A 77 -24.35 -2.46 -10.40
CA ARG A 77 -24.10 -2.32 -11.82
C ARG A 77 -25.34 -1.77 -12.54
N ILE A 78 -25.11 -0.90 -13.52
CA ILE A 78 -26.21 -0.31 -14.27
C ILE A 78 -26.41 -1.01 -15.60
N TYR A 79 -27.67 -1.22 -15.98
CA TYR A 79 -28.00 -1.88 -17.23
C TYR A 79 -27.96 -0.90 -18.40
N LEU A 80 -28.21 -1.40 -19.60
CA LEU A 80 -28.20 -0.57 -20.80
C LEU A 80 -29.50 -0.75 -21.59
N LYS A 81 -30.06 0.36 -22.05
CA LYS A 81 -31.29 0.33 -22.83
C LYS A 81 -31.10 1.01 -24.18
N ALA A 82 -32.04 0.78 -25.09
CA ALA A 82 -31.98 1.37 -26.42
C ALA A 82 -33.31 2.03 -26.79
N GLU A 83 -33.32 2.74 -27.91
CA GLU A 83 -34.52 3.42 -28.38
C GLU A 83 -34.99 2.84 -29.71
N VAL A 84 -36.28 3.02 -30.00
CA VAL A 84 -36.85 2.52 -31.25
C VAL A 84 -37.85 3.51 -31.83
N ALA A 85 -37.76 3.73 -33.14
CA ALA A 85 -38.66 4.66 -33.82
C ALA A 85 -39.50 3.93 -34.87
ZN ZN B . -2.14 1.31 1.47
ZN ZN C . 7.42 -6.78 -4.49
N GLY A 1 -10.35 47.13 -9.62
CA GLY A 1 -11.59 46.37 -9.68
C GLY A 1 -12.05 45.92 -8.30
N SER A 2 -13.36 45.90 -8.10
CA SER A 2 -13.93 45.48 -6.83
C SER A 2 -14.68 44.16 -6.97
N SER A 3 -14.09 43.22 -7.71
CA SER A 3 -14.69 41.92 -7.92
C SER A 3 -13.63 40.85 -8.16
N GLY A 4 -14.03 39.59 -8.01
CA GLY A 4 -13.09 38.49 -8.21
C GLY A 4 -13.73 37.14 -7.93
N SER A 5 -13.03 36.08 -8.31
CA SER A 5 -13.52 34.72 -8.11
C SER A 5 -12.38 33.77 -7.76
N SER A 6 -12.73 32.57 -7.33
CA SER A 6 -11.74 31.56 -6.96
C SER A 6 -11.97 30.26 -7.72
N GLY A 7 -11.08 29.29 -7.52
CA GLY A 7 -11.20 28.01 -8.19
C GLY A 7 -9.91 27.22 -8.17
N GLY A 8 -10.00 25.98 -7.70
CA GLY A 8 -8.82 25.13 -7.63
C GLY A 8 -9.16 23.67 -7.46
N PRO A 9 -9.72 23.06 -8.52
CA PRO A 9 -10.12 21.64 -8.50
C PRO A 9 -8.91 20.71 -8.48
N ASP A 10 -8.94 19.73 -7.58
CA ASP A 10 -7.86 18.77 -7.46
C ASP A 10 -8.21 17.46 -8.14
N THR A 11 -7.26 16.89 -8.88
CA THR A 11 -7.48 15.64 -9.58
C THR A 11 -6.89 14.47 -8.80
N ASP A 12 -5.76 14.70 -8.16
CA ASP A 12 -5.10 13.65 -7.37
C ASP A 12 -5.45 13.79 -5.89
N ASP A 13 -6.26 12.86 -5.40
CA ASP A 13 -6.67 12.87 -3.99
C ASP A 13 -5.65 12.15 -3.12
N PRO A 14 -5.27 12.79 -2.00
CA PRO A 14 -4.30 12.22 -1.05
C PRO A 14 -4.85 11.01 -0.30
N ARG A 15 -6.18 10.85 -0.34
CA ARG A 15 -6.82 9.74 0.35
C ARG A 15 -6.41 8.40 -0.29
N SER A 16 -6.30 8.39 -1.61
CA SER A 16 -5.92 7.18 -2.33
C SER A 16 -4.43 6.89 -2.14
N LYS A 17 -3.61 7.93 -2.24
CA LYS A 17 -2.17 7.79 -2.09
C LYS A 17 -1.84 6.77 -1.00
N HIS A 18 -0.79 5.98 -1.21
CA HIS A 18 -0.37 4.98 -0.25
C HIS A 18 0.52 5.59 0.82
N LYS A 19 0.34 5.16 2.06
CA LYS A 19 1.13 5.67 3.18
C LYS A 19 2.26 4.71 3.52
N PHE A 20 2.84 4.09 2.50
CA PHE A 20 3.93 3.14 2.70
C PHE A 20 5.07 3.79 3.49
N LYS A 21 5.41 3.18 4.62
CA LYS A 21 6.48 3.68 5.47
C LYS A 21 7.50 2.58 5.79
N ILE A 22 8.75 2.82 5.41
CA ILE A 22 9.81 1.84 5.66
C ILE A 22 9.94 1.54 7.15
N HIS A 23 9.81 0.27 7.51
CA HIS A 23 9.91 -0.15 8.90
C HIS A 23 10.61 -1.50 9.01
N THR A 24 11.07 -1.82 10.22
CA THR A 24 11.76 -3.08 10.45
C THR A 24 10.78 -4.20 10.77
N TYR A 25 10.95 -5.33 10.10
CA TYR A 25 10.07 -6.48 10.32
C TYR A 25 10.78 -7.59 11.08
N GLY A 26 10.01 -8.37 11.84
CA GLY A 26 10.60 -9.45 12.61
C GLY A 26 10.04 -10.80 12.21
N SER A 27 9.24 -10.83 11.15
CA SER A 27 8.64 -12.07 10.67
C SER A 27 8.78 -12.19 9.16
N PRO A 28 8.62 -13.42 8.64
CA PRO A 28 8.72 -13.69 7.21
C PRO A 28 7.55 -13.12 6.42
N THR A 29 7.76 -11.96 5.83
CA THR A 29 6.71 -11.30 5.04
C THR A 29 6.92 -11.53 3.55
N PHE A 30 5.86 -11.35 2.78
CA PHE A 30 5.92 -11.54 1.33
C PHE A 30 5.26 -10.37 0.61
N CYS A 31 5.91 -9.90 -0.45
CA CYS A 31 5.39 -8.79 -1.23
C CYS A 31 3.99 -9.10 -1.75
N ASP A 32 3.06 -8.18 -1.50
CA ASP A 32 1.68 -8.35 -1.94
C ASP A 32 1.55 -8.14 -3.44
N HIS A 33 2.54 -7.45 -4.02
CA HIS A 33 2.54 -7.17 -5.44
C HIS A 33 3.06 -8.38 -6.23
N CYS A 34 4.35 -8.69 -6.05
CA CYS A 34 4.97 -9.81 -6.73
C CYS A 34 4.55 -11.13 -6.09
N GLY A 35 4.85 -11.29 -4.81
CA GLY A 35 4.50 -12.51 -4.12
C GLY A 35 5.72 -13.25 -3.59
N SER A 36 6.82 -12.52 -3.41
CA SER A 36 8.06 -13.11 -2.93
C SER A 36 8.41 -12.57 -1.54
N LEU A 37 9.05 -13.42 -0.74
CA LEU A 37 9.44 -13.03 0.62
C LEU A 37 10.33 -11.79 0.60
N LEU A 38 10.28 -11.01 1.68
CA LEU A 38 11.09 -9.81 1.78
C LEU A 38 12.33 -10.05 2.63
N TYR A 39 13.46 -10.28 1.96
CA TYR A 39 14.73 -10.53 2.64
C TYR A 39 15.23 -9.26 3.34
N GLY A 40 16.43 -9.34 3.89
CA GLY A 40 17.01 -8.20 4.58
C GLY A 40 16.81 -8.27 6.09
N LEU A 41 17.69 -7.60 6.82
CA LEU A 41 17.62 -7.59 8.27
C LEU A 41 16.86 -6.35 8.77
N ILE A 42 17.22 -5.19 8.23
CA ILE A 42 16.57 -3.94 8.62
C ILE A 42 16.04 -3.20 7.40
N HIS A 43 14.82 -2.68 7.51
CA HIS A 43 14.21 -1.94 6.41
C HIS A 43 14.03 -2.83 5.18
N GLN A 44 13.41 -3.99 5.39
CA GLN A 44 13.18 -4.93 4.29
C GLN A 44 12.23 -4.34 3.26
N GLY A 45 10.98 -4.12 3.66
CA GLY A 45 10.00 -3.56 2.74
C GLY A 45 9.22 -2.42 3.37
N MET A 46 8.22 -1.93 2.64
CA MET A 46 7.40 -0.83 3.13
C MET A 46 6.02 -1.33 3.56
N LYS A 47 5.54 -0.80 4.69
CA LYS A 47 4.23 -1.20 5.21
C LYS A 47 3.30 -0.01 5.29
N CYS A 48 2.14 -0.12 4.64
CA CYS A 48 1.15 0.95 4.63
C CYS A 48 0.52 1.11 6.00
N ASP A 49 -0.12 2.25 6.22
CA ASP A 49 -0.76 2.54 7.50
C ASP A 49 -2.28 2.45 7.37
N THR A 50 -2.76 2.33 6.13
CA THR A 50 -4.19 2.23 5.88
C THR A 50 -4.56 0.84 5.36
N CYS A 51 -3.76 0.31 4.46
CA CYS A 51 -4.00 -1.01 3.90
C CYS A 51 -2.97 -2.02 4.40
N ASP A 52 -2.07 -1.56 5.27
CA ASP A 52 -1.04 -2.42 5.83
C ASP A 52 -0.58 -3.45 4.81
N MET A 53 -0.19 -2.96 3.63
CA MET A 53 0.28 -3.85 2.57
C MET A 53 1.80 -3.86 2.49
N ASN A 54 2.39 -5.04 2.61
CA ASN A 54 3.84 -5.18 2.56
C ASN A 54 4.32 -5.34 1.12
N VAL A 55 5.30 -4.52 0.74
CA VAL A 55 5.85 -4.58 -0.62
C VAL A 55 7.32 -4.16 -0.63
N HIS A 56 7.96 -4.31 -1.78
CA HIS A 56 9.37 -3.94 -1.93
C HIS A 56 9.52 -2.43 -2.06
N LYS A 57 10.64 -1.91 -1.56
CA LYS A 57 10.90 -0.48 -1.61
C LYS A 57 10.78 0.04 -3.04
N GLN A 58 11.16 -0.79 -4.00
CA GLN A 58 11.09 -0.41 -5.41
C GLN A 58 9.71 -0.73 -5.99
N CYS A 59 8.89 -1.42 -5.20
CA CYS A 59 7.56 -1.80 -5.64
C CYS A 59 6.54 -0.71 -5.28
N VAL A 60 6.71 -0.12 -4.10
CA VAL A 60 5.81 0.93 -3.64
C VAL A 60 5.61 1.99 -4.72
N ILE A 61 6.65 2.24 -5.51
CA ILE A 61 6.58 3.22 -6.58
C ILE A 61 5.78 2.69 -7.76
N ASN A 62 5.73 1.37 -7.89
CA ASN A 62 4.99 0.73 -8.98
C ASN A 62 3.53 0.50 -8.58
N VAL A 63 3.31 0.25 -7.30
CA VAL A 63 1.97 0.01 -6.79
C VAL A 63 1.06 1.20 -7.05
N PRO A 64 -0.15 0.92 -7.56
CA PRO A 64 -1.15 1.96 -7.87
C PRO A 64 -1.71 2.62 -6.61
N SER A 65 -1.66 3.94 -6.57
CA SER A 65 -2.17 4.69 -5.43
C SER A 65 -3.43 4.04 -4.87
N LEU A 66 -4.18 3.37 -5.74
CA LEU A 66 -5.41 2.70 -5.34
C LEU A 66 -5.26 2.06 -3.96
N CYS A 67 -5.69 2.78 -2.94
CA CYS A 67 -5.61 2.28 -1.57
C CYS A 67 -6.90 2.55 -0.81
N GLY A 68 -7.20 1.69 0.16
CA GLY A 68 -8.41 1.85 0.95
C GLY A 68 -9.63 1.25 0.27
N MET A 69 -9.60 -0.06 0.06
CA MET A 69 -10.71 -0.75 -0.59
C MET A 69 -10.66 -2.25 -0.31
N ASP A 70 -11.72 -2.95 -0.67
CA ASP A 70 -11.80 -4.39 -0.46
C ASP A 70 -10.60 -5.09 -1.09
N HIS A 71 -10.29 -6.28 -0.58
CA HIS A 71 -9.15 -7.06 -1.09
C HIS A 71 -9.63 -8.11 -2.09
N THR A 72 -8.74 -8.48 -3.01
CA THR A 72 -9.07 -9.47 -4.03
C THR A 72 -8.11 -10.65 -3.97
N GLU A 73 -8.61 -11.84 -4.32
CA GLU A 73 -7.80 -13.05 -4.30
C GLU A 73 -8.57 -14.22 -4.90
N LYS A 74 -8.05 -14.75 -6.02
CA LYS A 74 -8.68 -15.87 -6.69
C LYS A 74 -7.68 -17.01 -6.90
N ARG A 75 -6.46 -16.65 -7.29
CA ARG A 75 -5.41 -17.64 -7.53
C ARG A 75 -5.23 -18.54 -6.31
N GLY A 76 -5.52 -19.83 -6.48
CA GLY A 76 -5.39 -20.78 -5.39
C GLY A 76 -5.52 -22.21 -5.85
N ARG A 77 -4.53 -22.68 -6.61
CA ARG A 77 -4.54 -24.05 -7.12
C ARG A 77 -3.12 -24.53 -7.38
N ILE A 78 -2.93 -25.86 -7.32
CA ILE A 78 -1.63 -26.45 -7.55
C ILE A 78 -1.68 -27.51 -8.65
N TYR A 79 -0.75 -27.42 -9.60
CA TYR A 79 -0.71 -28.38 -10.70
C TYR A 79 0.66 -29.04 -10.79
N LEU A 80 0.68 -30.36 -10.69
CA LEU A 80 1.93 -31.12 -10.76
C LEU A 80 1.74 -32.42 -11.54
N LYS A 81 2.32 -32.49 -12.72
CA LYS A 81 2.23 -33.68 -13.56
C LYS A 81 3.51 -34.48 -13.53
N ALA A 82 4.37 -34.18 -12.55
CA ALA A 82 5.64 -34.88 -12.41
C ALA A 82 5.53 -36.02 -11.40
N GLU A 83 6.14 -37.16 -11.73
CA GLU A 83 6.10 -38.32 -10.85
C GLU A 83 7.09 -39.38 -11.32
N VAL A 84 8.11 -39.63 -10.50
CA VAL A 84 9.12 -40.63 -10.82
C VAL A 84 10.09 -40.82 -9.67
N ALA A 85 10.65 -42.03 -9.55
CA ALA A 85 11.59 -42.34 -8.49
C ALA A 85 12.38 -43.60 -8.82
ZN ZN B . -2.01 1.51 1.23
ZN ZN C . 7.39 -6.64 -5.16
N GLY A 1 1.85 47.66 10.17
CA GLY A 1 1.97 47.19 8.81
C GLY A 1 0.84 46.25 8.42
N SER A 2 1.07 45.44 7.39
CA SER A 2 0.06 44.51 6.90
C SER A 2 0.70 43.42 6.03
N SER A 3 0.40 42.17 6.36
CA SER A 3 0.94 41.04 5.61
C SER A 3 -0.18 40.12 5.12
N GLY A 4 0.16 39.23 4.19
CA GLY A 4 -0.82 38.32 3.66
C GLY A 4 -0.29 36.90 3.53
N SER A 5 -0.02 36.27 4.67
CA SER A 5 0.50 34.91 4.68
C SER A 5 -0.59 33.91 4.32
N SER A 6 -0.81 33.73 3.02
CA SER A 6 -1.83 32.80 2.54
C SER A 6 -1.19 31.53 1.99
N GLY A 7 -0.37 31.69 0.96
CA GLY A 7 0.28 30.55 0.35
C GLY A 7 -0.65 29.74 -0.52
N GLY A 8 -0.13 28.64 -1.08
CA GLY A 8 -0.94 27.79 -1.93
C GLY A 8 -0.72 26.32 -1.65
N PRO A 9 -1.63 25.72 -0.85
CA PRO A 9 -1.55 24.31 -0.48
C PRO A 9 -1.86 23.39 -1.66
N ASP A 10 -0.82 23.00 -2.39
CA ASP A 10 -0.98 22.12 -3.54
C ASP A 10 -1.47 20.74 -3.10
N THR A 11 -2.39 20.18 -3.88
CA THR A 11 -2.95 18.87 -3.57
C THR A 11 -2.64 17.87 -4.68
N ASP A 12 -2.08 16.73 -4.31
CA ASP A 12 -1.75 15.69 -5.28
C ASP A 12 -2.46 14.39 -4.96
N ASP A 13 -3.72 14.49 -4.54
CA ASP A 13 -4.51 13.31 -4.19
C ASP A 13 -3.81 12.49 -3.10
N PRO A 14 -3.41 13.18 -2.02
CA PRO A 14 -2.72 12.54 -0.89
C PRO A 14 -3.66 11.64 -0.09
N ARG A 15 -4.96 11.80 -0.30
CA ARG A 15 -5.95 11.00 0.40
C ARG A 15 -5.92 9.55 -0.07
N SER A 16 -5.75 9.36 -1.38
CA SER A 16 -5.70 8.02 -1.95
C SER A 16 -4.30 7.44 -1.86
N LYS A 17 -3.30 8.32 -1.87
CA LYS A 17 -1.91 7.89 -1.79
C LYS A 17 -1.73 6.81 -0.74
N HIS A 18 -0.60 6.11 -0.81
CA HIS A 18 -0.32 5.04 0.15
C HIS A 18 0.58 5.54 1.27
N LYS A 19 0.26 5.14 2.51
CA LYS A 19 1.03 5.55 3.67
C LYS A 19 2.13 4.54 3.98
N PHE A 20 2.74 3.99 2.92
CA PHE A 20 3.80 3.01 3.08
C PHE A 20 4.94 3.58 3.91
N LYS A 21 5.22 2.95 5.05
CA LYS A 21 6.30 3.39 5.94
C LYS A 21 7.38 2.32 6.04
N ILE A 22 8.60 2.68 5.65
CA ILE A 22 9.73 1.75 5.70
C ILE A 22 9.99 1.32 7.14
N HIS A 23 9.78 0.02 7.41
CA HIS A 23 10.01 -0.53 8.74
C HIS A 23 10.58 -1.94 8.64
N THR A 24 11.21 -2.39 9.73
CA THR A 24 11.79 -3.72 9.77
C THR A 24 10.79 -4.76 10.25
N TYR A 25 11.00 -6.01 9.87
CA TYR A 25 10.11 -7.09 10.25
C TYR A 25 10.86 -8.18 11.03
N GLY A 26 10.15 -8.83 11.95
CA GLY A 26 10.77 -9.87 12.75
C GLY A 26 10.42 -11.26 12.26
N SER A 27 9.58 -11.33 11.22
CA SER A 27 9.17 -12.60 10.66
C SER A 27 9.19 -12.57 9.13
N PRO A 28 9.33 -13.75 8.51
CA PRO A 28 9.36 -13.88 7.05
C PRO A 28 8.01 -13.58 6.41
N THR A 29 7.85 -12.36 5.93
CA THR A 29 6.60 -11.96 5.28
C THR A 29 6.68 -12.10 3.77
N PHE A 30 5.53 -12.19 3.12
CA PHE A 30 5.47 -12.34 1.67
C PHE A 30 4.88 -11.09 1.02
N CYS A 31 5.65 -10.50 0.10
CA CYS A 31 5.20 -9.30 -0.59
C CYS A 31 3.75 -9.44 -1.05
N ASP A 32 3.11 -8.29 -1.32
CA ASP A 32 1.73 -8.29 -1.76
C ASP A 32 1.64 -7.97 -3.25
N HIS A 33 2.50 -7.07 -3.72
CA HIS A 33 2.51 -6.69 -5.12
C HIS A 33 3.06 -7.81 -5.99
N CYS A 34 4.36 -8.08 -5.85
CA CYS A 34 5.01 -9.13 -6.62
C CYS A 34 4.84 -10.49 -5.94
N GLY A 35 4.87 -10.48 -4.61
CA GLY A 35 4.73 -11.71 -3.86
C GLY A 35 6.02 -12.14 -3.19
N SER A 36 7.14 -11.87 -3.86
CA SER A 36 8.45 -12.24 -3.32
C SER A 36 8.51 -11.98 -1.82
N LEU A 37 9.32 -12.78 -1.12
CA LEU A 37 9.47 -12.64 0.32
C LEU A 37 10.30 -11.40 0.66
N LEU A 38 10.05 -10.84 1.84
CA LEU A 38 10.77 -9.65 2.29
C LEU A 38 11.99 -10.04 3.12
N TYR A 39 13.17 -9.85 2.54
CA TYR A 39 14.41 -10.18 3.23
C TYR A 39 15.24 -8.92 3.51
N GLY A 40 16.21 -9.04 4.40
CA GLY A 40 17.05 -7.91 4.74
C GLY A 40 17.13 -7.67 6.24
N LEU A 41 18.12 -6.90 6.66
CA LEU A 41 18.30 -6.59 8.08
C LEU A 41 17.60 -5.28 8.44
N ILE A 42 17.74 -4.28 7.59
CA ILE A 42 17.12 -2.99 7.82
C ILE A 42 16.32 -2.52 6.61
N HIS A 43 15.16 -1.93 6.86
CA HIS A 43 14.30 -1.45 5.79
C HIS A 43 13.93 -2.58 4.84
N GLN A 44 13.66 -3.75 5.40
CA GLN A 44 13.29 -4.92 4.59
C GLN A 44 12.22 -4.55 3.57
N GLY A 45 11.06 -4.13 4.06
CA GLY A 45 9.98 -3.76 3.17
C GLY A 45 9.17 -2.59 3.71
N MET A 46 8.08 -2.25 3.01
CA MET A 46 7.23 -1.15 3.41
C MET A 46 5.84 -1.64 3.80
N LYS A 47 5.23 -0.99 4.78
CA LYS A 47 3.90 -1.37 5.24
C LYS A 47 2.99 -0.15 5.35
N CYS A 48 1.83 -0.23 4.72
CA CYS A 48 0.87 0.87 4.74
C CYS A 48 0.23 1.01 6.12
N ASP A 49 -0.43 2.14 6.35
CA ASP A 49 -1.09 2.40 7.62
C ASP A 49 -2.60 2.33 7.48
N THR A 50 -3.08 2.48 6.25
CA THR A 50 -4.51 2.44 5.98
C THR A 50 -4.93 1.08 5.43
N CYS A 51 -4.06 0.49 4.62
CA CYS A 51 -4.35 -0.81 4.02
C CYS A 51 -3.37 -1.87 4.56
N ASP A 52 -2.40 -1.43 5.34
CA ASP A 52 -1.41 -2.34 5.91
C ASP A 52 -0.97 -3.38 4.90
N MET A 53 -0.52 -2.91 3.74
CA MET A 53 -0.07 -3.81 2.68
C MET A 53 1.46 -3.88 2.63
N ASN A 54 1.99 -5.10 2.56
CA ASN A 54 3.43 -5.30 2.53
C ASN A 54 3.94 -5.29 1.08
N VAL A 55 4.97 -4.51 0.82
CA VAL A 55 5.55 -4.42 -0.51
C VAL A 55 7.01 -3.95 -0.45
N HIS A 56 7.84 -4.51 -1.32
CA HIS A 56 9.25 -4.14 -1.37
C HIS A 56 9.42 -2.66 -1.67
N LYS A 57 10.60 -2.12 -1.38
CA LYS A 57 10.89 -0.72 -1.61
C LYS A 57 10.79 -0.38 -3.10
N GLN A 58 11.12 -1.36 -3.95
CA GLN A 58 11.05 -1.17 -5.39
C GLN A 58 9.69 -1.58 -5.94
N CYS A 59 8.87 -2.18 -5.08
CA CYS A 59 7.54 -2.63 -5.48
C CYS A 59 6.53 -1.49 -5.37
N VAL A 60 6.82 -0.53 -4.50
CA VAL A 60 5.94 0.62 -4.31
C VAL A 60 5.94 1.52 -5.54
N ILE A 61 7.02 1.49 -6.29
CA ILE A 61 7.13 2.31 -7.50
C ILE A 61 6.15 1.85 -8.57
N ASN A 62 5.73 0.59 -8.48
CA ASN A 62 4.78 0.03 -9.43
C ASN A 62 3.35 0.28 -8.99
N VAL A 63 3.09 0.08 -7.70
CA VAL A 63 1.76 0.29 -7.14
C VAL A 63 1.24 1.68 -7.48
N PRO A 64 -0.06 1.75 -7.84
CA PRO A 64 -0.72 3.01 -8.20
C PRO A 64 -0.90 3.92 -6.99
N SER A 65 -1.19 5.20 -7.25
CA SER A 65 -1.39 6.17 -6.19
C SER A 65 -2.80 6.08 -5.63
N LEU A 66 -3.31 4.86 -5.52
CA LEU A 66 -4.64 4.63 -4.98
C LEU A 66 -4.62 3.66 -3.81
N CYS A 67 -5.43 3.93 -2.80
CA CYS A 67 -5.50 3.09 -1.61
C CYS A 67 -6.88 3.17 -0.96
N GLY A 68 -7.22 2.15 -0.17
CA GLY A 68 -8.50 2.13 0.50
C GLY A 68 -9.54 1.34 -0.26
N MET A 69 -9.31 0.03 -0.38
CA MET A 69 -10.24 -0.85 -1.09
C MET A 69 -10.93 -1.81 -0.13
N ASP A 70 -12.25 -1.78 -0.12
CA ASP A 70 -13.03 -2.65 0.75
C ASP A 70 -13.98 -3.53 -0.07
N HIS A 71 -13.47 -4.65 -0.55
CA HIS A 71 -14.26 -5.58 -1.35
C HIS A 71 -14.38 -6.93 -0.65
N THR A 72 -13.24 -7.51 -0.30
CA THR A 72 -13.21 -8.81 0.37
C THR A 72 -14.19 -8.84 1.54
N GLU A 73 -15.06 -9.84 1.55
CA GLU A 73 -16.04 -9.99 2.62
C GLU A 73 -15.80 -11.26 3.41
N LYS A 74 -14.57 -11.41 3.91
CA LYS A 74 -14.20 -12.58 4.69
C LYS A 74 -14.55 -12.39 6.17
N ARG A 75 -15.77 -11.90 6.41
CA ARG A 75 -16.23 -11.67 7.78
C ARG A 75 -17.49 -12.47 8.07
N GLY A 76 -17.55 -13.08 9.25
CA GLY A 76 -18.71 -13.86 9.62
C GLY A 76 -18.41 -15.35 9.68
N ARG A 77 -19.00 -16.09 8.75
CA ARG A 77 -18.80 -17.53 8.68
C ARG A 77 -17.39 -17.91 9.09
N ILE A 78 -17.25 -19.04 9.78
CA ILE A 78 -15.94 -19.50 10.22
C ILE A 78 -15.58 -20.84 9.58
N TYR A 79 -14.31 -21.01 9.26
CA TYR A 79 -13.84 -22.25 8.64
C TYR A 79 -12.88 -22.99 9.57
N LEU A 80 -13.08 -24.29 9.70
CA LEU A 80 -12.23 -25.11 10.55
C LEU A 80 -11.17 -25.83 9.74
N LYS A 81 -10.00 -26.05 10.34
CA LYS A 81 -8.90 -26.72 9.67
C LYS A 81 -8.90 -28.21 9.98
N ALA A 82 -8.07 -28.97 9.27
CA ALA A 82 -7.97 -30.41 9.48
C ALA A 82 -6.70 -30.77 10.24
N GLU A 83 -6.54 -32.06 10.53
CA GLU A 83 -5.37 -32.53 11.26
C GLU A 83 -4.46 -33.34 10.34
N VAL A 84 -3.20 -33.47 10.74
CA VAL A 84 -2.22 -34.21 9.95
C VAL A 84 -1.82 -35.50 10.66
N ALA A 85 -1.86 -36.61 9.92
CA ALA A 85 -1.50 -37.91 10.48
C ALA A 85 -0.28 -38.49 9.76
ZN ZN B . -2.25 1.55 1.33
ZN ZN C . 7.72 -7.19 -3.94
N GLY A 1 17.20 41.51 1.78
CA GLY A 1 17.29 40.10 2.11
C GLY A 1 16.65 39.22 1.06
N SER A 2 17.14 37.99 0.94
CA SER A 2 16.61 37.05 -0.04
C SER A 2 16.90 35.61 0.38
N SER A 3 15.86 34.77 0.36
CA SER A 3 15.99 33.38 0.75
C SER A 3 15.99 32.47 -0.48
N GLY A 4 15.05 32.72 -1.38
CA GLY A 4 14.95 31.92 -2.59
C GLY A 4 14.81 30.44 -2.29
N SER A 5 15.10 29.61 -3.29
CA SER A 5 15.00 28.16 -3.13
C SER A 5 13.55 27.74 -2.91
N SER A 6 12.65 28.33 -3.68
CA SER A 6 11.22 28.01 -3.57
C SER A 6 10.81 26.99 -4.61
N GLY A 7 10.46 25.78 -4.15
CA GLY A 7 10.05 24.73 -5.04
C GLY A 7 8.74 24.09 -4.64
N GLY A 8 8.08 23.43 -5.58
CA GLY A 8 6.81 22.78 -5.29
C GLY A 8 6.71 21.40 -5.91
N PRO A 9 6.64 20.38 -5.04
CA PRO A 9 6.54 18.98 -5.48
C PRO A 9 5.19 18.67 -6.13
N ASP A 10 5.19 18.42 -7.43
CA ASP A 10 3.96 18.11 -8.15
C ASP A 10 3.31 16.85 -7.59
N THR A 11 2.29 17.03 -6.76
CA THR A 11 1.58 15.91 -6.16
C THR A 11 0.07 16.14 -6.19
N ASP A 12 -0.64 15.29 -6.91
CA ASP A 12 -2.09 15.38 -7.01
C ASP A 12 -2.77 14.17 -6.39
N ASP A 13 -3.97 14.37 -5.87
CA ASP A 13 -4.73 13.29 -5.25
C ASP A 13 -3.88 12.56 -4.21
N PRO A 14 -3.29 13.33 -3.28
CA PRO A 14 -2.44 12.77 -2.23
C PRO A 14 -3.24 11.98 -1.19
N ARG A 15 -4.55 12.20 -1.18
CA ARG A 15 -5.43 11.51 -0.24
C ARG A 15 -5.49 10.01 -0.57
N SER A 16 -5.57 9.70 -1.86
CA SER A 16 -5.63 8.31 -2.30
C SER A 16 -4.28 7.64 -2.21
N LYS A 17 -3.23 8.40 -2.51
CA LYS A 17 -1.86 7.88 -2.46
C LYS A 17 -1.68 6.96 -1.26
N HIS A 18 -0.67 6.10 -1.32
CA HIS A 18 -0.37 5.18 -0.23
C HIS A 18 0.43 5.86 0.87
N LYS A 19 0.48 5.23 2.04
CA LYS A 19 1.21 5.78 3.17
C LYS A 19 2.23 4.79 3.69
N PHE A 20 2.78 3.97 2.79
CA PHE A 20 3.77 2.98 3.17
C PHE A 20 4.91 3.60 3.97
N LYS A 21 5.36 2.90 5.00
CA LYS A 21 6.44 3.39 5.85
C LYS A 21 7.55 2.36 5.96
N ILE A 22 8.76 2.75 5.56
CA ILE A 22 9.91 1.87 5.61
C ILE A 22 10.18 1.41 7.04
N HIS A 23 9.94 0.11 7.30
CA HIS A 23 10.16 -0.46 8.62
C HIS A 23 10.68 -1.89 8.52
N THR A 24 11.24 -2.39 9.61
CA THR A 24 11.78 -3.75 9.64
C THR A 24 10.71 -4.76 10.04
N TYR A 25 10.91 -6.01 9.65
CA TYR A 25 9.97 -7.07 9.96
C TYR A 25 10.63 -8.18 10.77
N GLY A 26 10.02 -8.56 11.88
CA GLY A 26 10.57 -9.60 12.72
C GLY A 26 10.20 -10.99 12.23
N SER A 27 9.28 -11.05 11.27
CA SER A 27 8.85 -12.33 10.71
C SER A 27 8.92 -12.33 9.19
N PRO A 28 9.05 -13.52 8.60
CA PRO A 28 9.14 -13.67 7.15
C PRO A 28 7.82 -13.37 6.45
N THR A 29 7.69 -12.15 5.93
CA THR A 29 6.47 -11.73 5.25
C THR A 29 6.62 -11.88 3.74
N PHE A 30 5.49 -11.95 3.04
CA PHE A 30 5.49 -12.10 1.60
C PHE A 30 4.96 -10.84 0.92
N CYS A 31 5.61 -10.42 -0.16
CA CYS A 31 5.21 -9.23 -0.89
C CYS A 31 3.78 -9.35 -1.39
N ASP A 32 3.16 -8.23 -1.69
CA ASP A 32 1.78 -8.21 -2.18
C ASP A 32 1.74 -7.90 -3.67
N HIS A 33 2.64 -7.04 -4.12
CA HIS A 33 2.71 -6.67 -5.53
C HIS A 33 3.25 -7.81 -6.38
N CYS A 34 4.53 -8.12 -6.20
CA CYS A 34 5.18 -9.20 -6.93
C CYS A 34 4.91 -10.54 -6.27
N GLY A 35 4.89 -10.55 -4.94
CA GLY A 35 4.65 -11.77 -4.21
C GLY A 35 5.91 -12.29 -3.52
N SER A 36 7.06 -12.02 -4.13
CA SER A 36 8.33 -12.46 -3.58
C SER A 36 8.43 -12.14 -2.09
N LEU A 37 9.13 -12.98 -1.34
CA LEU A 37 9.30 -12.79 0.09
C LEU A 37 10.12 -11.53 0.38
N LEU A 38 9.88 -10.93 1.54
CA LEU A 38 10.61 -9.73 1.93
C LEU A 38 11.80 -10.07 2.81
N TYR A 39 13.00 -9.90 2.27
CA TYR A 39 14.22 -10.20 3.00
C TYR A 39 15.02 -8.93 3.26
N GLY A 40 15.95 -9.00 4.21
CA GLY A 40 16.77 -7.85 4.54
C GLY A 40 16.90 -7.64 6.04
N LEU A 41 18.02 -7.09 6.46
CA LEU A 41 18.26 -6.84 7.89
C LEU A 41 17.52 -5.58 8.34
N ILE A 42 17.71 -4.48 7.61
CA ILE A 42 17.05 -3.23 7.95
C ILE A 42 16.41 -2.60 6.71
N HIS A 43 15.22 -2.04 6.89
CA HIS A 43 14.50 -1.41 5.80
C HIS A 43 14.15 -2.43 4.72
N GLN A 44 13.63 -3.58 5.15
CA GLN A 44 13.25 -4.64 4.22
C GLN A 44 12.14 -4.17 3.29
N GLY A 45 10.92 -4.08 3.84
CA GLY A 45 9.79 -3.65 3.04
C GLY A 45 9.06 -2.47 3.67
N MET A 46 7.91 -2.13 3.11
CA MET A 46 7.11 -1.02 3.62
C MET A 46 5.69 -1.47 3.96
N LYS A 47 5.07 -0.77 4.90
CA LYS A 47 3.71 -1.10 5.32
C LYS A 47 2.85 0.16 5.39
N CYS A 48 1.67 0.10 4.77
CA CYS A 48 0.75 1.23 4.77
C CYS A 48 0.14 1.44 6.15
N ASP A 49 -0.50 2.58 6.35
CA ASP A 49 -1.13 2.91 7.62
C ASP A 49 -2.63 2.62 7.58
N THR A 50 -3.16 2.50 6.36
CA THR A 50 -4.59 2.23 6.19
C THR A 50 -4.81 0.81 5.68
N CYS A 51 -4.06 0.41 4.66
CA CYS A 51 -4.19 -0.92 4.09
C CYS A 51 -3.04 -1.82 4.56
N ASP A 52 -2.14 -1.25 5.35
CA ASP A 52 -0.99 -2.00 5.86
C ASP A 52 -0.56 -3.07 4.87
N MET A 53 -0.27 -2.65 3.65
CA MET A 53 0.17 -3.58 2.60
C MET A 53 1.69 -3.72 2.61
N ASN A 54 2.16 -4.94 2.75
CA ASN A 54 3.59 -5.22 2.77
C ASN A 54 4.14 -5.36 1.35
N VAL A 55 4.92 -4.36 0.92
CA VAL A 55 5.50 -4.37 -0.41
C VAL A 55 6.96 -3.94 -0.36
N HIS A 56 7.76 -4.51 -1.26
CA HIS A 56 9.19 -4.19 -1.33
C HIS A 56 9.41 -2.69 -1.49
N LYS A 57 10.37 -2.15 -0.77
CA LYS A 57 10.67 -0.73 -0.84
C LYS A 57 10.76 -0.26 -2.29
N GLN A 58 11.08 -1.19 -3.19
CA GLN A 58 11.19 -0.88 -4.61
C GLN A 58 9.87 -1.12 -5.33
N CYS A 59 9.13 -2.11 -4.87
CA CYS A 59 7.84 -2.46 -5.47
C CYS A 59 6.88 -1.28 -5.39
N VAL A 60 7.02 -0.47 -4.35
CA VAL A 60 6.16 0.70 -4.16
C VAL A 60 6.17 1.59 -5.41
N ILE A 61 7.26 1.51 -6.17
CA ILE A 61 7.38 2.31 -7.39
C ILE A 61 6.32 1.93 -8.40
N ASN A 62 5.90 0.67 -8.39
CA ASN A 62 4.88 0.19 -9.31
C ASN A 62 3.51 0.18 -8.65
N VAL A 63 3.46 -0.18 -7.38
CA VAL A 63 2.20 -0.21 -6.64
C VAL A 63 1.31 0.96 -7.03
N PRO A 64 0.03 0.65 -7.33
CA PRO A 64 -0.95 1.65 -7.72
C PRO A 64 -1.34 2.55 -6.56
N SER A 65 -1.15 3.86 -6.75
CA SER A 65 -1.48 4.84 -5.71
C SER A 65 -2.81 4.49 -5.05
N LEU A 66 -3.65 3.76 -5.77
CA LEU A 66 -4.96 3.36 -5.25
C LEU A 66 -4.84 2.81 -3.84
N CYS A 67 -5.72 3.27 -2.95
CA CYS A 67 -5.72 2.82 -1.56
C CYS A 67 -7.07 3.08 -0.91
N GLY A 68 -7.39 2.27 0.09
CA GLY A 68 -8.66 2.42 0.78
C GLY A 68 -9.77 1.58 0.19
N MET A 69 -9.44 0.34 -0.15
CA MET A 69 -10.42 -0.58 -0.74
C MET A 69 -10.11 -2.02 -0.36
N ASP A 70 -11.01 -2.63 0.39
CA ASP A 70 -10.83 -4.01 0.82
C ASP A 70 -11.93 -4.92 0.25
N HIS A 71 -11.81 -6.21 0.48
CA HIS A 71 -12.80 -7.17 0.00
C HIS A 71 -13.47 -7.89 1.17
N THR A 72 -14.41 -8.78 0.85
CA THR A 72 -15.13 -9.53 1.86
C THR A 72 -14.24 -10.61 2.48
N GLU A 73 -14.31 -10.74 3.79
CA GLU A 73 -13.51 -11.73 4.51
C GLU A 73 -14.11 -13.12 4.35
N LYS A 74 -13.27 -14.08 4.00
CA LYS A 74 -13.72 -15.46 3.83
C LYS A 74 -13.37 -16.31 5.06
N ARG A 75 -13.65 -15.78 6.23
CA ARG A 75 -13.37 -16.48 7.48
C ARG A 75 -14.65 -17.06 8.07
N GLY A 76 -15.74 -16.30 7.99
CA GLY A 76 -17.00 -16.75 8.52
C GLY A 76 -17.53 -15.83 9.60
N ARG A 77 -18.64 -16.24 10.24
CA ARG A 77 -19.24 -15.44 11.29
C ARG A 77 -18.71 -15.86 12.66
N ILE A 78 -18.53 -14.88 13.54
CA ILE A 78 -18.03 -15.15 14.89
C ILE A 78 -18.81 -14.36 15.94
N TYR A 79 -19.03 -14.99 17.08
CA TYR A 79 -19.77 -14.35 18.17
C TYR A 79 -18.82 -13.60 19.10
N LEU A 80 -19.37 -13.07 20.19
CA LEU A 80 -18.58 -12.33 21.17
C LEU A 80 -17.92 -13.28 22.16
N LYS A 81 -17.57 -14.47 21.70
CA LYS A 81 -16.92 -15.46 22.54
C LYS A 81 -15.54 -14.99 22.99
N ALA A 82 -15.50 -14.31 24.13
CA ALA A 82 -14.25 -13.80 24.67
C ALA A 82 -14.22 -13.90 26.19
N GLU A 83 -13.08 -13.57 26.79
CA GLU A 83 -12.92 -13.63 28.24
C GLU A 83 -11.69 -12.85 28.68
N VAL A 84 -11.53 -12.72 29.99
CA VAL A 84 -10.38 -12.00 30.55
C VAL A 84 -10.10 -10.72 29.76
N ALA A 85 -11.16 -10.09 29.29
CA ALA A 85 -11.01 -8.85 28.52
C ALA A 85 -11.17 -7.63 29.41
ZN ZN B . -2.32 1.84 1.27
ZN ZN C . 7.78 -7.10 -4.27
N GLY A 1 25.81 0.55 -4.13
CA GLY A 1 24.61 0.15 -3.43
C GLY A 1 23.77 1.34 -2.99
N SER A 2 23.36 2.15 -3.96
CA SER A 2 22.55 3.32 -3.66
C SER A 2 21.10 3.12 -4.11
N SER A 3 20.94 2.65 -5.35
CA SER A 3 19.61 2.40 -5.89
C SER A 3 18.85 3.71 -6.07
N GLY A 4 19.54 4.74 -6.56
CA GLY A 4 18.92 6.03 -6.76
C GLY A 4 18.55 6.28 -8.21
N SER A 5 17.29 6.01 -8.55
CA SER A 5 16.82 6.20 -9.92
C SER A 5 15.50 6.96 -9.93
N SER A 6 15.45 8.02 -10.75
CA SER A 6 14.24 8.83 -10.85
C SER A 6 13.05 7.99 -11.29
N GLY A 7 11.86 8.59 -11.26
CA GLY A 7 10.66 7.89 -11.66
C GLY A 7 9.61 8.81 -12.24
N GLY A 8 8.35 8.39 -12.17
CA GLY A 8 7.27 9.21 -12.69
C GLY A 8 5.94 8.46 -12.71
N PRO A 9 5.42 8.15 -11.52
CA PRO A 9 4.15 7.43 -11.37
C PRO A 9 2.95 8.28 -11.78
N ASP A 10 1.78 7.67 -11.81
CA ASP A 10 0.56 8.38 -12.18
C ASP A 10 -0.22 8.82 -10.94
N THR A 11 -0.77 10.02 -10.99
CA THR A 11 -1.53 10.56 -9.87
C THR A 11 -2.96 10.91 -10.29
N ASP A 12 -3.92 10.14 -9.78
CA ASP A 12 -5.32 10.39 -10.11
C ASP A 12 -6.07 10.95 -8.91
N ASP A 13 -6.18 10.16 -7.85
CA ASP A 13 -6.87 10.59 -6.64
C ASP A 13 -5.92 10.59 -5.44
N PRO A 14 -5.69 11.79 -4.88
CA PRO A 14 -4.80 11.94 -3.72
C PRO A 14 -5.39 11.36 -2.45
N ARG A 15 -6.67 10.98 -2.51
CA ARG A 15 -7.35 10.41 -1.36
C ARG A 15 -7.03 8.92 -1.24
N SER A 16 -6.86 8.25 -2.37
CA SER A 16 -6.56 6.83 -2.38
C SER A 16 -5.05 6.60 -2.43
N LYS A 17 -4.30 7.53 -1.87
CA LYS A 17 -2.84 7.42 -1.84
C LYS A 17 -2.38 6.40 -0.81
N HIS A 18 -1.13 5.97 -0.92
CA HIS A 18 -0.57 5.00 0.01
C HIS A 18 0.42 5.67 0.98
N LYS A 19 0.25 5.38 2.26
CA LYS A 19 1.13 5.96 3.28
C LYS A 19 2.24 4.98 3.67
N PHE A 20 2.78 4.28 2.67
CA PHE A 20 3.85 3.32 2.90
C PHE A 20 5.01 3.96 3.67
N LYS A 21 5.55 3.21 4.63
CA LYS A 21 6.66 3.70 5.43
C LYS A 21 7.70 2.61 5.65
N ILE A 22 8.96 2.94 5.42
CA ILE A 22 10.04 1.98 5.60
C ILE A 22 10.09 1.47 7.03
N HIS A 23 9.71 0.21 7.22
CA HIS A 23 9.72 -0.40 8.54
C HIS A 23 10.26 -1.82 8.48
N THR A 24 10.66 -2.35 9.64
CA THR A 24 11.20 -3.70 9.71
C THR A 24 10.11 -4.72 10.00
N TYR A 25 10.34 -5.96 9.60
CA TYR A 25 9.36 -7.02 9.81
C TYR A 25 9.94 -8.11 10.73
N GLY A 26 9.37 -8.22 11.93
CA GLY A 26 9.82 -9.22 12.87
C GLY A 26 9.70 -10.63 12.34
N SER A 27 8.98 -10.78 11.24
CA SER A 27 8.77 -12.09 10.62
C SER A 27 8.91 -12.01 9.10
N PRO A 28 9.24 -13.14 8.49
CA PRO A 28 9.41 -13.24 7.03
C PRO A 28 8.08 -13.09 6.28
N THR A 29 7.81 -11.90 5.77
CA THR A 29 6.58 -11.64 5.04
C THR A 29 6.82 -11.70 3.53
N PHE A 30 5.75 -11.90 2.78
CA PHE A 30 5.83 -11.98 1.33
C PHE A 30 5.18 -10.77 0.68
N CYS A 31 5.93 -10.10 -0.19
CA CYS A 31 5.43 -8.92 -0.88
C CYS A 31 4.00 -9.13 -1.36
N ASP A 32 3.28 -8.04 -1.58
CA ASP A 32 1.90 -8.11 -2.05
C ASP A 32 1.79 -7.69 -3.52
N HIS A 33 2.78 -6.92 -3.97
CA HIS A 33 2.81 -6.46 -5.36
C HIS A 33 3.32 -7.55 -6.29
N CYS A 34 4.55 -7.99 -6.06
CA CYS A 34 5.15 -9.02 -6.88
C CYS A 34 4.92 -10.42 -6.27
N GLY A 35 5.03 -10.50 -4.95
CA GLY A 35 4.83 -11.76 -4.27
C GLY A 35 6.10 -12.57 -4.15
N SER A 36 7.08 -12.02 -3.42
CA SER A 36 8.36 -12.69 -3.23
C SER A 36 8.87 -12.49 -1.80
N LEU A 37 9.26 -13.60 -1.17
CA LEU A 37 9.77 -13.54 0.20
C LEU A 37 10.64 -12.31 0.42
N LEU A 38 10.29 -11.50 1.41
CA LEU A 38 11.04 -10.29 1.72
C LEU A 38 12.29 -10.62 2.53
N TYR A 39 13.45 -10.31 1.97
CA TYR A 39 14.71 -10.57 2.65
C TYR A 39 15.30 -9.29 3.23
N GLY A 40 16.13 -9.43 4.26
CA GLY A 40 16.74 -8.28 4.88
C GLY A 40 16.49 -8.23 6.38
N LEU A 41 17.40 -7.58 7.11
CA LEU A 41 17.27 -7.46 8.55
C LEU A 41 16.68 -6.11 8.94
N ILE A 42 17.22 -5.05 8.35
CA ILE A 42 16.74 -3.70 8.63
C ILE A 42 16.12 -3.07 7.38
N HIS A 43 15.06 -2.30 7.58
CA HIS A 43 14.37 -1.64 6.49
C HIS A 43 14.22 -2.58 5.29
N GLN A 44 13.63 -3.74 5.53
CA GLN A 44 13.43 -4.73 4.48
C GLN A 44 12.54 -4.17 3.38
N GLY A 45 11.28 -3.86 3.73
CA GLY A 45 10.35 -3.33 2.76
C GLY A 45 9.57 -2.15 3.30
N MET A 46 8.37 -1.94 2.76
CA MET A 46 7.52 -0.84 3.20
C MET A 46 6.13 -1.35 3.57
N LYS A 47 5.52 -0.71 4.57
CA LYS A 47 4.18 -1.09 5.02
C LYS A 47 3.29 0.13 5.17
N CYS A 48 2.11 0.07 4.57
CA CYS A 48 1.16 1.18 4.64
C CYS A 48 0.68 1.39 6.07
N ASP A 49 0.06 2.54 6.33
CA ASP A 49 -0.44 2.86 7.65
C ASP A 49 -1.96 2.66 7.72
N THR A 50 -2.58 2.47 6.57
CA THR A 50 -4.02 2.25 6.50
C THR A 50 -4.35 0.83 6.07
N CYS A 51 -3.71 0.38 4.99
CA CYS A 51 -3.94 -0.96 4.47
C CYS A 51 -2.81 -1.90 4.90
N ASP A 52 -1.84 -1.37 5.62
CA ASP A 52 -0.71 -2.16 6.09
C ASP A 52 -0.34 -3.24 5.07
N MET A 53 -0.09 -2.81 3.83
CA MET A 53 0.27 -3.75 2.77
C MET A 53 1.78 -3.91 2.69
N ASN A 54 2.25 -5.14 2.89
CA ASN A 54 3.68 -5.43 2.85
C ASN A 54 4.17 -5.50 1.40
N VAL A 55 5.10 -4.61 1.05
CA VAL A 55 5.65 -4.58 -0.29
C VAL A 55 7.13 -4.20 -0.26
N HIS A 56 7.79 -4.33 -1.41
CA HIS A 56 9.21 -4.00 -1.52
C HIS A 56 9.40 -2.49 -1.69
N LYS A 57 10.62 -2.01 -1.41
CA LYS A 57 10.94 -0.60 -1.53
C LYS A 57 10.78 -0.14 -2.98
N GLN A 58 11.13 -1.01 -3.92
CA GLN A 58 11.02 -0.68 -5.34
C GLN A 58 9.64 -1.04 -5.87
N CYS A 59 8.86 -1.75 -5.07
CA CYS A 59 7.52 -2.16 -5.47
C CYS A 59 6.52 -1.03 -5.20
N VAL A 60 6.79 -0.23 -4.18
CA VAL A 60 5.91 0.88 -3.82
C VAL A 60 5.74 1.84 -4.99
N ILE A 61 6.73 1.86 -5.88
CA ILE A 61 6.70 2.74 -7.04
C ILE A 61 5.83 2.16 -8.15
N ASN A 62 5.62 0.84 -8.09
CA ASN A 62 4.80 0.16 -9.09
C ASN A 62 3.36 0.02 -8.62
N VAL A 63 3.17 0.02 -7.31
CA VAL A 63 1.85 -0.11 -6.72
C VAL A 63 0.94 1.04 -7.15
N PRO A 64 -0.28 0.70 -7.57
CA PRO A 64 -1.27 1.69 -8.02
C PRO A 64 -1.79 2.55 -6.88
N SER A 65 -2.47 3.63 -7.22
CA SER A 65 -3.02 4.54 -6.22
C SER A 65 -4.36 4.03 -5.70
N LEU A 66 -4.47 2.71 -5.55
CA LEU A 66 -5.69 2.10 -5.05
C LEU A 66 -5.53 1.67 -3.59
N CYS A 67 -5.81 2.61 -2.69
CA CYS A 67 -5.70 2.33 -1.25
C CYS A 67 -7.02 2.63 -0.55
N GLY A 68 -7.31 1.87 0.51
CA GLY A 68 -8.53 2.07 1.26
C GLY A 68 -9.70 1.30 0.67
N MET A 69 -9.52 -0.01 0.50
CA MET A 69 -10.57 -0.86 -0.06
C MET A 69 -11.32 -1.60 1.05
N ASP A 70 -12.36 -2.32 0.66
CA ASP A 70 -13.16 -3.08 1.62
C ASP A 70 -12.34 -4.23 2.22
N HIS A 71 -12.89 -4.87 3.26
CA HIS A 71 -12.22 -5.98 3.90
C HIS A 71 -12.32 -7.25 3.05
N THR A 72 -11.27 -8.07 3.10
CA THR A 72 -11.25 -9.31 2.34
C THR A 72 -11.00 -10.50 3.25
N GLU A 73 -11.70 -11.60 2.99
CA GLU A 73 -11.55 -12.82 3.79
C GLU A 73 -11.87 -12.54 5.25
N LYS A 74 -12.92 -11.79 5.49
CA LYS A 74 -13.34 -11.45 6.85
C LYS A 74 -14.01 -12.64 7.53
N ARG A 75 -13.60 -12.92 8.76
CA ARG A 75 -14.16 -14.04 9.51
C ARG A 75 -15.62 -13.77 9.87
N GLY A 76 -16.54 -14.28 9.06
CA GLY A 76 -17.95 -14.08 9.31
C GLY A 76 -18.79 -15.27 8.90
N ARG A 77 -18.80 -15.56 7.60
CA ARG A 77 -19.56 -16.68 7.07
C ARG A 77 -18.71 -17.95 7.02
N ILE A 78 -19.36 -19.10 7.20
CA ILE A 78 -18.66 -20.37 7.16
C ILE A 78 -19.44 -21.41 6.36
N TYR A 79 -18.72 -22.27 5.66
CA TYR A 79 -19.35 -23.30 4.85
C TYR A 79 -18.89 -24.69 5.28
N LEU A 80 -19.73 -25.35 6.06
CA LEU A 80 -19.43 -26.70 6.56
C LEU A 80 -19.02 -27.62 5.41
N LYS A 81 -17.73 -27.93 5.36
CA LYS A 81 -17.20 -28.81 4.31
C LYS A 81 -16.13 -29.74 4.87
N ALA A 82 -16.41 -31.04 4.83
CA ALA A 82 -15.47 -32.04 5.32
C ALA A 82 -15.38 -33.23 4.39
N GLU A 83 -14.29 -33.97 4.47
CA GLU A 83 -14.09 -35.15 3.63
C GLU A 83 -13.14 -36.14 4.29
N VAL A 84 -13.60 -37.38 4.44
CA VAL A 84 -12.79 -38.43 5.05
C VAL A 84 -12.88 -39.73 4.27
N ALA A 85 -11.76 -40.13 3.67
CA ALA A 85 -11.71 -41.36 2.89
C ALA A 85 -11.09 -42.50 3.70
ZN ZN B . -2.22 1.60 1.32
ZN ZN C . 7.76 -6.81 -4.40
N GLY A 1 -16.01 44.45 5.98
CA GLY A 1 -15.37 43.92 4.80
C GLY A 1 -15.94 42.58 4.39
N SER A 2 -15.91 42.29 3.10
CA SER A 2 -16.44 41.03 2.58
C SER A 2 -16.03 40.83 1.12
N SER A 3 -16.02 39.58 0.67
CA SER A 3 -15.64 39.25 -0.69
C SER A 3 -15.96 37.79 -1.01
N GLY A 4 -15.72 37.40 -2.25
CA GLY A 4 -15.98 36.02 -2.66
C GLY A 4 -15.44 35.72 -4.05
N SER A 5 -15.19 34.44 -4.31
CA SER A 5 -14.66 34.02 -5.61
C SER A 5 -14.68 32.50 -5.73
N SER A 6 -15.26 32.00 -6.82
CA SER A 6 -15.35 30.57 -7.06
C SER A 6 -15.48 30.28 -8.55
N GLY A 7 -14.85 29.19 -8.99
CA GLY A 7 -14.92 28.81 -10.39
C GLY A 7 -14.50 27.37 -10.62
N GLY A 8 -15.25 26.44 -10.02
CA GLY A 8 -14.93 25.04 -10.18
C GLY A 8 -13.63 24.64 -9.52
N PRO A 9 -13.57 24.80 -8.19
CA PRO A 9 -12.38 24.47 -7.40
C PRO A 9 -12.11 22.96 -7.35
N ASP A 10 -10.84 22.59 -7.24
CA ASP A 10 -10.46 21.18 -7.18
C ASP A 10 -8.99 21.05 -6.79
N THR A 11 -8.68 20.02 -6.01
CA THR A 11 -7.32 19.77 -5.56
C THR A 11 -7.03 18.28 -5.49
N ASP A 12 -5.77 17.92 -5.73
CA ASP A 12 -5.36 16.52 -5.68
C ASP A 12 -6.04 15.78 -4.55
N ASP A 13 -6.11 14.46 -4.66
CA ASP A 13 -6.75 13.63 -3.63
C ASP A 13 -5.70 12.82 -2.87
N PRO A 14 -5.11 13.42 -1.83
CA PRO A 14 -4.10 12.77 -1.01
C PRO A 14 -4.68 11.65 -0.15
N ARG A 15 -5.97 11.40 -0.31
CA ARG A 15 -6.64 10.35 0.45
C ARG A 15 -6.35 8.98 -0.14
N SER A 16 -6.20 8.94 -1.47
CA SER A 16 -5.93 7.68 -2.17
C SER A 16 -4.47 7.26 -1.98
N LYS A 17 -3.57 8.24 -2.01
CA LYS A 17 -2.16 7.97 -1.85
C LYS A 17 -1.91 6.92 -0.75
N HIS A 18 -0.76 6.28 -0.81
CA HIS A 18 -0.41 5.26 0.18
C HIS A 18 0.43 5.86 1.31
N LYS A 19 0.29 5.29 2.50
CA LYS A 19 1.04 5.77 3.66
C LYS A 19 2.20 4.83 3.98
N PHE A 20 2.62 4.07 2.97
CA PHE A 20 3.72 3.12 3.15
C PHE A 20 4.85 3.75 3.99
N LYS A 21 5.20 3.08 5.08
CA LYS A 21 6.25 3.58 5.96
C LYS A 21 7.46 2.64 5.93
N ILE A 22 8.64 3.20 5.73
CA ILE A 22 9.86 2.42 5.69
C ILE A 22 10.15 1.76 7.03
N HIS A 23 9.81 0.48 7.14
CA HIS A 23 10.03 -0.26 8.38
C HIS A 23 10.36 -1.72 8.08
N THR A 24 11.25 -2.29 8.90
CA THR A 24 11.67 -3.67 8.72
C THR A 24 10.75 -4.63 9.46
N TYR A 25 10.59 -5.83 8.94
CA TYR A 25 9.73 -6.84 9.56
C TYR A 25 10.56 -7.85 10.36
N GLY A 26 9.96 -8.38 11.43
CA GLY A 26 10.66 -9.34 12.25
C GLY A 26 10.37 -10.78 11.84
N SER A 27 9.46 -10.94 10.87
CA SER A 27 9.10 -12.26 10.39
C SER A 27 9.11 -12.31 8.87
N PRO A 28 9.24 -13.53 8.32
CA PRO A 28 9.27 -13.74 6.87
C PRO A 28 7.92 -13.48 6.22
N THR A 29 7.77 -12.30 5.60
CA THR A 29 6.53 -11.95 4.94
C THR A 29 6.66 -12.03 3.42
N PHE A 30 5.54 -12.26 2.75
CA PHE A 30 5.54 -12.36 1.28
C PHE A 30 4.91 -11.12 0.66
N CYS A 31 5.69 -10.43 -0.18
CA CYS A 31 5.21 -9.22 -0.85
C CYS A 31 3.78 -9.40 -1.33
N ASP A 32 3.10 -8.29 -1.58
CA ASP A 32 1.71 -8.32 -2.04
C ASP A 32 1.64 -8.01 -3.53
N HIS A 33 2.62 -7.26 -4.03
CA HIS A 33 2.66 -6.89 -5.44
C HIS A 33 3.24 -8.03 -6.28
N CYS A 34 4.55 -8.22 -6.18
CA CYS A 34 5.23 -9.27 -6.93
C CYS A 34 4.90 -10.65 -6.35
N GLY A 35 4.99 -10.76 -5.03
CA GLY A 35 4.71 -12.03 -4.39
C GLY A 35 5.96 -12.77 -3.98
N SER A 36 7.01 -12.02 -3.65
CA SER A 36 8.28 -12.62 -3.25
C SER A 36 8.60 -12.28 -1.79
N LEU A 37 9.07 -13.29 -1.06
CA LEU A 37 9.43 -13.09 0.34
C LEU A 37 10.32 -11.88 0.53
N LEU A 38 10.22 -11.24 1.69
CA LEU A 38 11.03 -10.07 1.99
C LEU A 38 12.19 -10.44 2.92
N TYR A 39 13.40 -10.11 2.49
CA TYR A 39 14.60 -10.40 3.27
C TYR A 39 15.30 -9.11 3.70
N GLY A 40 16.14 -9.21 4.71
CA GLY A 40 16.87 -8.06 5.20
C GLY A 40 16.74 -7.88 6.70
N LEU A 41 17.66 -7.12 7.29
CA LEU A 41 17.65 -6.88 8.72
C LEU A 41 16.91 -5.59 9.05
N ILE A 42 17.21 -4.53 8.31
CA ILE A 42 16.56 -3.24 8.52
C ILE A 42 15.99 -2.69 7.22
N HIS A 43 14.96 -1.85 7.33
CA HIS A 43 14.33 -1.26 6.16
C HIS A 43 14.13 -2.29 5.06
N GLN A 44 13.54 -3.44 5.43
CA GLN A 44 13.29 -4.51 4.48
C GLN A 44 12.31 -4.06 3.41
N GLY A 45 11.08 -3.77 3.82
CA GLY A 45 10.06 -3.33 2.88
C GLY A 45 9.30 -2.12 3.37
N MET A 46 8.05 -1.99 2.95
CA MET A 46 7.22 -0.86 3.35
C MET A 46 5.82 -1.32 3.75
N LYS A 47 5.34 -0.84 4.89
CA LYS A 47 4.02 -1.19 5.39
C LYS A 47 3.14 0.04 5.51
N CYS A 48 1.99 0.01 4.83
CA CYS A 48 1.05 1.13 4.86
C CYS A 48 0.49 1.32 6.28
N ASP A 49 -0.14 2.46 6.49
CA ASP A 49 -0.73 2.77 7.80
C ASP A 49 -2.26 2.69 7.75
N THR A 50 -2.78 2.44 6.55
CA THR A 50 -4.22 2.34 6.36
C THR A 50 -4.61 0.97 5.84
N CYS A 51 -3.79 0.42 4.95
CA CYS A 51 -4.05 -0.89 4.37
C CYS A 51 -2.96 -1.89 4.77
N ASP A 52 -1.99 -1.42 5.55
CA ASP A 52 -0.89 -2.26 6.00
C ASP A 52 -0.53 -3.30 4.94
N MET A 53 -0.27 -2.83 3.73
CA MET A 53 0.09 -3.72 2.64
C MET A 53 1.61 -3.84 2.50
N ASN A 54 2.12 -5.04 2.78
CA ASN A 54 3.55 -5.29 2.69
C ASN A 54 4.01 -5.38 1.23
N VAL A 55 4.99 -4.57 0.87
CA VAL A 55 5.52 -4.57 -0.49
C VAL A 55 6.96 -4.07 -0.52
N HIS A 56 7.79 -4.73 -1.32
CA HIS A 56 9.19 -4.36 -1.44
C HIS A 56 9.35 -2.85 -1.54
N LYS A 57 10.51 -2.35 -1.12
CA LYS A 57 10.79 -0.92 -1.16
C LYS A 57 10.75 -0.40 -2.60
N GLN A 58 11.10 -1.27 -3.54
CA GLN A 58 11.11 -0.90 -4.95
C GLN A 58 9.77 -1.23 -5.61
N CYS A 59 8.97 -2.06 -4.95
CA CYS A 59 7.67 -2.45 -5.47
C CYS A 59 6.67 -1.31 -5.33
N VAL A 60 6.84 -0.50 -4.29
CA VAL A 60 5.95 0.63 -4.05
C VAL A 60 5.84 1.52 -5.28
N ILE A 61 6.85 1.45 -6.14
CA ILE A 61 6.87 2.25 -7.36
C ILE A 61 5.86 1.73 -8.38
N ASN A 62 5.55 0.44 -8.28
CA ASN A 62 4.60 -0.19 -9.19
C ASN A 62 3.17 -0.03 -8.70
N VAL A 63 2.99 -0.15 -7.38
CA VAL A 63 1.68 -0.02 -6.77
C VAL A 63 1.01 1.30 -7.17
N PRO A 64 -0.29 1.23 -7.48
CA PRO A 64 -1.07 2.41 -7.88
C PRO A 64 -1.28 3.39 -6.73
N SER A 65 -0.98 4.65 -6.98
CA SER A 65 -1.13 5.69 -5.96
C SER A 65 -2.33 5.39 -5.06
N LEU A 66 -3.39 4.87 -5.65
CA LEU A 66 -4.60 4.54 -4.91
C LEU A 66 -4.28 3.63 -3.72
N CYS A 67 -5.21 3.54 -2.78
CA CYS A 67 -5.02 2.70 -1.60
C CYS A 67 -6.36 2.27 -1.02
N GLY A 68 -6.34 1.21 -0.22
CA GLY A 68 -7.56 0.71 0.38
C GLY A 68 -8.57 0.24 -0.65
N MET A 69 -8.08 -0.43 -1.70
CA MET A 69 -8.94 -0.93 -2.75
C MET A 69 -10.02 -1.85 -2.18
N ASP A 70 -9.70 -2.51 -1.08
CA ASP A 70 -10.64 -3.41 -0.43
C ASP A 70 -11.47 -2.68 0.61
N HIS A 71 -12.52 -3.34 1.10
CA HIS A 71 -13.40 -2.74 2.10
C HIS A 71 -12.80 -2.87 3.50
N THR A 72 -13.04 -1.87 4.34
CA THR A 72 -12.52 -1.86 5.70
C THR A 72 -13.65 -1.77 6.72
N GLU A 73 -13.52 -2.52 7.81
CA GLU A 73 -14.53 -2.51 8.87
C GLU A 73 -14.22 -1.45 9.92
N LYS A 74 -13.05 -1.59 10.55
CA LYS A 74 -12.63 -0.65 11.58
C LYS A 74 -12.84 0.79 11.12
N ARG A 75 -12.53 1.05 9.85
CA ARG A 75 -12.69 2.39 9.29
C ARG A 75 -12.42 3.46 10.34
N GLY A 76 -11.35 3.27 11.11
CA GLY A 76 -11.00 4.23 12.14
C GLY A 76 -10.26 5.43 11.59
N ARG A 77 -9.70 6.23 12.49
CA ARG A 77 -8.96 7.43 12.10
C ARG A 77 -8.25 8.05 13.29
N ILE A 78 -7.07 8.60 13.04
CA ILE A 78 -6.28 9.23 14.10
C ILE A 78 -6.23 10.75 13.92
N TYR A 79 -6.41 11.47 15.02
CA TYR A 79 -6.39 12.93 14.98
C TYR A 79 -5.22 13.47 15.79
N LEU A 80 -5.06 14.79 15.76
CA LEU A 80 -3.98 15.45 16.51
C LEU A 80 -4.45 16.76 17.12
N LYS A 81 -4.07 16.99 18.37
CA LYS A 81 -4.46 18.21 19.07
C LYS A 81 -3.23 19.06 19.39
N ALA A 82 -3.29 20.33 19.01
CA ALA A 82 -2.18 21.26 19.25
C ALA A 82 -2.48 22.14 20.46
N GLU A 83 -1.42 22.52 21.17
CA GLU A 83 -1.56 23.38 22.36
C GLU A 83 -0.77 24.67 22.19
N VAL A 84 -1.46 25.80 22.33
CA VAL A 84 -0.82 27.11 22.19
C VAL A 84 -0.65 27.77 23.55
N ALA A 85 0.49 28.43 23.73
CA ALA A 85 0.79 29.12 24.99
C ALA A 85 1.79 30.24 24.78
ZN ZN B . -2.19 1.81 1.58
ZN ZN C . 7.59 -7.12 -4.34
N GLY A 1 -4.81 -11.75 -34.97
CA GLY A 1 -5.41 -10.81 -34.04
C GLY A 1 -4.47 -9.70 -33.63
N SER A 2 -4.86 -8.94 -32.62
CA SER A 2 -4.05 -7.83 -32.13
C SER A 2 -4.46 -7.43 -30.72
N SER A 3 -3.74 -6.46 -30.15
CA SER A 3 -4.03 -6.00 -28.80
C SER A 3 -4.10 -4.47 -28.76
N GLY A 4 -4.43 -3.93 -27.60
CA GLY A 4 -4.52 -2.50 -27.44
C GLY A 4 -4.86 -2.07 -26.03
N SER A 5 -4.40 -0.90 -25.62
CA SER A 5 -4.64 -0.39 -24.28
C SER A 5 -5.57 0.82 -24.33
N SER A 6 -5.96 1.30 -23.15
CA SER A 6 -6.85 2.46 -23.05
C SER A 6 -6.17 3.61 -22.32
N GLY A 7 -5.75 3.36 -21.09
CA GLY A 7 -5.09 4.38 -20.31
C GLY A 7 -4.95 3.99 -18.85
N GLY A 8 -4.78 4.99 -17.98
CA GLY A 8 -4.64 4.73 -16.56
C GLY A 8 -4.93 5.95 -15.71
N PRO A 9 -4.15 6.15 -14.66
CA PRO A 9 -4.31 7.28 -13.74
C PRO A 9 -3.96 8.62 -14.40
N ASP A 10 -4.78 9.63 -14.15
CA ASP A 10 -4.54 10.95 -14.72
C ASP A 10 -4.44 12.01 -13.62
N THR A 11 -5.37 11.95 -12.67
CA THR A 11 -5.40 12.90 -11.56
C THR A 11 -5.06 12.20 -10.24
N ASP A 12 -4.09 12.76 -9.52
CA ASP A 12 -3.67 12.20 -8.24
C ASP A 12 -4.66 12.57 -7.14
N ASP A 13 -4.48 11.98 -5.97
CA ASP A 13 -5.35 12.24 -4.83
C ASP A 13 -4.74 11.73 -3.54
N PRO A 14 -4.58 12.63 -2.56
CA PRO A 14 -4.00 12.30 -1.25
C PRO A 14 -4.91 11.40 -0.42
N ARG A 15 -6.19 11.35 -0.81
CA ARG A 15 -7.16 10.53 -0.10
C ARG A 15 -6.93 9.05 -0.36
N SER A 16 -6.78 8.70 -1.63
CA SER A 16 -6.56 7.30 -2.02
C SER A 16 -5.07 6.96 -1.93
N LYS A 17 -4.22 7.98 -1.95
CA LYS A 17 -2.77 7.78 -1.88
C LYS A 17 -2.42 6.79 -0.77
N HIS A 18 -1.36 6.03 -0.97
CA HIS A 18 -0.90 5.05 0.00
C HIS A 18 -0.16 5.72 1.14
N LYS A 19 0.15 4.95 2.18
CA LYS A 19 0.87 5.47 3.34
C LYS A 19 2.01 4.54 3.74
N PHE A 20 2.75 4.04 2.75
CA PHE A 20 3.86 3.14 3.00
C PHE A 20 4.96 3.84 3.79
N LYS A 21 5.56 3.11 4.73
CA LYS A 21 6.62 3.67 5.56
C LYS A 21 7.75 2.65 5.74
N ILE A 22 8.96 3.05 5.39
CA ILE A 22 10.12 2.17 5.52
C ILE A 22 10.30 1.71 6.96
N HIS A 23 10.00 0.44 7.20
CA HIS A 23 10.13 -0.14 8.54
C HIS A 23 10.68 -1.56 8.47
N THR A 24 11.20 -2.05 9.58
CA THR A 24 11.76 -3.39 9.65
C THR A 24 10.76 -4.37 10.25
N TYR A 25 10.77 -5.60 9.75
CA TYR A 25 9.85 -6.64 10.23
C TYR A 25 10.59 -7.64 11.12
N GLY A 26 9.82 -8.39 11.91
CA GLY A 26 10.41 -9.37 12.80
C GLY A 26 10.21 -10.79 12.30
N SER A 27 9.33 -10.96 11.32
CA SER A 27 9.04 -12.27 10.77
C SER A 27 9.09 -12.23 9.24
N PRO A 28 9.24 -13.41 8.63
CA PRO A 28 9.30 -13.55 7.17
C PRO A 28 7.95 -13.27 6.50
N THR A 29 7.81 -12.09 5.93
CA THR A 29 6.57 -11.70 5.26
C THR A 29 6.68 -11.85 3.75
N PHE A 30 5.54 -12.02 3.09
CA PHE A 30 5.51 -12.17 1.64
C PHE A 30 4.91 -10.92 0.97
N CYS A 31 5.56 -10.47 -0.09
CA CYS A 31 5.10 -9.29 -0.82
C CYS A 31 3.76 -9.57 -1.50
N ASP A 32 2.99 -8.51 -1.75
CA ASP A 32 1.69 -8.64 -2.40
C ASP A 32 1.77 -8.21 -3.86
N HIS A 33 2.64 -7.25 -4.14
CA HIS A 33 2.80 -6.74 -5.50
C HIS A 33 3.39 -7.81 -6.41
N CYS A 34 4.65 -8.16 -6.18
CA CYS A 34 5.33 -9.17 -6.98
C CYS A 34 5.02 -10.56 -6.46
N GLY A 35 5.05 -10.71 -5.13
CA GLY A 35 4.78 -12.00 -4.52
C GLY A 35 6.04 -12.70 -4.05
N SER A 36 7.06 -11.90 -3.73
CA SER A 36 8.33 -12.45 -3.25
C SER A 36 8.56 -12.11 -1.79
N LEU A 37 9.11 -13.06 -1.04
CA LEU A 37 9.37 -12.87 0.38
C LEU A 37 10.18 -11.60 0.61
N LEU A 38 9.99 -10.98 1.77
CA LEU A 38 10.70 -9.77 2.12
C LEU A 38 11.90 -10.07 3.01
N TYR A 39 13.07 -10.23 2.39
CA TYR A 39 14.29 -10.52 3.12
C TYR A 39 15.00 -9.24 3.53
N GLY A 40 15.94 -9.37 4.47
CA GLY A 40 16.68 -8.21 4.92
C GLY A 40 16.79 -8.15 6.44
N LEU A 41 17.75 -7.37 6.93
CA LEU A 41 17.96 -7.23 8.37
C LEU A 41 17.32 -5.95 8.89
N ILE A 42 17.55 -4.85 8.18
CA ILE A 42 17.00 -3.56 8.57
C ILE A 42 16.28 -2.89 7.40
N HIS A 43 15.04 -2.46 7.64
CA HIS A 43 14.24 -1.81 6.62
C HIS A 43 14.05 -2.73 5.41
N GLN A 44 13.54 -3.93 5.67
CA GLN A 44 13.32 -4.90 4.60
C GLN A 44 12.43 -4.31 3.51
N GLY A 45 11.16 -4.10 3.83
CA GLY A 45 10.24 -3.54 2.86
C GLY A 45 9.45 -2.37 3.42
N MET A 46 8.33 -2.05 2.78
CA MET A 46 7.48 -0.95 3.22
C MET A 46 6.14 -1.46 3.72
N LYS A 47 5.51 -0.70 4.61
CA LYS A 47 4.21 -1.08 5.16
C LYS A 47 3.26 0.12 5.18
N CYS A 48 2.04 -0.11 4.69
CA CYS A 48 1.03 0.94 4.65
C CYS A 48 0.41 1.15 6.02
N ASP A 49 -0.29 2.28 6.18
CA ASP A 49 -0.94 2.61 7.44
C ASP A 49 -2.45 2.46 7.33
N THR A 50 -2.94 2.24 6.11
CA THR A 50 -4.36 2.09 5.86
C THR A 50 -4.69 0.68 5.39
N CYS A 51 -3.85 0.15 4.50
CA CYS A 51 -4.05 -1.19 3.97
C CYS A 51 -2.99 -2.15 4.49
N ASP A 52 -2.19 -1.67 5.44
CA ASP A 52 -1.13 -2.49 6.04
C ASP A 52 -0.56 -3.46 5.02
N MET A 53 -0.35 -2.97 3.79
CA MET A 53 0.19 -3.80 2.72
C MET A 53 1.70 -3.97 2.88
N ASN A 54 2.21 -5.10 2.43
CA ASN A 54 3.63 -5.39 2.52
C ASN A 54 4.25 -5.58 1.14
N VAL A 55 5.02 -4.59 0.71
CA VAL A 55 5.67 -4.64 -0.60
C VAL A 55 7.13 -4.20 -0.51
N HIS A 56 7.86 -4.40 -1.60
CA HIS A 56 9.27 -4.02 -1.64
C HIS A 56 9.43 -2.53 -1.90
N LYS A 57 10.62 -2.01 -1.61
CA LYS A 57 10.90 -0.59 -1.82
C LYS A 57 10.70 -0.20 -3.28
N GLN A 58 11.04 -1.11 -4.18
CA GLN A 58 10.91 -0.85 -5.61
C GLN A 58 9.52 -1.27 -6.10
N CYS A 59 8.74 -1.90 -5.22
CA CYS A 59 7.40 -2.34 -5.56
C CYS A 59 6.38 -1.24 -5.34
N VAL A 60 6.57 -0.47 -4.27
CA VAL A 60 5.68 0.63 -3.95
C VAL A 60 5.54 1.60 -5.12
N ILE A 61 6.66 1.88 -5.77
CA ILE A 61 6.67 2.79 -6.91
C ILE A 61 5.67 2.34 -7.98
N ASN A 62 5.52 1.03 -8.13
CA ASN A 62 4.60 0.48 -9.11
C ASN A 62 3.17 0.51 -8.59
N VAL A 63 2.99 0.11 -7.34
CA VAL A 63 1.67 0.09 -6.72
C VAL A 63 0.88 1.35 -7.08
N PRO A 64 -0.43 1.17 -7.34
CA PRO A 64 -1.32 2.28 -7.69
C PRO A 64 -1.57 3.22 -6.50
N SER A 65 -1.16 4.48 -6.66
CA SER A 65 -1.34 5.47 -5.60
C SER A 65 -2.59 5.16 -4.77
N LEU A 66 -3.72 4.96 -5.46
CA LEU A 66 -4.97 4.66 -4.78
C LEU A 66 -4.77 3.58 -3.73
N CYS A 67 -5.63 3.59 -2.70
CA CYS A 67 -5.55 2.61 -1.63
C CYS A 67 -6.84 2.58 -0.82
N GLY A 68 -7.17 1.42 -0.28
CA GLY A 68 -8.38 1.29 0.52
C GLY A 68 -9.32 0.22 -0.01
N MET A 69 -8.84 -1.02 -0.03
CA MET A 69 -9.64 -2.14 -0.52
C MET A 69 -8.91 -3.46 -0.32
N ASP A 70 -9.64 -4.47 0.16
CA ASP A 70 -9.06 -5.79 0.40
C ASP A 70 -10.14 -6.79 0.78
N HIS A 71 -10.15 -7.93 0.11
CA HIS A 71 -11.13 -8.98 0.38
C HIS A 71 -11.33 -9.15 1.87
N THR A 72 -10.27 -9.59 2.57
CA THR A 72 -10.33 -9.79 4.00
C THR A 72 -9.78 -8.60 4.76
N GLU A 73 -10.42 -8.26 5.89
CA GLU A 73 -9.98 -7.13 6.70
C GLU A 73 -9.42 -7.61 8.04
N LYS A 74 -9.89 -8.76 8.48
CA LYS A 74 -9.45 -9.33 9.76
C LYS A 74 -9.63 -10.85 9.76
N ARG A 75 -8.93 -11.52 10.67
CA ARG A 75 -9.01 -12.97 10.78
C ARG A 75 -9.69 -13.37 12.09
N GLY A 76 -10.61 -14.33 12.01
CA GLY A 76 -11.30 -14.79 13.20
C GLY A 76 -12.01 -16.11 12.98
N ARG A 77 -12.66 -16.61 14.03
CA ARG A 77 -13.38 -17.88 13.95
C ARG A 77 -14.88 -17.64 13.74
N ILE A 78 -15.40 -18.17 12.64
CA ILE A 78 -16.82 -18.01 12.33
C ILE A 78 -17.59 -19.29 12.64
N TYR A 79 -18.74 -19.14 13.28
CA TYR A 79 -19.57 -20.27 13.64
C TYR A 79 -20.78 -20.38 12.72
N LEU A 80 -20.54 -20.22 11.42
CA LEU A 80 -21.60 -20.31 10.43
C LEU A 80 -22.89 -19.68 10.96
N LYS A 81 -22.77 -18.54 11.61
CA LYS A 81 -23.92 -17.83 12.17
C LYS A 81 -24.85 -17.37 11.06
N ALA A 82 -25.93 -18.12 10.85
CA ALA A 82 -26.91 -17.78 9.82
C ALA A 82 -28.21 -17.27 10.44
N GLU A 83 -29.10 -16.74 9.60
CA GLU A 83 -30.37 -16.21 10.07
C GLU A 83 -31.49 -16.54 9.09
N VAL A 84 -32.71 -16.15 9.43
CA VAL A 84 -33.87 -16.40 8.59
C VAL A 84 -33.77 -17.78 7.92
N ALA A 85 -33.21 -18.74 8.65
CA ALA A 85 -33.06 -20.09 8.13
C ALA A 85 -34.22 -20.46 7.22
ZN ZN B . -2.20 1.35 1.30
ZN ZN C . 7.57 -6.99 -4.16
N GLY A 1 -8.01 46.19 2.23
CA GLY A 1 -8.15 44.81 1.78
C GLY A 1 -7.00 44.36 0.92
N SER A 2 -7.11 43.15 0.37
CA SER A 2 -6.06 42.60 -0.48
C SER A 2 -6.65 42.00 -1.75
N SER A 3 -5.78 41.70 -2.71
CA SER A 3 -6.22 41.11 -3.97
C SER A 3 -6.82 39.72 -3.75
N GLY A 4 -6.10 38.88 -3.03
CA GLY A 4 -6.57 37.53 -2.75
C GLY A 4 -5.46 36.60 -2.34
N SER A 5 -5.51 35.37 -2.85
CA SER A 5 -4.50 34.36 -2.53
C SER A 5 -3.92 33.75 -3.80
N SER A 6 -4.79 33.43 -4.74
CA SER A 6 -4.37 32.83 -6.00
C SER A 6 -3.23 31.84 -5.77
N GLY A 7 -3.35 31.04 -4.71
CA GLY A 7 -2.32 30.05 -4.40
C GLY A 7 -2.91 28.72 -3.99
N GLY A 8 -2.93 27.77 -4.92
CA GLY A 8 -3.46 26.46 -4.64
C GLY A 8 -2.38 25.42 -4.42
N PRO A 9 -2.69 24.39 -3.62
CA PRO A 9 -1.75 23.31 -3.31
C PRO A 9 -1.49 22.41 -4.51
N ASP A 10 -0.26 21.90 -4.61
CA ASP A 10 0.11 21.02 -5.72
C ASP A 10 -0.87 19.87 -5.85
N THR A 11 -1.18 19.50 -7.09
CA THR A 11 -2.12 18.41 -7.36
C THR A 11 -1.38 17.07 -7.42
N ASP A 12 -1.18 16.46 -6.26
CA ASP A 12 -0.49 15.18 -6.18
C ASP A 12 -1.49 14.04 -5.99
N ASP A 13 -2.72 14.39 -5.61
CA ASP A 13 -3.76 13.40 -5.39
C ASP A 13 -3.38 12.44 -4.28
N PRO A 14 -3.02 12.98 -3.11
CA PRO A 14 -2.62 12.18 -1.95
C PRO A 14 -3.79 11.41 -1.34
N ARG A 15 -4.97 11.55 -1.95
CA ARG A 15 -6.15 10.87 -1.47
C ARG A 15 -6.04 9.36 -1.69
N SER A 16 -5.51 8.97 -2.85
CA SER A 16 -5.35 7.56 -3.17
C SER A 16 -3.93 7.08 -2.86
N LYS A 17 -2.95 7.97 -3.06
CA LYS A 17 -1.56 7.65 -2.80
C LYS A 17 -1.43 6.76 -1.57
N HIS A 18 -0.37 5.97 -1.53
CA HIS A 18 -0.12 5.07 -0.41
C HIS A 18 0.69 5.76 0.68
N LYS A 19 0.64 5.22 1.90
CA LYS A 19 1.36 5.79 3.02
C LYS A 19 2.45 4.84 3.50
N PHE A 20 2.90 3.95 2.62
CA PHE A 20 3.93 2.99 2.95
C PHE A 20 5.05 3.65 3.75
N LYS A 21 5.49 2.98 4.80
CA LYS A 21 6.55 3.50 5.65
C LYS A 21 7.60 2.42 5.94
N ILE A 22 8.85 2.71 5.59
CA ILE A 22 9.95 1.77 5.80
C ILE A 22 10.09 1.42 7.28
N HIS A 23 9.95 0.13 7.60
CA HIS A 23 10.06 -0.33 8.97
C HIS A 23 10.74 -1.70 9.03
N THR A 24 11.29 -2.03 10.19
CA THR A 24 11.97 -3.32 10.38
C THR A 24 11.01 -4.36 10.93
N TYR A 25 11.01 -5.54 10.32
CA TYR A 25 10.14 -6.62 10.76
C TYR A 25 10.95 -7.79 11.30
N GLY A 26 10.39 -8.51 12.26
CA GLY A 26 11.08 -9.64 12.85
C GLY A 26 10.60 -10.96 12.29
N SER A 27 9.91 -10.91 11.15
CA SER A 27 9.40 -12.11 10.51
C SER A 27 9.46 -11.99 8.99
N PRO A 28 9.45 -13.14 8.30
CA PRO A 28 9.51 -13.20 6.84
C PRO A 28 8.23 -12.68 6.19
N THR A 29 8.25 -11.41 5.78
CA THR A 29 7.09 -10.80 5.15
C THR A 29 7.09 -11.06 3.64
N PHE A 30 5.91 -11.37 3.10
CA PHE A 30 5.77 -11.63 1.66
C PHE A 30 5.12 -10.45 0.95
N CYS A 31 5.77 -9.99 -0.12
CA CYS A 31 5.24 -8.86 -0.88
C CYS A 31 3.80 -9.10 -1.30
N ASP A 32 3.10 -8.02 -1.63
CA ASP A 32 1.70 -8.12 -2.05
C ASP A 32 1.57 -7.87 -3.55
N HIS A 33 2.45 -7.03 -4.08
CA HIS A 33 2.43 -6.71 -5.50
C HIS A 33 3.02 -7.84 -6.33
N CYS A 34 4.33 -8.04 -6.21
CA CYS A 34 5.02 -9.08 -6.95
C CYS A 34 4.83 -10.44 -6.27
N GLY A 35 4.76 -10.42 -4.94
CA GLY A 35 4.59 -11.66 -4.19
C GLY A 35 5.87 -12.13 -3.55
N SER A 36 7.00 -11.80 -4.17
CA SER A 36 8.30 -12.21 -3.66
C SER A 36 8.46 -11.81 -2.21
N LEU A 37 9.28 -12.56 -1.47
CA LEU A 37 9.52 -12.30 -0.06
C LEU A 37 10.35 -11.03 0.12
N LEU A 38 10.18 -10.37 1.27
CA LEU A 38 10.91 -9.15 1.56
C LEU A 38 12.18 -9.45 2.36
N TYR A 39 13.29 -9.66 1.65
CA TYR A 39 14.56 -9.96 2.29
C TYR A 39 15.13 -8.72 2.97
N GLY A 40 16.29 -8.87 3.60
CA GLY A 40 16.92 -7.76 4.29
C GLY A 40 16.33 -7.52 5.66
N LEU A 41 16.73 -8.34 6.62
CA LEU A 41 16.24 -8.20 7.99
C LEU A 41 15.92 -6.75 8.32
N ILE A 42 16.86 -5.87 8.02
CA ILE A 42 16.67 -4.44 8.28
C ILE A 42 16.03 -3.74 7.08
N HIS A 43 14.91 -3.05 7.33
CA HIS A 43 14.20 -2.34 6.27
C HIS A 43 13.81 -3.29 5.14
N GLN A 44 13.32 -4.47 5.51
CA GLN A 44 12.91 -5.46 4.53
C GLN A 44 12.05 -4.83 3.43
N GLY A 45 10.91 -4.28 3.84
CA GLY A 45 10.01 -3.65 2.89
C GLY A 45 9.28 -2.46 3.48
N MET A 46 8.08 -2.20 2.98
CA MET A 46 7.28 -1.08 3.46
C MET A 46 5.87 -1.54 3.83
N LYS A 47 5.23 -0.78 4.72
CA LYS A 47 3.88 -1.10 5.15
C LYS A 47 3.00 0.15 5.20
N CYS A 48 1.82 0.07 4.60
CA CYS A 48 0.89 1.19 4.57
C CYS A 48 0.28 1.42 5.96
N ASP A 49 -0.34 2.57 6.15
CA ASP A 49 -0.96 2.91 7.42
C ASP A 49 -2.49 2.81 7.31
N THR A 50 -2.99 2.81 6.08
CA THR A 50 -4.43 2.71 5.84
C THR A 50 -4.81 1.32 5.35
N CYS A 51 -3.98 0.75 4.48
CA CYS A 51 -4.23 -0.57 3.93
C CYS A 51 -3.19 -1.56 4.41
N ASP A 52 -2.23 -1.09 5.19
CA ASP A 52 -1.18 -1.93 5.73
C ASP A 52 -0.81 -3.04 4.74
N MET A 53 -0.47 -2.64 3.52
CA MET A 53 -0.10 -3.60 2.48
C MET A 53 1.42 -3.76 2.40
N ASN A 54 1.88 -4.98 2.70
CA ASN A 54 3.32 -5.26 2.66
C ASN A 54 3.83 -5.28 1.22
N VAL A 55 4.92 -4.56 0.99
CA VAL A 55 5.52 -4.50 -0.34
C VAL A 55 6.98 -4.06 -0.27
N HIS A 56 7.80 -4.61 -1.14
CA HIS A 56 9.22 -4.27 -1.18
C HIS A 56 9.42 -2.76 -1.13
N LYS A 57 10.67 -2.33 -1.05
CA LYS A 57 11.00 -0.91 -1.00
C LYS A 57 10.90 -0.28 -2.39
N GLN A 58 11.24 -1.05 -3.41
CA GLN A 58 11.19 -0.56 -4.78
C GLN A 58 9.82 -0.81 -5.40
N CYS A 59 9.18 -1.91 -4.99
CA CYS A 59 7.87 -2.27 -5.52
C CYS A 59 6.87 -1.14 -5.26
N VAL A 60 7.19 -0.27 -4.32
CA VAL A 60 6.32 0.85 -3.98
C VAL A 60 6.15 1.79 -5.17
N ILE A 61 7.08 1.72 -6.11
CA ILE A 61 7.03 2.56 -7.29
C ILE A 61 6.06 2.00 -8.33
N ASN A 62 5.80 0.69 -8.24
CA ASN A 62 4.88 0.04 -9.17
C ASN A 62 3.53 -0.20 -8.52
N VAL A 63 3.52 -0.31 -7.20
CA VAL A 63 2.28 -0.53 -6.45
C VAL A 63 1.20 0.46 -6.88
N PRO A 64 -0.01 -0.07 -7.16
CA PRO A 64 -1.15 0.75 -7.59
C PRO A 64 -1.69 1.61 -6.46
N SER A 65 -1.56 2.94 -6.62
CA SER A 65 -2.03 3.88 -5.60
C SER A 65 -3.35 3.41 -5.01
N LEU A 66 -4.12 2.66 -5.80
CA LEU A 66 -5.41 2.17 -5.35
C LEU A 66 -5.35 1.73 -3.89
N CYS A 67 -5.73 2.65 -2.99
CA CYS A 67 -5.72 2.37 -1.56
C CYS A 67 -7.04 2.79 -0.91
N GLY A 68 -7.28 2.31 0.31
CA GLY A 68 -8.49 2.65 1.00
C GLY A 68 -9.73 2.07 0.33
N MET A 69 -9.72 0.77 0.08
CA MET A 69 -10.85 0.10 -0.56
C MET A 69 -11.66 -0.69 0.45
N ASP A 70 -12.98 -0.63 0.32
CA ASP A 70 -13.88 -1.35 1.23
C ASP A 70 -14.74 -2.34 0.45
N HIS A 71 -15.49 -3.16 1.19
CA HIS A 71 -16.36 -4.16 0.58
C HIS A 71 -17.57 -3.49 -0.08
N THR A 72 -18.36 -4.29 -0.78
CA THR A 72 -19.54 -3.78 -1.46
C THR A 72 -20.77 -3.82 -0.55
N GLU A 73 -21.65 -2.84 -0.71
CA GLU A 73 -22.87 -2.77 0.10
C GLU A 73 -22.56 -3.05 1.57
N LYS A 74 -21.55 -2.37 2.10
CA LYS A 74 -21.15 -2.54 3.49
C LYS A 74 -21.87 -1.55 4.39
N ARG A 75 -23.01 -1.98 4.95
CA ARG A 75 -23.80 -1.13 5.82
C ARG A 75 -24.31 0.10 5.08
N GLY A 76 -24.72 -0.10 3.84
CA GLY A 76 -25.23 1.01 3.04
C GLY A 76 -25.06 0.76 1.55
N ARG A 77 -25.17 1.84 0.77
CA ARG A 77 -25.03 1.74 -0.68
C ARG A 77 -25.01 3.13 -1.32
N ILE A 78 -24.26 3.26 -2.41
CA ILE A 78 -24.15 4.54 -3.11
C ILE A 78 -24.29 4.34 -4.62
N TYR A 79 -25.13 3.39 -5.02
CA TYR A 79 -25.34 3.11 -6.43
C TYR A 79 -26.30 4.12 -7.05
N LEU A 80 -26.56 5.20 -6.33
CA LEU A 80 -27.46 6.25 -6.80
C LEU A 80 -26.67 7.43 -7.36
N LYS A 81 -27.33 8.21 -8.20
CA LYS A 81 -26.70 9.39 -8.81
C LYS A 81 -26.02 10.24 -7.74
N ALA A 82 -25.31 11.28 -8.19
CA ALA A 82 -24.61 12.18 -7.28
C ALA A 82 -25.58 12.81 -6.29
N GLU A 83 -25.67 12.21 -5.10
CA GLU A 83 -26.57 12.72 -4.06
C GLU A 83 -25.99 12.47 -2.67
N VAL A 84 -26.06 13.48 -1.81
CA VAL A 84 -25.53 13.37 -0.46
C VAL A 84 -26.43 12.51 0.41
N ALA A 85 -25.86 11.45 0.97
CA ALA A 85 -26.62 10.53 1.83
C ALA A 85 -27.68 11.28 2.63
ZN ZN B . -2.20 1.80 1.11
ZN ZN C . 7.80 -6.96 -4.35
N GLY A 1 10.24 33.32 -5.89
CA GLY A 1 9.80 34.59 -6.41
C GLY A 1 9.91 35.70 -5.39
N SER A 2 9.22 36.81 -5.64
CA SER A 2 9.25 37.95 -4.73
C SER A 2 8.01 38.83 -4.93
N SER A 3 7.57 39.46 -3.85
CA SER A 3 6.40 40.33 -3.90
C SER A 3 5.31 39.72 -4.77
N GLY A 4 5.02 38.43 -4.55
CA GLY A 4 4.01 37.75 -5.32
C GLY A 4 2.83 37.33 -4.47
N SER A 5 2.02 36.41 -5.00
CA SER A 5 0.84 35.93 -4.29
C SER A 5 0.52 34.49 -4.68
N SER A 6 0.51 33.60 -3.69
CA SER A 6 0.22 32.20 -3.92
C SER A 6 -1.04 32.03 -4.77
N GLY A 7 -1.39 30.77 -5.05
CA GLY A 7 -2.57 30.50 -5.85
C GLY A 7 -2.38 29.32 -6.79
N GLY A 8 -2.74 28.13 -6.32
CA GLY A 8 -2.59 26.94 -7.14
C GLY A 8 -3.42 25.78 -6.62
N PRO A 9 -4.28 25.23 -7.49
CA PRO A 9 -5.16 24.11 -7.14
C PRO A 9 -4.38 22.81 -6.94
N ASP A 10 -5.09 21.75 -6.59
CA ASP A 10 -4.46 20.45 -6.37
C ASP A 10 -4.83 19.48 -7.49
N THR A 11 -4.02 18.44 -7.64
CA THR A 11 -4.24 17.43 -8.67
C THR A 11 -4.34 16.03 -8.08
N ASP A 12 -3.41 15.71 -7.18
CA ASP A 12 -3.40 14.41 -6.53
C ASP A 12 -4.26 14.41 -5.28
N ASP A 13 -4.68 13.22 -4.85
CA ASP A 13 -5.52 13.09 -3.67
C ASP A 13 -4.84 12.21 -2.62
N PRO A 14 -4.39 12.85 -1.53
CA PRO A 14 -3.72 12.15 -0.43
C PRO A 14 -4.66 11.26 0.36
N ARG A 15 -5.93 11.27 -0.02
CA ARG A 15 -6.94 10.46 0.66
C ARG A 15 -6.80 8.99 0.28
N SER A 16 -6.59 8.73 -1.00
CA SER A 16 -6.45 7.36 -1.49
C SER A 16 -4.98 6.96 -1.54
N LYS A 17 -4.10 7.95 -1.71
CA LYS A 17 -2.67 7.70 -1.78
C LYS A 17 -2.23 6.73 -0.69
N HIS A 18 -1.18 5.98 -0.95
CA HIS A 18 -0.66 5.01 0.01
C HIS A 18 0.22 5.71 1.05
N LYS A 19 0.25 5.14 2.26
CA LYS A 19 1.05 5.70 3.35
C LYS A 19 2.19 4.77 3.72
N PHE A 20 2.75 4.09 2.72
CA PHE A 20 3.85 3.16 2.94
C PHE A 20 4.97 3.83 3.73
N LYS A 21 5.66 3.05 4.55
CA LYS A 21 6.76 3.58 5.36
C LYS A 21 7.85 2.51 5.52
N ILE A 22 9.10 2.92 5.27
CA ILE A 22 10.23 2.01 5.40
C ILE A 22 10.37 1.50 6.83
N HIS A 23 9.88 0.28 7.07
CA HIS A 23 9.97 -0.32 8.39
C HIS A 23 10.30 -1.81 8.29
N THR A 24 10.99 -2.33 9.30
CA THR A 24 11.37 -3.73 9.33
C THR A 24 10.27 -4.59 9.94
N TYR A 25 10.16 -5.82 9.45
CA TYR A 25 9.14 -6.75 9.95
C TYR A 25 9.75 -7.72 10.96
N GLY A 26 8.92 -8.18 11.89
CA GLY A 26 9.39 -9.12 12.90
C GLY A 26 9.42 -10.55 12.39
N SER A 27 8.79 -10.78 11.25
CA SER A 27 8.75 -12.12 10.66
C SER A 27 8.88 -12.04 9.14
N PRO A 28 9.21 -13.19 8.53
CA PRO A 28 9.36 -13.29 7.07
C PRO A 28 8.04 -13.15 6.33
N THR A 29 7.78 -11.95 5.82
CA THR A 29 6.54 -11.68 5.09
C THR A 29 6.76 -11.76 3.58
N PHE A 30 5.68 -11.97 2.85
CA PHE A 30 5.75 -12.07 1.39
C PHE A 30 5.07 -10.87 0.73
N CYS A 31 5.81 -10.21 -0.16
CA CYS A 31 5.28 -9.04 -0.86
C CYS A 31 3.85 -9.30 -1.34
N ASP A 32 3.13 -8.22 -1.62
CA ASP A 32 1.74 -8.33 -2.09
C ASP A 32 1.64 -7.94 -3.56
N HIS A 33 2.63 -7.18 -4.04
CA HIS A 33 2.65 -6.75 -5.43
C HIS A 33 3.27 -7.81 -6.32
N CYS A 34 4.57 -8.05 -6.15
CA CYS A 34 5.27 -9.04 -6.95
C CYS A 34 5.06 -10.45 -6.40
N GLY A 35 5.15 -10.58 -5.07
CA GLY A 35 4.97 -11.87 -4.44
C GLY A 35 6.28 -12.60 -4.22
N SER A 36 7.15 -12.00 -3.40
CA SER A 36 8.45 -12.61 -3.11
C SER A 36 8.81 -12.42 -1.64
N LEU A 37 9.47 -13.42 -1.07
CA LEU A 37 9.87 -13.37 0.33
C LEU A 37 10.75 -12.16 0.60
N LEU A 38 10.38 -11.38 1.60
CA LEU A 38 11.14 -10.18 1.97
C LEU A 38 12.38 -10.55 2.77
N TYR A 39 13.54 -10.09 2.29
CA TYR A 39 14.80 -10.37 2.96
C TYR A 39 15.38 -9.10 3.59
N GLY A 40 16.41 -9.27 4.41
CA GLY A 40 17.03 -8.13 5.06
C GLY A 40 16.74 -8.08 6.54
N LEU A 41 17.67 -7.52 7.30
CA LEU A 41 17.52 -7.40 8.75
C LEU A 41 16.62 -6.22 9.11
N ILE A 42 16.93 -5.05 8.56
CA ILE A 42 16.16 -3.85 8.82
C ILE A 42 15.86 -3.10 7.53
N HIS A 43 14.76 -2.34 7.53
CA HIS A 43 14.37 -1.56 6.36
C HIS A 43 14.19 -2.47 5.14
N GLN A 44 13.67 -3.68 5.39
CA GLN A 44 13.46 -4.64 4.31
C GLN A 44 12.61 -4.03 3.20
N GLY A 45 11.35 -3.75 3.51
CA GLY A 45 10.46 -3.16 2.52
C GLY A 45 9.68 -1.98 3.07
N MET A 46 8.40 -1.90 2.73
CA MET A 46 7.54 -0.82 3.19
C MET A 46 6.18 -1.35 3.64
N LYS A 47 5.63 -0.73 4.68
CA LYS A 47 4.33 -1.14 5.20
C LYS A 47 3.39 0.05 5.31
N CYS A 48 2.18 -0.11 4.78
CA CYS A 48 1.19 0.96 4.81
C CYS A 48 0.60 1.12 6.21
N ASP A 49 -0.08 2.23 6.43
CA ASP A 49 -0.69 2.51 7.73
C ASP A 49 -2.20 2.31 7.68
N THR A 50 -2.74 2.26 6.47
CA THR A 50 -4.17 2.07 6.28
C THR A 50 -4.48 0.67 5.78
N CYS A 51 -3.69 0.19 4.83
CA CYS A 51 -3.89 -1.14 4.27
C CYS A 51 -2.80 -2.09 4.76
N ASP A 52 -1.96 -1.61 5.65
CA ASP A 52 -0.87 -2.42 6.21
C ASP A 52 -0.42 -3.47 5.20
N MET A 53 -0.10 -3.03 4.00
CA MET A 53 0.35 -3.93 2.94
C MET A 53 1.87 -4.00 2.91
N ASN A 54 2.40 -5.23 2.84
CA ASN A 54 3.84 -5.45 2.80
C ASN A 54 4.34 -5.51 1.36
N VAL A 55 5.14 -4.52 0.96
CA VAL A 55 5.68 -4.48 -0.38
C VAL A 55 7.12 -3.97 -0.38
N HIS A 56 7.89 -4.34 -1.40
CA HIS A 56 9.27 -3.93 -1.51
C HIS A 56 9.38 -2.43 -1.79
N LYS A 57 10.52 -1.85 -1.45
CA LYS A 57 10.74 -0.42 -1.67
C LYS A 57 10.67 -0.09 -3.16
N GLN A 58 11.03 -1.05 -3.99
CA GLN A 58 11.00 -0.85 -5.44
C GLN A 58 9.67 -1.30 -6.02
N CYS A 59 8.83 -1.91 -5.19
CA CYS A 59 7.52 -2.39 -5.62
C CYS A 59 6.46 -1.32 -5.39
N VAL A 60 6.77 -0.35 -4.53
CA VAL A 60 5.84 0.72 -4.22
C VAL A 60 5.61 1.63 -5.43
N ILE A 61 6.63 1.73 -6.28
CA ILE A 61 6.54 2.56 -7.47
C ILE A 61 5.49 2.01 -8.45
N ASN A 62 5.24 0.70 -8.36
CA ASN A 62 4.25 0.06 -9.23
C ASN A 62 2.85 0.17 -8.64
N VAL A 63 2.75 -0.06 -7.33
CA VAL A 63 1.46 0.01 -6.65
C VAL A 63 0.70 1.27 -7.03
N PRO A 64 -0.61 1.14 -7.24
CA PRO A 64 -1.48 2.26 -7.61
C PRO A 64 -1.66 3.26 -6.47
N SER A 65 -1.46 4.54 -6.76
CA SER A 65 -1.60 5.58 -5.76
C SER A 65 -2.72 5.25 -4.78
N LEU A 66 -3.96 5.22 -5.28
CA LEU A 66 -5.11 4.92 -4.45
C LEU A 66 -4.80 3.76 -3.50
N CYS A 67 -5.56 3.68 -2.41
CA CYS A 67 -5.38 2.62 -1.42
C CYS A 67 -6.63 2.44 -0.57
N GLY A 68 -6.73 1.29 0.09
CA GLY A 68 -7.88 1.02 0.93
C GLY A 68 -8.98 0.28 0.19
N MET A 69 -8.68 -0.96 -0.19
CA MET A 69 -9.66 -1.78 -0.92
C MET A 69 -9.71 -3.19 -0.34
N ASP A 70 -8.55 -3.72 0.04
CA ASP A 70 -8.47 -5.06 0.60
C ASP A 70 -8.93 -6.10 -0.41
N HIS A 71 -8.42 -6.01 -1.63
CA HIS A 71 -8.78 -6.95 -2.69
C HIS A 71 -10.29 -6.98 -2.89
N THR A 72 -10.89 -5.80 -2.97
CA THR A 72 -12.34 -5.68 -3.16
C THR A 72 -12.83 -6.68 -4.21
N GLU A 73 -14.03 -7.20 -4.00
CA GLU A 73 -14.62 -8.16 -4.92
C GLU A 73 -16.13 -7.99 -5.01
N LYS A 74 -16.72 -8.52 -6.07
CA LYS A 74 -18.17 -8.42 -6.27
C LYS A 74 -18.91 -8.70 -4.96
N ARG A 75 -19.66 -7.70 -4.50
CA ARG A 75 -20.43 -7.83 -3.27
C ARG A 75 -21.61 -6.86 -3.25
N GLY A 76 -22.81 -7.40 -3.13
CA GLY A 76 -24.00 -6.58 -3.10
C GLY A 76 -25.28 -7.39 -2.97
N ARG A 77 -26.42 -6.70 -2.98
CA ARG A 77 -27.71 -7.37 -2.86
C ARG A 77 -28.18 -7.91 -4.20
N ILE A 78 -29.01 -8.95 -4.16
CA ILE A 78 -29.54 -9.56 -5.38
C ILE A 78 -31.06 -9.48 -5.42
N TYR A 79 -31.60 -9.07 -6.55
CA TYR A 79 -33.05 -8.97 -6.72
C TYR A 79 -33.44 -9.01 -8.19
N LEU A 80 -34.28 -9.98 -8.54
CA LEU A 80 -34.73 -10.14 -9.92
C LEU A 80 -35.97 -9.30 -10.19
N LYS A 81 -35.76 -8.06 -10.62
CA LYS A 81 -36.88 -7.16 -10.92
C LYS A 81 -36.62 -6.39 -12.20
N ALA A 82 -37.66 -5.75 -12.73
CA ALA A 82 -37.55 -4.97 -13.96
C ALA A 82 -37.30 -5.88 -15.16
N GLU A 83 -38.01 -7.00 -15.20
CA GLU A 83 -37.86 -7.96 -16.29
C GLU A 83 -39.10 -7.96 -17.18
N VAL A 84 -39.20 -6.97 -18.06
CA VAL A 84 -40.33 -6.85 -18.97
C VAL A 84 -39.86 -6.54 -20.39
N ALA A 85 -40.75 -6.73 -21.35
CA ALA A 85 -40.44 -6.46 -22.75
C ALA A 85 -41.67 -6.64 -23.63
ZN ZN B . -2.05 1.42 1.48
ZN ZN C . 7.69 -6.81 -4.24
N GLY A 1 25.64 34.08 -0.61
CA GLY A 1 24.74 34.24 -1.74
C GLY A 1 23.32 33.85 -1.40
N SER A 2 22.39 34.12 -2.31
CA SER A 2 20.99 33.81 -2.09
C SER A 2 20.37 33.22 -3.35
N SER A 3 20.09 31.91 -3.33
CA SER A 3 19.49 31.24 -4.48
C SER A 3 18.03 30.89 -4.20
N GLY A 4 17.79 30.24 -3.07
CA GLY A 4 16.43 29.87 -2.71
C GLY A 4 16.18 28.38 -2.87
N SER A 5 14.91 27.99 -2.86
CA SER A 5 14.54 26.60 -3.01
C SER A 5 13.05 26.45 -3.32
N SER A 6 12.71 25.43 -4.10
CA SER A 6 11.32 25.18 -4.47
C SER A 6 11.15 23.77 -5.03
N GLY A 7 9.90 23.40 -5.32
CA GLY A 7 9.63 22.08 -5.86
C GLY A 7 8.30 21.53 -5.38
N GLY A 8 7.64 20.75 -6.23
CA GLY A 8 6.36 20.17 -5.87
C GLY A 8 5.56 19.74 -7.08
N PRO A 9 5.50 18.41 -7.31
CA PRO A 9 4.77 17.84 -8.44
C PRO A 9 3.26 17.98 -8.29
N ASP A 10 2.52 17.44 -9.25
CA ASP A 10 1.06 17.51 -9.22
C ASP A 10 0.46 16.11 -9.07
N THR A 11 -0.59 16.01 -8.27
CA THR A 11 -1.25 14.73 -8.04
C THR A 11 -2.67 14.93 -7.50
N ASP A 12 -3.64 14.33 -8.16
CA ASP A 12 -5.03 14.44 -7.76
C ASP A 12 -5.43 13.29 -6.84
N ASP A 13 -6.40 13.52 -5.96
CA ASP A 13 -6.86 12.50 -5.04
C ASP A 13 -5.70 11.88 -4.28
N PRO A 14 -4.87 12.72 -3.68
CA PRO A 14 -3.69 12.28 -2.91
C PRO A 14 -4.08 11.57 -1.62
N ARG A 15 -5.38 11.47 -1.37
CA ARG A 15 -5.89 10.81 -0.17
C ARG A 15 -5.83 9.29 -0.31
N SER A 16 -5.98 8.81 -1.54
CA SER A 16 -5.96 7.38 -1.81
C SER A 16 -4.53 6.85 -1.74
N LYS A 17 -3.57 7.69 -2.10
CA LYS A 17 -2.15 7.30 -2.07
C LYS A 17 -1.87 6.36 -0.90
N HIS A 18 -0.87 5.50 -1.07
CA HIS A 18 -0.49 4.55 -0.03
C HIS A 18 0.41 5.20 1.00
N LYS A 19 0.12 4.98 2.28
CA LYS A 19 0.91 5.54 3.36
C LYS A 19 2.09 4.64 3.71
N PHE A 20 2.65 4.00 2.68
CA PHE A 20 3.80 3.11 2.87
C PHE A 20 4.92 3.82 3.62
N LYS A 21 5.49 3.14 4.61
CA LYS A 21 6.57 3.69 5.41
C LYS A 21 7.65 2.64 5.67
N ILE A 22 8.90 3.04 5.51
CA ILE A 22 10.02 2.13 5.74
C ILE A 22 10.00 1.57 7.16
N HIS A 23 9.71 0.28 7.26
CA HIS A 23 9.65 -0.38 8.56
C HIS A 23 10.31 -1.76 8.51
N THR A 24 10.77 -2.24 9.65
CA THR A 24 11.41 -3.55 9.72
C THR A 24 10.41 -4.64 10.06
N TYR A 25 10.46 -5.74 9.32
CA TYR A 25 9.56 -6.86 9.53
C TYR A 25 10.12 -7.83 10.57
N GLY A 26 9.31 -8.17 11.56
CA GLY A 26 9.75 -9.08 12.60
C GLY A 26 9.77 -10.52 12.13
N SER A 27 9.10 -10.79 11.01
CA SER A 27 9.04 -12.13 10.46
C SER A 27 9.04 -12.09 8.94
N PRO A 28 9.48 -13.21 8.32
CA PRO A 28 9.53 -13.33 6.86
C PRO A 28 8.15 -13.39 6.22
N THR A 29 7.78 -12.33 5.51
CA THR A 29 6.48 -12.27 4.85
C THR A 29 6.63 -12.27 3.33
N PHE A 30 5.57 -12.68 2.64
CA PHE A 30 5.58 -12.73 1.18
C PHE A 30 4.94 -11.49 0.59
N CYS A 31 5.70 -10.76 -0.22
CA CYS A 31 5.21 -9.55 -0.86
C CYS A 31 3.78 -9.74 -1.36
N ASP A 32 3.06 -8.63 -1.51
CA ASP A 32 1.68 -8.67 -1.98
C ASP A 32 1.61 -8.32 -3.47
N HIS A 33 2.46 -7.40 -3.90
CA HIS A 33 2.49 -6.99 -5.30
C HIS A 33 3.10 -8.08 -6.18
N CYS A 34 4.40 -8.26 -6.07
CA CYS A 34 5.11 -9.27 -6.85
C CYS A 34 4.95 -10.65 -6.23
N GLY A 35 4.92 -10.70 -4.90
CA GLY A 35 4.78 -11.96 -4.20
C GLY A 35 6.06 -12.41 -3.54
N SER A 36 7.19 -12.03 -4.13
CA SER A 36 8.50 -12.40 -3.60
C SER A 36 8.59 -12.10 -2.10
N LEU A 37 9.36 -12.90 -1.38
CA LEU A 37 9.53 -12.73 0.05
C LEU A 37 10.38 -11.50 0.35
N LEU A 38 10.14 -10.88 1.50
CA LEU A 38 10.87 -9.70 1.92
C LEU A 38 12.05 -10.07 2.82
N TYR A 39 13.26 -9.99 2.27
CA TYR A 39 14.46 -10.32 3.03
C TYR A 39 15.15 -9.06 3.54
N GLY A 40 16.18 -9.25 4.36
CA GLY A 40 16.90 -8.11 4.91
C GLY A 40 16.85 -8.07 6.42
N LEU A 41 17.78 -7.33 7.02
CA LEU A 41 17.83 -7.21 8.48
C LEU A 41 17.09 -5.96 8.95
N ILE A 42 17.30 -4.87 8.23
CA ILE A 42 16.65 -3.61 8.58
C ILE A 42 16.16 -2.88 7.33
N HIS A 43 15.01 -2.21 7.45
CA HIS A 43 14.44 -1.47 6.33
C HIS A 43 14.34 -2.36 5.09
N GLN A 44 13.72 -3.53 5.26
CA GLN A 44 13.55 -4.47 4.16
C GLN A 44 12.57 -3.93 3.12
N GLY A 45 11.35 -3.63 3.57
CA GLY A 45 10.34 -3.10 2.67
C GLY A 45 9.56 -1.95 3.29
N MET A 46 8.28 -1.87 2.95
CA MET A 46 7.42 -0.81 3.48
C MET A 46 6.07 -1.38 3.94
N LYS A 47 5.44 -0.68 4.87
CA LYS A 47 4.15 -1.11 5.39
C LYS A 47 3.17 0.05 5.46
N CYS A 48 2.09 -0.03 4.69
CA CYS A 48 1.07 1.03 4.67
C CYS A 48 0.55 1.30 6.08
N ASP A 49 -0.20 2.38 6.22
CA ASP A 49 -0.77 2.76 7.50
C ASP A 49 -2.27 2.49 7.53
N THR A 50 -2.90 2.56 6.36
CA THR A 50 -4.34 2.34 6.25
C THR A 50 -4.64 0.88 5.88
N CYS A 51 -3.83 0.33 4.97
CA CYS A 51 -4.00 -1.04 4.53
C CYS A 51 -2.88 -1.93 5.07
N ASP A 52 -1.87 -1.31 5.68
CA ASP A 52 -0.75 -2.05 6.23
C ASP A 52 -0.35 -3.21 5.32
N MET A 53 -0.09 -2.90 4.06
CA MET A 53 0.31 -3.91 3.09
C MET A 53 1.82 -4.06 3.03
N ASN A 54 2.29 -5.29 2.95
CA ASN A 54 3.72 -5.57 2.89
C ASN A 54 4.21 -5.60 1.44
N VAL A 55 5.11 -4.68 1.10
CA VAL A 55 5.66 -4.60 -0.24
C VAL A 55 7.11 -4.12 -0.22
N HIS A 56 7.88 -4.53 -1.22
CA HIS A 56 9.28 -4.13 -1.31
C HIS A 56 9.40 -2.63 -1.47
N LYS A 57 10.53 -2.08 -1.04
CA LYS A 57 10.77 -0.64 -1.13
C LYS A 57 10.68 -0.17 -2.59
N GLN A 58 10.98 -1.07 -3.51
CA GLN A 58 10.93 -0.76 -4.93
C GLN A 58 9.54 -1.05 -5.50
N CYS A 59 8.92 -2.11 -5.01
CA CYS A 59 7.60 -2.50 -5.48
C CYS A 59 6.60 -1.35 -5.32
N VAL A 60 6.82 -0.52 -4.29
CA VAL A 60 5.94 0.61 -4.04
C VAL A 60 5.80 1.49 -5.28
N ILE A 61 6.84 1.51 -6.11
CA ILE A 61 6.83 2.30 -7.33
C ILE A 61 5.79 1.77 -8.32
N ASN A 62 5.55 0.47 -8.29
CA ASN A 62 4.59 -0.17 -9.18
C ASN A 62 3.17 0.04 -8.66
N VAL A 63 2.98 -0.14 -7.36
CA VAL A 63 1.67 0.03 -6.75
C VAL A 63 1.02 1.33 -7.20
N PRO A 64 -0.28 1.26 -7.53
CA PRO A 64 -1.06 2.42 -7.98
C PRO A 64 -1.30 3.43 -6.85
N SER A 65 -1.28 4.71 -7.19
CA SER A 65 -1.50 5.76 -6.21
C SER A 65 -2.94 5.75 -5.70
N LEU A 66 -3.26 4.72 -4.93
CA LEU A 66 -4.61 4.59 -4.37
C LEU A 66 -4.65 3.54 -3.27
N CYS A 67 -5.59 3.68 -2.34
CA CYS A 67 -5.73 2.74 -1.25
C CYS A 67 -7.14 2.79 -0.66
N GLY A 68 -7.42 1.90 0.29
CA GLY A 68 -8.73 1.86 0.91
C GLY A 68 -9.75 1.12 0.06
N MET A 69 -9.47 -0.13 -0.23
CA MET A 69 -10.36 -0.95 -1.05
C MET A 69 -11.42 -1.62 -0.17
N ASP A 70 -11.96 -0.87 0.78
CA ASP A 70 -12.98 -1.40 1.68
C ASP A 70 -12.41 -2.49 2.58
N HIS A 71 -11.21 -2.23 3.11
CA HIS A 71 -10.55 -3.19 3.99
C HIS A 71 -10.51 -2.68 5.42
N THR A 72 -9.96 -1.48 5.61
CA THR A 72 -9.87 -0.88 6.93
C THR A 72 -11.17 -1.06 7.71
N GLU A 73 -11.05 -1.29 9.01
CA GLU A 73 -12.22 -1.47 9.87
C GLU A 73 -12.65 -0.15 10.48
N LYS A 74 -13.96 -0.02 10.74
CA LYS A 74 -14.51 1.19 11.33
C LYS A 74 -14.33 2.39 10.39
N ARG A 75 -14.68 2.20 9.13
CA ARG A 75 -14.56 3.25 8.13
C ARG A 75 -14.83 4.62 8.75
N GLY A 76 -14.04 5.61 8.36
CA GLY A 76 -14.22 6.95 8.89
C GLY A 76 -12.91 7.73 8.94
N ARG A 77 -12.82 8.78 8.13
CA ARG A 77 -11.62 9.60 8.09
C ARG A 77 -11.95 11.07 8.37
N ILE A 78 -10.91 11.86 8.62
CA ILE A 78 -11.10 13.28 8.90
C ILE A 78 -10.28 14.14 7.93
N TYR A 79 -10.91 15.18 7.41
CA TYR A 79 -10.25 16.08 6.47
C TYR A 79 -10.85 17.49 6.54
N LEU A 80 -10.01 18.50 6.38
CA LEU A 80 -10.45 19.88 6.43
C LEU A 80 -9.46 20.80 5.72
N LYS A 81 -9.95 21.58 4.76
CA LYS A 81 -9.11 22.50 4.01
C LYS A 81 -9.90 23.75 3.61
N ALA A 82 -9.22 24.89 3.60
CA ALA A 82 -9.85 26.15 3.23
C ALA A 82 -9.16 26.77 2.01
N GLU A 83 -9.95 27.44 1.17
CA GLU A 83 -9.41 28.08 -0.02
C GLU A 83 -10.05 29.44 -0.25
N VAL A 84 -9.24 30.40 -0.67
CA VAL A 84 -9.72 31.76 -0.91
C VAL A 84 -9.16 32.31 -2.22
N ALA A 85 -9.94 33.16 -2.88
CA ALA A 85 -9.52 33.77 -4.13
C ALA A 85 -9.75 35.27 -4.12
ZN ZN B . -2.18 1.09 1.30
ZN ZN C . 7.64 -7.15 -4.12
N GLY A 1 -5.35 46.96 -3.43
CA GLY A 1 -5.95 46.14 -4.46
C GLY A 1 -5.51 44.69 -4.36
N SER A 2 -6.48 43.78 -4.39
CA SER A 2 -6.21 42.36 -4.30
C SER A 2 -5.86 41.78 -5.67
N SER A 3 -6.81 41.87 -6.59
CA SER A 3 -6.62 41.36 -7.94
C SER A 3 -5.77 40.09 -7.93
N GLY A 4 -6.05 39.22 -6.96
CA GLY A 4 -5.31 37.98 -6.85
C GLY A 4 -6.20 36.76 -6.96
N SER A 5 -5.66 35.68 -7.50
CA SER A 5 -6.41 34.44 -7.67
C SER A 5 -5.73 33.29 -6.95
N SER A 6 -6.51 32.32 -6.51
CA SER A 6 -5.99 31.15 -5.80
C SER A 6 -5.40 30.14 -6.78
N GLY A 7 -6.24 29.65 -7.68
CA GLY A 7 -5.80 28.68 -8.66
C GLY A 7 -6.78 27.55 -8.85
N GLY A 8 -6.28 26.40 -9.32
CA GLY A 8 -7.15 25.26 -9.53
C GLY A 8 -6.49 23.95 -9.12
N PRO A 9 -6.96 23.36 -8.02
CA PRO A 9 -6.42 22.11 -7.49
C PRO A 9 -6.78 20.92 -8.38
N ASP A 10 -5.79 20.07 -8.64
CA ASP A 10 -6.00 18.89 -9.48
C ASP A 10 -7.19 18.07 -8.98
N THR A 11 -7.83 17.36 -9.90
CA THR A 11 -8.99 16.54 -9.56
C THR A 11 -8.55 15.16 -9.09
N ASP A 12 -7.47 15.11 -8.32
CA ASP A 12 -6.95 13.84 -7.81
C ASP A 12 -7.38 13.62 -6.37
N ASP A 13 -7.39 12.37 -5.94
CA ASP A 13 -7.78 12.01 -4.58
C ASP A 13 -6.57 11.68 -3.73
N PRO A 14 -6.09 12.67 -2.96
CA PRO A 14 -4.92 12.50 -2.09
C PRO A 14 -5.20 11.59 -0.90
N ARG A 15 -6.44 11.11 -0.82
CA ARG A 15 -6.85 10.23 0.27
C ARG A 15 -6.63 8.77 -0.11
N SER A 16 -6.81 8.46 -1.38
CA SER A 16 -6.63 7.09 -1.87
C SER A 16 -5.15 6.72 -1.91
N LYS A 17 -4.29 7.72 -1.85
CA LYS A 17 -2.85 7.49 -1.88
C LYS A 17 -2.45 6.47 -0.83
N HIS A 18 -1.32 5.79 -1.07
CA HIS A 18 -0.82 4.79 -0.14
C HIS A 18 0.07 5.42 0.92
N LYS A 19 -0.08 4.98 2.16
CA LYS A 19 0.71 5.50 3.26
C LYS A 19 1.77 4.48 3.69
N PHE A 20 2.78 4.29 2.84
CA PHE A 20 3.85 3.35 3.14
C PHE A 20 4.94 4.01 3.98
N LYS A 21 5.45 3.28 4.97
CA LYS A 21 6.48 3.79 5.84
C LYS A 21 7.59 2.76 6.04
N ILE A 22 8.84 3.19 5.90
CA ILE A 22 9.97 2.30 6.06
C ILE A 22 10.02 1.72 7.47
N HIS A 23 9.85 0.40 7.57
CA HIS A 23 9.87 -0.28 8.86
C HIS A 23 10.51 -1.66 8.73
N THR A 24 10.90 -2.23 9.87
CA THR A 24 11.53 -3.55 9.88
C THR A 24 10.55 -4.62 10.33
N TYR A 25 10.65 -5.79 9.73
CA TYR A 25 9.78 -6.91 10.07
C TYR A 25 10.53 -8.00 10.83
N GLY A 26 9.95 -8.45 11.93
CA GLY A 26 10.59 -9.49 12.73
C GLY A 26 10.25 -10.88 12.25
N SER A 27 9.39 -10.97 11.23
CA SER A 27 8.98 -12.25 10.68
C SER A 27 9.05 -12.24 9.16
N PRO A 28 9.19 -13.44 8.57
CA PRO A 28 9.27 -13.58 7.12
C PRO A 28 7.94 -13.28 6.42
N THR A 29 7.85 -12.08 5.85
CA THR A 29 6.63 -11.67 5.15
C THR A 29 6.78 -11.84 3.64
N PHE A 30 5.65 -11.91 2.95
CA PHE A 30 5.65 -12.06 1.50
C PHE A 30 4.98 -10.87 0.82
N CYS A 31 5.69 -10.28 -0.14
CA CYS A 31 5.18 -9.12 -0.87
C CYS A 31 3.76 -9.38 -1.36
N ASP A 32 3.03 -8.30 -1.64
CA ASP A 32 1.66 -8.41 -2.13
C ASP A 32 1.58 -8.05 -3.61
N HIS A 33 2.55 -7.27 -4.08
CA HIS A 33 2.59 -6.85 -5.47
C HIS A 33 3.17 -7.95 -6.35
N CYS A 34 4.44 -8.27 -6.13
CA CYS A 34 5.12 -9.31 -6.90
C CYS A 34 4.82 -10.70 -6.33
N GLY A 35 4.96 -10.83 -5.01
CA GLY A 35 4.71 -12.09 -4.37
C GLY A 35 5.98 -12.79 -3.92
N SER A 36 6.99 -11.99 -3.57
CA SER A 36 8.27 -12.53 -3.13
C SER A 36 8.54 -12.15 -1.67
N LEU A 37 9.15 -13.08 -0.94
CA LEU A 37 9.47 -12.84 0.47
C LEU A 37 10.24 -11.54 0.65
N LEU A 38 10.06 -10.92 1.81
CA LEU A 38 10.74 -9.66 2.11
C LEU A 38 11.96 -9.90 2.99
N TYR A 39 13.09 -10.23 2.37
CA TYR A 39 14.32 -10.48 3.11
C TYR A 39 14.95 -9.17 3.57
N GLY A 40 16.00 -9.28 4.38
CA GLY A 40 16.68 -8.10 4.89
C GLY A 40 16.59 -7.98 6.40
N LEU A 41 17.68 -7.55 7.03
CA LEU A 41 17.72 -7.39 8.47
C LEU A 41 16.92 -6.17 8.91
N ILE A 42 17.27 -5.02 8.34
CA ILE A 42 16.58 -3.77 8.67
C ILE A 42 16.04 -3.09 7.41
N HIS A 43 14.94 -2.38 7.56
CA HIS A 43 14.32 -1.67 6.44
C HIS A 43 14.18 -2.59 5.23
N GLN A 44 13.60 -3.77 5.45
CA GLN A 44 13.41 -4.74 4.38
C GLN A 44 12.52 -4.17 3.28
N GLY A 45 11.30 -3.79 3.66
CA GLY A 45 10.36 -3.23 2.69
C GLY A 45 9.54 -2.10 3.27
N MET A 46 8.42 -1.80 2.62
CA MET A 46 7.53 -0.73 3.07
C MET A 46 6.16 -1.28 3.42
N LYS A 47 5.57 -0.75 4.49
CA LYS A 47 4.25 -1.18 4.93
C LYS A 47 3.28 0.00 4.99
N CYS A 48 2.09 -0.19 4.45
CA CYS A 48 1.07 0.85 4.45
C CYS A 48 0.55 1.11 5.87
N ASP A 49 -0.14 2.22 6.04
CA ASP A 49 -0.70 2.59 7.33
C ASP A 49 -2.20 2.32 7.38
N THR A 50 -2.80 2.13 6.21
CA THR A 50 -4.23 1.87 6.12
C THR A 50 -4.49 0.44 5.68
N CYS A 51 -3.82 0.01 4.62
CA CYS A 51 -3.98 -1.35 4.10
C CYS A 51 -2.82 -2.24 4.53
N ASP A 52 -1.97 -1.71 5.42
CA ASP A 52 -0.83 -2.46 5.92
C ASP A 52 -0.28 -3.39 4.84
N MET A 53 -0.12 -2.86 3.63
CA MET A 53 0.40 -3.64 2.52
C MET A 53 1.93 -3.73 2.58
N ASN A 54 2.43 -4.97 2.58
CA ASN A 54 3.87 -5.19 2.65
C ASN A 54 4.46 -5.35 1.24
N VAL A 55 5.06 -4.29 0.74
CA VAL A 55 5.67 -4.31 -0.59
C VAL A 55 7.14 -3.91 -0.54
N HIS A 56 7.89 -4.29 -1.57
CA HIS A 56 9.31 -3.96 -1.65
C HIS A 56 9.52 -2.49 -1.96
N LYS A 57 10.69 -1.97 -1.62
CA LYS A 57 11.03 -0.57 -1.87
C LYS A 57 10.85 -0.23 -3.34
N GLN A 58 11.13 -1.20 -4.20
CA GLN A 58 11.01 -1.00 -5.64
C GLN A 58 9.63 -1.43 -6.14
N CYS A 59 8.86 -2.05 -5.25
CA CYS A 59 7.53 -2.51 -5.60
C CYS A 59 6.47 -1.46 -5.28
N VAL A 60 6.82 -0.54 -4.37
CA VAL A 60 5.91 0.52 -3.97
C VAL A 60 5.71 1.53 -5.10
N ILE A 61 6.74 1.67 -5.94
CA ILE A 61 6.67 2.59 -7.07
C ILE A 61 5.70 2.09 -8.13
N ASN A 62 5.39 0.81 -8.09
CA ASN A 62 4.47 0.21 -9.05
C ASN A 62 3.03 0.30 -8.56
N VAL A 63 2.83 0.02 -7.28
CA VAL A 63 1.51 0.07 -6.67
C VAL A 63 0.76 1.34 -7.10
N PRO A 64 -0.54 1.18 -7.40
CA PRO A 64 -1.39 2.29 -7.82
C PRO A 64 -1.67 3.27 -6.68
N SER A 65 -1.48 4.56 -6.96
CA SER A 65 -1.70 5.60 -5.96
C SER A 65 -2.83 5.20 -5.01
N LEU A 66 -4.03 5.06 -5.57
CA LEU A 66 -5.19 4.68 -4.78
C LEU A 66 -4.86 3.53 -3.83
N CYS A 67 -5.66 3.39 -2.78
CA CYS A 67 -5.47 2.33 -1.80
C CYS A 67 -6.76 2.01 -1.06
N GLY A 68 -6.91 0.75 -0.66
CA GLY A 68 -8.11 0.33 0.04
C GLY A 68 -8.89 -0.73 -0.71
N MET A 69 -8.18 -1.72 -1.25
CA MET A 69 -8.81 -2.79 -1.99
C MET A 69 -8.57 -4.14 -1.32
N ASP A 70 -9.64 -4.88 -1.09
CA ASP A 70 -9.55 -6.19 -0.46
C ASP A 70 -8.36 -6.97 -1.01
N HIS A 71 -7.75 -7.79 -0.15
CA HIS A 71 -6.59 -8.59 -0.55
C HIS A 71 -6.49 -9.85 0.30
N THR A 72 -6.52 -11.00 -0.36
CA THR A 72 -6.42 -12.29 0.35
C THR A 72 -5.01 -12.85 0.28
N GLU A 73 -4.56 -13.43 1.39
CA GLU A 73 -3.22 -14.00 1.46
C GLU A 73 -3.29 -15.47 1.84
N LYS A 74 -2.54 -16.31 1.13
CA LYS A 74 -2.50 -17.74 1.40
C LYS A 74 -1.26 -18.11 2.22
N ARG A 75 -1.45 -18.23 3.53
CA ARG A 75 -0.35 -18.58 4.43
C ARG A 75 0.37 -19.84 3.94
N GLY A 76 1.68 -19.87 4.12
CA GLY A 76 2.46 -21.02 3.70
C GLY A 76 3.12 -21.73 4.86
N ARG A 77 3.97 -22.72 4.55
CA ARG A 77 4.66 -23.48 5.57
C ARG A 77 6.10 -23.76 5.16
N ILE A 78 7.00 -23.82 6.14
CA ILE A 78 8.40 -24.08 5.88
C ILE A 78 8.96 -25.12 6.85
N TYR A 79 9.76 -26.04 6.32
CA TYR A 79 10.36 -27.08 7.14
C TYR A 79 11.64 -26.59 7.82
N LEU A 80 11.65 -26.64 9.15
CA LEU A 80 12.81 -26.18 9.91
C LEU A 80 14.07 -26.89 9.43
N LYS A 81 15.21 -26.21 9.56
CA LYS A 81 16.50 -26.77 9.16
C LYS A 81 17.04 -27.72 10.22
N ALA A 82 17.22 -28.98 9.84
CA ALA A 82 17.75 -29.98 10.77
C ALA A 82 18.37 -31.15 10.01
N GLU A 83 19.69 -31.22 10.03
CA GLU A 83 20.41 -32.29 9.34
C GLU A 83 21.16 -33.17 10.35
N VAL A 84 21.14 -32.77 11.61
CA VAL A 84 21.81 -33.52 12.66
C VAL A 84 21.36 -33.05 14.04
N ALA A 85 21.26 -33.98 14.98
CA ALA A 85 20.86 -33.66 16.35
C ALA A 85 21.52 -34.61 17.35
ZN ZN B . -2.28 1.17 1.23
ZN ZN C . 7.59 -7.00 -4.32
N GLY A 1 -21.28 12.10 -10.14
CA GLY A 1 -19.84 11.93 -10.19
C GLY A 1 -19.44 10.46 -10.20
N SER A 2 -18.38 10.15 -10.95
CA SER A 2 -17.89 8.78 -11.06
C SER A 2 -18.96 7.86 -11.65
N SER A 3 -19.58 8.32 -12.73
CA SER A 3 -20.63 7.55 -13.39
C SER A 3 -20.13 6.15 -13.75
N GLY A 4 -18.95 6.09 -14.36
CA GLY A 4 -18.37 4.81 -14.74
C GLY A 4 -16.93 4.68 -14.32
N SER A 5 -16.02 4.74 -15.30
CA SER A 5 -14.60 4.62 -15.02
C SER A 5 -14.30 3.32 -14.28
N SER A 6 -14.77 2.20 -14.83
CA SER A 6 -14.55 0.90 -14.22
C SER A 6 -13.36 0.18 -14.86
N GLY A 7 -12.23 0.88 -14.92
CA GLY A 7 -11.03 0.30 -15.51
C GLY A 7 -9.78 1.02 -15.08
N GLY A 8 -8.68 0.77 -15.80
CA GLY A 8 -7.42 1.41 -15.48
C GLY A 8 -7.60 2.76 -14.82
N PRO A 9 -6.83 3.01 -13.75
CA PRO A 9 -6.89 4.28 -13.01
C PRO A 9 -6.34 5.45 -13.82
N ASP A 10 -7.12 6.53 -13.89
CA ASP A 10 -6.72 7.72 -14.62
C ASP A 10 -6.95 8.98 -13.78
N THR A 11 -6.92 8.82 -12.47
CA THR A 11 -7.12 9.94 -11.56
C THR A 11 -6.03 10.00 -10.51
N ASP A 12 -6.06 11.06 -9.70
CA ASP A 12 -5.06 11.23 -8.64
C ASP A 12 -5.65 12.00 -7.47
N ASP A 13 -5.15 11.73 -6.27
CA ASP A 13 -5.63 12.40 -5.06
C ASP A 13 -4.72 12.10 -3.88
N PRO A 14 -4.40 13.15 -3.10
CA PRO A 14 -3.52 13.03 -1.92
C PRO A 14 -4.19 12.25 -0.78
N ARG A 15 -5.49 12.00 -0.93
CA ARG A 15 -6.25 11.27 0.08
C ARG A 15 -6.17 9.76 -0.17
N SER A 16 -6.19 9.38 -1.44
CA SER A 16 -6.14 7.98 -1.82
C SER A 16 -4.70 7.47 -1.84
N LYS A 17 -3.75 8.41 -1.92
CA LYS A 17 -2.34 8.06 -1.94
C LYS A 17 -2.01 7.01 -0.87
N HIS A 18 -0.90 6.31 -1.06
CA HIS A 18 -0.48 5.29 -0.12
C HIS A 18 0.41 5.88 0.97
N LYS A 19 0.34 5.29 2.16
CA LYS A 19 1.14 5.76 3.30
C LYS A 19 2.21 4.74 3.66
N PHE A 20 2.79 4.10 2.65
CA PHE A 20 3.83 3.11 2.87
C PHE A 20 4.97 3.69 3.70
N LYS A 21 5.06 3.24 4.95
CA LYS A 21 6.11 3.71 5.86
C LYS A 21 7.18 2.64 6.06
N ILE A 22 8.41 2.97 5.69
CA ILE A 22 9.52 2.04 5.83
C ILE A 22 9.69 1.60 7.27
N HIS A 23 9.56 0.29 7.50
CA HIS A 23 9.69 -0.27 8.85
C HIS A 23 10.32 -1.65 8.79
N THR A 24 10.81 -2.12 9.93
CA THR A 24 11.43 -3.44 10.02
C THR A 24 10.44 -4.49 10.47
N TYR A 25 10.65 -5.73 10.04
CA TYR A 25 9.78 -6.84 10.40
C TYR A 25 10.51 -7.87 11.25
N GLY A 26 9.78 -8.53 12.13
CA GLY A 26 10.37 -9.54 12.99
C GLY A 26 10.28 -10.93 12.40
N SER A 27 9.46 -11.08 11.37
CA SER A 27 9.27 -12.38 10.72
C SER A 27 9.35 -12.23 9.20
N PRO A 28 9.56 -13.37 8.51
CA PRO A 28 9.66 -13.40 7.05
C PRO A 28 8.32 -13.12 6.38
N THR A 29 8.14 -11.89 5.91
CA THR A 29 6.91 -11.49 5.24
C THR A 29 7.06 -11.56 3.73
N PHE A 30 5.95 -11.86 3.04
CA PHE A 30 5.96 -11.96 1.59
C PHE A 30 5.28 -10.74 0.96
N CYS A 31 5.89 -10.22 -0.10
CA CYS A 31 5.35 -9.06 -0.79
C CYS A 31 3.90 -9.30 -1.22
N ASP A 32 3.17 -8.22 -1.45
CA ASP A 32 1.77 -8.32 -1.85
C ASP A 32 1.61 -7.91 -3.31
N HIS A 33 2.53 -7.08 -3.79
CA HIS A 33 2.49 -6.62 -5.18
C HIS A 33 3.02 -7.69 -6.13
N CYS A 34 4.29 -8.02 -5.98
CA CYS A 34 4.92 -9.03 -6.82
C CYS A 34 4.69 -10.43 -6.27
N GLY A 35 4.90 -10.58 -4.96
CA GLY A 35 4.70 -11.87 -4.33
C GLY A 35 6.00 -12.64 -4.17
N SER A 36 6.92 -12.09 -3.39
CA SER A 36 8.22 -12.73 -3.16
C SER A 36 8.70 -12.49 -1.74
N LEU A 37 9.31 -13.51 -1.14
CA LEU A 37 9.82 -13.42 0.22
C LEU A 37 10.64 -12.14 0.39
N LEU A 38 10.34 -11.39 1.44
CA LEU A 38 11.06 -10.15 1.73
C LEU A 38 12.37 -10.44 2.45
N TYR A 39 13.49 -10.19 1.76
CA TYR A 39 14.81 -10.42 2.34
C TYR A 39 15.31 -9.18 3.06
N GLY A 40 16.32 -9.37 3.92
CA GLY A 40 16.87 -8.25 4.67
C GLY A 40 16.53 -8.32 6.14
N LEU A 41 17.30 -7.62 6.96
CA LEU A 41 17.08 -7.60 8.40
C LEU A 41 16.46 -6.27 8.83
N ILE A 42 17.02 -5.17 8.35
CA ILE A 42 16.52 -3.84 8.69
C ILE A 42 15.94 -3.15 7.46
N HIS A 43 14.79 -2.50 7.64
CA HIS A 43 14.13 -1.79 6.54
C HIS A 43 13.98 -2.70 5.31
N GLN A 44 13.54 -3.93 5.55
CA GLN A 44 13.36 -4.89 4.46
C GLN A 44 12.45 -4.33 3.39
N GLY A 45 11.32 -3.74 3.81
CA GLY A 45 10.38 -3.18 2.86
C GLY A 45 9.58 -2.05 3.47
N MET A 46 8.36 -1.85 2.97
CA MET A 46 7.48 -0.79 3.46
C MET A 46 6.14 -1.36 3.88
N LYS A 47 5.46 -0.66 4.79
CA LYS A 47 4.16 -1.09 5.27
C LYS A 47 3.20 0.09 5.40
N CYS A 48 2.10 0.04 4.66
CA CYS A 48 1.11 1.12 4.68
C CYS A 48 0.48 1.23 6.07
N ASP A 49 -0.22 2.34 6.29
CA ASP A 49 -0.88 2.58 7.57
C ASP A 49 -2.38 2.41 7.44
N THR A 50 -2.88 2.42 6.21
CA THR A 50 -4.30 2.28 5.95
C THR A 50 -4.62 0.89 5.41
N CYS A 51 -3.73 0.35 4.59
CA CYS A 51 -3.92 -0.97 4.00
C CYS A 51 -2.83 -1.92 4.46
N ASP A 52 -1.90 -1.42 5.27
CA ASP A 52 -0.80 -2.23 5.79
C ASP A 52 -0.40 -3.29 4.77
N MET A 53 -0.12 -2.86 3.54
CA MET A 53 0.29 -3.78 2.48
C MET A 53 1.80 -3.85 2.37
N ASN A 54 2.37 -4.98 2.80
CA ASN A 54 3.81 -5.17 2.75
C ASN A 54 4.30 -5.29 1.32
N VAL A 55 5.15 -4.36 0.90
CA VAL A 55 5.69 -4.37 -0.45
C VAL A 55 7.16 -3.95 -0.46
N HIS A 56 7.88 -4.34 -1.51
CA HIS A 56 9.29 -4.01 -1.63
C HIS A 56 9.47 -2.51 -1.90
N LYS A 57 10.61 -1.97 -1.48
CA LYS A 57 10.91 -0.55 -1.67
C LYS A 57 10.83 -0.18 -3.15
N GLN A 58 11.11 -1.15 -4.02
CA GLN A 58 11.07 -0.92 -5.46
C GLN A 58 9.70 -1.29 -6.03
N CYS A 59 8.92 -2.03 -5.26
CA CYS A 59 7.59 -2.45 -5.68
C CYS A 59 6.56 -1.33 -5.45
N VAL A 60 6.91 -0.39 -4.58
CA VAL A 60 6.03 0.72 -4.27
C VAL A 60 5.85 1.64 -5.48
N ILE A 61 6.77 1.54 -6.44
CA ILE A 61 6.71 2.34 -7.65
C ILE A 61 5.64 1.82 -8.61
N ASN A 62 5.27 0.56 -8.44
CA ASN A 62 4.26 -0.07 -9.28
C ASN A 62 2.87 0.11 -8.69
N VAL A 63 2.76 -0.11 -7.38
CA VAL A 63 1.48 0.03 -6.69
C VAL A 63 0.75 1.29 -7.12
N PRO A 64 -0.58 1.17 -7.31
CA PRO A 64 -1.41 2.31 -7.73
C PRO A 64 -1.56 3.35 -6.63
N SER A 65 -1.35 4.61 -6.99
CA SER A 65 -1.45 5.71 -6.04
C SER A 65 -2.59 5.46 -5.04
N LEU A 66 -3.82 5.47 -5.54
CA LEU A 66 -4.99 5.24 -4.69
C LEU A 66 -4.74 4.10 -3.71
N CYS A 67 -5.51 4.08 -2.63
CA CYS A 67 -5.38 3.03 -1.62
C CYS A 67 -6.64 2.93 -0.78
N GLY A 68 -6.81 1.78 -0.12
CA GLY A 68 -7.98 1.58 0.71
C GLY A 68 -9.01 0.69 0.04
N MET A 69 -8.55 -0.39 -0.58
CA MET A 69 -9.44 -1.32 -1.27
C MET A 69 -8.68 -2.55 -1.76
N ASP A 70 -9.15 -3.72 -1.38
CA ASP A 70 -8.51 -4.97 -1.79
C ASP A 70 -9.16 -5.52 -3.05
N HIS A 71 -9.62 -4.63 -3.92
CA HIS A 71 -10.26 -5.02 -5.17
C HIS A 71 -10.43 -3.82 -6.09
N THR A 72 -9.89 -3.92 -7.30
CA THR A 72 -10.00 -2.84 -8.27
C THR A 72 -11.42 -2.67 -8.77
N GLU A 73 -11.94 -1.45 -8.66
CA GLU A 73 -13.30 -1.15 -9.09
C GLU A 73 -13.51 0.35 -9.25
N LYS A 74 -14.25 0.74 -10.28
CA LYS A 74 -14.53 2.15 -10.52
C LYS A 74 -13.35 3.02 -10.12
N ARG A 75 -12.17 2.70 -10.66
CA ARG A 75 -10.96 3.44 -10.35
C ARG A 75 -10.70 4.50 -11.42
N GLY A 76 -10.71 4.09 -12.68
CA GLY A 76 -10.48 5.01 -13.78
C GLY A 76 -11.15 4.57 -15.06
N ARG A 77 -10.90 5.30 -16.14
CA ARG A 77 -11.49 4.99 -17.43
C ARG A 77 -11.40 3.49 -17.73
N ILE A 78 -12.08 3.05 -18.78
CA ILE A 78 -12.08 1.65 -19.15
C ILE A 78 -10.94 1.35 -20.12
N TYR A 79 -9.71 1.45 -19.63
CA TYR A 79 -8.53 1.19 -20.44
C TYR A 79 -7.42 0.55 -19.61
N LEU A 80 -7.04 -0.66 -20.01
CA LEU A 80 -5.98 -1.38 -19.30
C LEU A 80 -4.86 -1.81 -20.26
N LYS A 81 -3.63 -1.48 -19.89
CA LYS A 81 -2.47 -1.82 -20.71
C LYS A 81 -1.54 -2.76 -19.97
N ALA A 82 -1.28 -3.92 -20.57
CA ALA A 82 -0.40 -4.91 -19.97
C ALA A 82 1.06 -4.54 -20.16
N GLU A 83 1.77 -4.36 -19.04
CA GLU A 83 3.18 -3.99 -19.09
C GLU A 83 3.99 -4.84 -18.11
N VAL A 84 5.29 -4.95 -18.38
CA VAL A 84 6.17 -5.74 -17.53
C VAL A 84 7.04 -4.83 -16.66
N ALA A 85 7.40 -5.32 -15.47
CA ALA A 85 8.22 -4.56 -14.55
C ALA A 85 9.30 -5.43 -13.92
ZN ZN B . -2.06 1.74 1.32
ZN ZN C . 7.56 -6.96 -4.40
N GLY A 1 13.07 33.28 -7.80
CA GLY A 1 12.24 34.36 -8.29
C GLY A 1 10.92 33.86 -8.84
N SER A 2 10.50 34.40 -9.97
CA SER A 2 9.24 34.00 -10.59
C SER A 2 8.13 33.88 -9.55
N SER A 3 8.10 34.84 -8.63
CA SER A 3 7.09 34.85 -7.57
C SER A 3 5.71 34.58 -8.14
N GLY A 4 5.19 33.38 -7.89
CA GLY A 4 3.87 33.02 -8.38
C GLY A 4 3.18 32.01 -7.50
N SER A 5 1.87 31.86 -7.68
CA SER A 5 1.08 30.92 -6.89
C SER A 5 0.19 30.07 -7.78
N SER A 6 0.77 29.00 -8.34
CA SER A 6 0.03 28.10 -9.21
C SER A 6 0.37 26.66 -8.92
N GLY A 7 -0.38 25.74 -9.52
CA GLY A 7 -0.15 24.32 -9.30
C GLY A 7 -0.69 23.84 -7.97
N GLY A 8 -2.00 23.61 -7.92
CA GLY A 8 -2.63 23.15 -6.69
C GLY A 8 -2.53 21.65 -6.53
N PRO A 9 -3.64 20.95 -6.81
CA PRO A 9 -3.71 19.49 -6.70
C PRO A 9 -2.88 18.79 -7.77
N ASP A 10 -1.92 17.98 -7.34
CA ASP A 10 -1.06 17.26 -8.26
C ASP A 10 -1.89 16.43 -9.24
N THR A 11 -1.27 16.03 -10.35
CA THR A 11 -1.94 15.24 -11.36
C THR A 11 -2.58 14.00 -10.76
N ASP A 12 -1.74 13.15 -10.17
CA ASP A 12 -2.21 11.91 -9.54
C ASP A 12 -3.37 12.20 -8.60
N ASP A 13 -3.91 11.14 -7.99
CA ASP A 13 -5.02 11.27 -7.06
C ASP A 13 -4.53 11.21 -5.61
N PRO A 14 -4.41 12.39 -4.98
CA PRO A 14 -3.95 12.50 -3.59
C PRO A 14 -4.97 11.95 -2.60
N ARG A 15 -6.22 11.83 -3.05
CA ARG A 15 -7.29 11.32 -2.19
C ARG A 15 -7.02 9.88 -1.77
N SER A 16 -6.45 9.10 -2.69
CA SER A 16 -6.14 7.70 -2.42
C SER A 16 -4.65 7.44 -2.56
N LYS A 17 -3.91 7.69 -1.48
CA LYS A 17 -2.46 7.48 -1.46
C LYS A 17 -2.08 6.36 -0.52
N HIS A 18 -0.83 5.92 -0.59
CA HIS A 18 -0.33 4.85 0.27
C HIS A 18 0.56 5.40 1.36
N LYS A 19 0.33 4.96 2.59
CA LYS A 19 1.12 5.41 3.74
C LYS A 19 2.22 4.41 4.06
N PHE A 20 2.97 4.02 3.04
CA PHE A 20 4.07 3.07 3.21
C PHE A 20 5.19 3.68 4.05
N LYS A 21 5.44 3.08 5.21
CA LYS A 21 6.48 3.57 6.11
C LYS A 21 7.60 2.54 6.23
N ILE A 22 8.80 2.92 5.79
CA ILE A 22 9.95 2.03 5.86
C ILE A 22 10.23 1.59 7.29
N HIS A 23 9.95 0.33 7.58
CA HIS A 23 10.17 -0.22 8.92
C HIS A 23 10.69 -1.65 8.84
N THR A 24 11.26 -2.12 9.95
CA THR A 24 11.80 -3.48 10.01
C THR A 24 10.71 -4.50 10.29
N TYR A 25 10.92 -5.73 9.85
CA TYR A 25 9.95 -6.81 10.04
C TYR A 25 10.51 -7.89 10.95
N GLY A 26 9.66 -8.46 11.79
CA GLY A 26 10.09 -9.51 12.70
C GLY A 26 9.42 -10.84 12.40
N SER A 27 9.18 -11.10 11.13
CA SER A 27 8.53 -12.35 10.72
C SER A 27 8.60 -12.52 9.20
N PRO A 28 8.53 -13.79 8.75
CA PRO A 28 8.58 -14.11 7.32
C PRO A 28 7.31 -13.68 6.59
N THR A 29 7.43 -12.64 5.78
CA THR A 29 6.30 -12.12 5.01
C THR A 29 6.61 -12.10 3.52
N PHE A 30 5.56 -12.06 2.71
CA PHE A 30 5.72 -12.04 1.25
C PHE A 30 5.10 -10.79 0.66
N CYS A 31 5.84 -10.14 -0.24
CA CYS A 31 5.36 -8.92 -0.88
C CYS A 31 3.90 -9.06 -1.31
N ASP A 32 3.24 -7.93 -1.52
CA ASP A 32 1.85 -7.93 -1.94
C ASP A 32 1.72 -7.67 -3.44
N HIS A 33 2.69 -6.97 -4.00
CA HIS A 33 2.69 -6.65 -5.43
C HIS A 33 3.16 -7.85 -6.24
N CYS A 34 4.44 -8.18 -6.11
CA CYS A 34 5.03 -9.30 -6.83
C CYS A 34 4.74 -10.62 -6.11
N GLY A 35 4.78 -10.59 -4.78
CA GLY A 35 4.52 -11.78 -4.00
C GLY A 35 5.76 -12.63 -3.80
N SER A 36 6.72 -12.09 -3.04
CA SER A 36 7.97 -12.79 -2.78
C SER A 36 8.43 -12.55 -1.34
N LEU A 37 9.12 -13.54 -0.78
CA LEU A 37 9.61 -13.44 0.59
C LEU A 37 10.45 -12.17 0.77
N LEU A 38 10.07 -11.37 1.77
CA LEU A 38 10.78 -10.13 2.05
C LEU A 38 11.91 -10.35 3.05
N TYR A 39 13.15 -10.23 2.58
CA TYR A 39 14.32 -10.42 3.43
C TYR A 39 15.06 -9.11 3.64
N GLY A 40 16.13 -9.17 4.43
CA GLY A 40 16.91 -7.98 4.70
C GLY A 40 17.07 -7.71 6.17
N LEU A 41 18.20 -7.12 6.55
CA LEU A 41 18.48 -6.81 7.96
C LEU A 41 17.67 -5.60 8.41
N ILE A 42 17.77 -4.51 7.65
CA ILE A 42 17.04 -3.29 7.97
C ILE A 42 16.28 -2.76 6.76
N HIS A 43 15.18 -2.08 7.01
CA HIS A 43 14.36 -1.52 5.94
C HIS A 43 14.15 -2.54 4.83
N GLN A 44 13.75 -3.75 5.21
CA GLN A 44 13.51 -4.82 4.26
C GLN A 44 12.46 -4.41 3.23
N GLY A 45 11.36 -3.84 3.72
CA GLY A 45 10.29 -3.42 2.84
C GLY A 45 9.50 -2.26 3.41
N MET A 46 8.32 -2.01 2.85
CA MET A 46 7.47 -0.92 3.31
C MET A 46 6.07 -1.43 3.65
N LYS A 47 5.57 -1.04 4.82
CA LYS A 47 4.24 -1.47 5.27
C LYS A 47 3.29 -0.27 5.35
N CYS A 48 2.12 -0.41 4.74
CA CYS A 48 1.12 0.65 4.75
C CYS A 48 0.45 0.76 6.11
N ASP A 49 -0.27 1.86 6.33
CA ASP A 49 -0.96 2.08 7.58
C ASP A 49 -2.47 2.01 7.39
N THR A 50 -2.91 2.22 6.16
CA THR A 50 -4.34 2.18 5.85
C THR A 50 -4.76 0.81 5.35
N CYS A 51 -3.90 0.19 4.55
CA CYS A 51 -4.18 -1.13 4.00
C CYS A 51 -3.19 -2.17 4.55
N ASP A 52 -2.15 -1.68 5.22
CA ASP A 52 -1.14 -2.56 5.79
C ASP A 52 -0.52 -3.45 4.73
N MET A 53 -0.30 -2.88 3.54
CA MET A 53 0.28 -3.63 2.44
C MET A 53 1.80 -3.68 2.58
N ASN A 54 2.37 -4.84 2.26
CA ASN A 54 3.82 -5.04 2.35
C ASN A 54 4.44 -5.16 0.96
N VAL A 55 5.17 -4.12 0.56
CA VAL A 55 5.82 -4.11 -0.76
C VAL A 55 7.25 -3.60 -0.65
N HIS A 56 8.11 -4.08 -1.55
CA HIS A 56 9.50 -3.67 -1.56
C HIS A 56 9.64 -2.18 -1.76
N LYS A 57 10.65 -1.58 -1.15
CA LYS A 57 10.89 -0.15 -1.26
C LYS A 57 10.79 0.31 -2.72
N GLN A 58 11.10 -0.59 -3.63
CA GLN A 58 11.05 -0.28 -5.05
C GLN A 58 9.69 -0.67 -5.65
N CYS A 59 9.08 -1.72 -5.10
CA CYS A 59 7.79 -2.18 -5.56
C CYS A 59 6.72 -1.11 -5.40
N VAL A 60 6.86 -0.32 -4.33
CA VAL A 60 5.90 0.75 -4.05
C VAL A 60 5.58 1.54 -5.31
N ILE A 61 6.58 1.70 -6.17
CA ILE A 61 6.41 2.44 -7.42
C ILE A 61 5.41 1.75 -8.33
N ASN A 62 5.40 0.42 -8.30
CA ASN A 62 4.49 -0.36 -9.13
C ASN A 62 3.05 -0.19 -8.66
N VAL A 63 2.84 -0.29 -7.35
CA VAL A 63 1.52 -0.15 -6.77
C VAL A 63 0.84 1.14 -7.24
N PRO A 64 -0.46 1.05 -7.52
CA PRO A 64 -1.24 2.20 -7.99
C PRO A 64 -1.45 3.24 -6.89
N SER A 65 -1.41 4.52 -7.27
CA SER A 65 -1.60 5.60 -6.32
C SER A 65 -2.70 5.26 -5.31
N LEU A 66 -3.86 4.88 -5.84
CA LEU A 66 -5.00 4.52 -4.99
C LEU A 66 -4.60 3.50 -3.94
N CYS A 67 -5.42 3.38 -2.89
CA CYS A 67 -5.15 2.44 -1.82
C CYS A 67 -6.43 2.11 -1.04
N GLY A 68 -6.48 0.91 -0.49
CA GLY A 68 -7.65 0.50 0.27
C GLY A 68 -8.65 -0.27 -0.57
N MET A 69 -8.16 -1.30 -1.26
CA MET A 69 -9.02 -2.11 -2.11
C MET A 69 -8.97 -3.58 -1.67
N ASP A 70 -8.31 -3.84 -0.55
CA ASP A 70 -8.18 -5.19 -0.04
C ASP A 70 -9.55 -5.86 0.05
N HIS A 71 -9.56 -7.19 -0.08
CA HIS A 71 -10.80 -7.95 -0.02
C HIS A 71 -11.69 -7.45 1.11
N THR A 72 -11.20 -7.54 2.34
CA THR A 72 -11.94 -7.10 3.51
C THR A 72 -12.15 -5.59 3.48
N GLU A 73 -13.29 -5.15 4.03
CA GLU A 73 -13.60 -3.73 4.06
C GLU A 73 -14.20 -3.34 5.41
N LYS A 74 -14.19 -2.04 5.71
CA LYS A 74 -14.72 -1.54 6.97
C LYS A 74 -16.11 -0.94 6.78
N ARG A 75 -16.74 -0.54 7.87
CA ARG A 75 -18.07 0.05 7.82
C ARG A 75 -18.14 1.32 8.65
N GLY A 76 -18.86 2.31 8.14
CA GLY A 76 -19.00 3.58 8.85
C GLY A 76 -18.50 4.75 8.03
N ARG A 77 -19.31 5.81 7.96
CA ARG A 77 -18.95 7.00 7.20
C ARG A 77 -18.58 8.14 8.13
N ILE A 78 -17.76 9.06 7.64
CA ILE A 78 -17.33 10.21 8.43
C ILE A 78 -18.15 11.45 8.09
N TYR A 79 -18.58 12.15 9.12
CA TYR A 79 -19.39 13.36 8.95
C TYR A 79 -19.16 14.33 10.10
N LEU A 80 -19.02 15.61 9.77
CA LEU A 80 -18.81 16.65 10.78
C LEU A 80 -18.80 18.03 10.14
N LYS A 81 -19.45 18.98 10.81
CA LYS A 81 -19.53 20.36 10.31
C LYS A 81 -19.03 21.34 11.36
N ALA A 82 -19.06 20.92 12.63
CA ALA A 82 -18.61 21.76 13.72
C ALA A 82 -18.62 21.00 15.04
N GLU A 83 -17.43 20.63 15.51
CA GLU A 83 -17.30 19.90 16.76
C GLU A 83 -15.85 19.86 17.23
N VAL A 84 -15.61 19.16 18.33
CA VAL A 84 -14.26 19.04 18.88
C VAL A 84 -13.70 17.63 18.69
N ALA A 85 -12.47 17.55 18.18
CA ALA A 85 -11.83 16.26 17.96
C ALA A 85 -11.17 15.75 19.23
ZN ZN B . -1.98 1.35 1.35
ZN ZN C . 7.63 -6.90 -4.48
N GLY A 1 -0.93 6.01 -22.43
CA GLY A 1 -0.83 4.70 -21.81
C GLY A 1 0.52 4.48 -21.14
N SER A 2 1.32 3.58 -21.71
CA SER A 2 2.63 3.27 -21.15
C SER A 2 2.50 2.70 -19.75
N SER A 3 1.53 1.81 -19.56
CA SER A 3 1.30 1.20 -18.26
C SER A 3 1.34 2.23 -17.15
N GLY A 4 0.72 3.39 -17.39
CA GLY A 4 0.69 4.46 -16.41
C GLY A 4 2.06 4.73 -15.82
N SER A 5 2.95 5.32 -16.64
CA SER A 5 4.30 5.64 -16.20
C SER A 5 4.62 7.10 -16.49
N SER A 6 4.32 7.97 -15.53
CA SER A 6 4.59 9.40 -15.69
C SER A 6 4.29 10.14 -14.39
N GLY A 7 5.26 10.91 -13.93
CA GLY A 7 5.09 11.67 -12.70
C GLY A 7 4.13 12.84 -12.86
N GLY A 8 2.95 12.70 -12.26
CA GLY A 8 1.96 13.76 -12.35
C GLY A 8 1.46 14.22 -11.00
N PRO A 9 2.05 15.32 -10.49
CA PRO A 9 1.68 15.88 -9.19
C PRO A 9 0.29 16.51 -9.21
N ASP A 10 -0.29 16.63 -10.40
CA ASP A 10 -1.62 17.21 -10.54
C ASP A 10 -2.65 16.13 -10.84
N THR A 11 -2.28 15.17 -11.67
CA THR A 11 -3.17 14.08 -12.05
C THR A 11 -3.13 12.96 -11.01
N ASP A 12 -3.16 13.34 -9.74
CA ASP A 12 -3.13 12.36 -8.66
C ASP A 12 -3.56 13.00 -7.34
N ASP A 13 -4.50 12.37 -6.66
CA ASP A 13 -5.00 12.87 -5.38
C ASP A 13 -4.12 12.39 -4.23
N PRO A 14 -3.89 13.28 -3.25
CA PRO A 14 -3.06 12.97 -2.08
C PRO A 14 -3.74 11.97 -1.14
N ARG A 15 -5.06 11.87 -1.25
CA ARG A 15 -5.83 10.95 -0.42
C ARG A 15 -5.59 9.50 -0.84
N SER A 16 -5.66 9.25 -2.15
CA SER A 16 -5.46 7.91 -2.68
C SER A 16 -4.03 7.44 -2.46
N LYS A 17 -3.09 8.39 -2.48
CA LYS A 17 -1.69 8.08 -2.27
C LYS A 17 -1.51 7.06 -1.14
N HIS A 18 -0.43 6.27 -1.22
CA HIS A 18 -0.16 5.27 -0.21
C HIS A 18 0.65 5.86 0.94
N LYS A 19 0.37 5.42 2.15
CA LYS A 19 1.07 5.90 3.33
C LYS A 19 2.15 4.92 3.77
N PHE A 20 2.72 4.22 2.80
CA PHE A 20 3.78 3.24 3.08
C PHE A 20 4.90 3.87 3.88
N LYS A 21 5.34 3.18 4.93
CA LYS A 21 6.42 3.67 5.78
C LYS A 21 7.51 2.63 5.93
N ILE A 22 8.73 3.00 5.56
CA ILE A 22 9.88 2.09 5.65
C ILE A 22 10.06 1.59 7.08
N HIS A 23 9.69 0.33 7.32
CA HIS A 23 9.83 -0.27 8.64
C HIS A 23 10.37 -1.69 8.54
N THR A 24 10.86 -2.20 9.67
CA THR A 24 11.42 -3.55 9.71
C THR A 24 10.36 -4.57 10.10
N TYR A 25 10.54 -5.81 9.64
CA TYR A 25 9.60 -6.88 9.95
C TYR A 25 10.23 -7.91 10.86
N GLY A 26 9.55 -8.23 11.96
CA GLY A 26 10.05 -9.21 12.90
C GLY A 26 9.89 -10.63 12.41
N SER A 27 9.20 -10.79 11.28
CA SER A 27 8.98 -12.11 10.71
C SER A 27 9.09 -12.06 9.19
N PRO A 28 9.34 -13.23 8.57
CA PRO A 28 9.46 -13.34 7.12
C PRO A 28 8.14 -13.15 6.40
N THR A 29 7.92 -11.95 5.88
CA THR A 29 6.69 -11.64 5.16
C THR A 29 6.89 -11.71 3.66
N PHE A 30 5.80 -11.93 2.93
CA PHE A 30 5.85 -12.02 1.47
C PHE A 30 5.21 -10.80 0.82
N CYS A 31 5.92 -10.19 -0.11
CA CYS A 31 5.42 -9.00 -0.81
C CYS A 31 4.02 -9.26 -1.37
N ASP A 32 3.30 -8.18 -1.61
CA ASP A 32 1.94 -8.27 -2.15
C ASP A 32 1.91 -7.90 -3.62
N HIS A 33 2.81 -7.01 -4.03
CA HIS A 33 2.89 -6.56 -5.41
C HIS A 33 3.44 -7.67 -6.30
N CYS A 34 4.71 -8.01 -6.11
CA CYS A 34 5.35 -9.05 -6.91
C CYS A 34 5.00 -10.44 -6.37
N GLY A 35 4.99 -10.57 -5.04
CA GLY A 35 4.66 -11.83 -4.43
C GLY A 35 5.89 -12.70 -4.19
N SER A 36 6.83 -12.17 -3.43
CA SER A 36 8.07 -12.89 -3.13
C SER A 36 8.51 -12.66 -1.68
N LEU A 37 9.18 -13.65 -1.11
CA LEU A 37 9.65 -13.55 0.27
C LEU A 37 10.53 -12.31 0.45
N LEU A 38 10.21 -11.52 1.47
CA LEU A 38 10.97 -10.31 1.76
C LEU A 38 12.28 -10.63 2.48
N TYR A 39 13.40 -10.32 1.83
CA TYR A 39 14.70 -10.59 2.41
C TYR A 39 15.40 -9.29 2.82
N GLY A 40 15.97 -9.29 4.02
CA GLY A 40 16.66 -8.11 4.51
C GLY A 40 16.65 -8.02 6.02
N LEU A 41 17.71 -7.44 6.58
CA LEU A 41 17.83 -7.30 8.03
C LEU A 41 17.17 -6.02 8.51
N ILE A 42 17.48 -4.91 7.84
CA ILE A 42 16.90 -3.62 8.20
C ILE A 42 16.23 -2.96 6.99
N HIS A 43 15.06 -2.36 7.22
CA HIS A 43 14.33 -1.70 6.16
C HIS A 43 14.08 -2.65 4.99
N GLN A 44 13.52 -3.82 5.30
CA GLN A 44 13.24 -4.82 4.26
C GLN A 44 12.22 -4.30 3.26
N GLY A 45 11.02 -3.97 3.75
CA GLY A 45 9.98 -3.46 2.88
C GLY A 45 9.27 -2.26 3.46
N MET A 46 8.04 -2.03 3.02
CA MET A 46 7.25 -0.90 3.52
C MET A 46 5.89 -1.37 4.01
N LYS A 47 5.35 -0.66 5.00
CA LYS A 47 4.06 -1.00 5.56
C LYS A 47 3.14 0.22 5.62
N CYS A 48 1.96 0.10 5.01
CA CYS A 48 1.01 1.21 4.99
C CYS A 48 0.33 1.36 6.35
N ASP A 49 -0.32 2.50 6.54
CA ASP A 49 -1.01 2.77 7.79
C ASP A 49 -2.52 2.57 7.65
N THR A 50 -2.97 2.47 6.40
CA THR A 50 -4.40 2.28 6.12
C THR A 50 -4.66 0.88 5.58
N CYS A 51 -3.90 0.49 4.56
CA CYS A 51 -4.05 -0.83 3.95
C CYS A 51 -3.04 -1.81 4.51
N ASP A 52 -2.14 -1.31 5.35
CA ASP A 52 -1.11 -2.15 5.96
C ASP A 52 -0.64 -3.23 4.99
N MET A 53 -0.22 -2.81 3.80
CA MET A 53 0.25 -3.75 2.79
C MET A 53 1.76 -3.91 2.86
N ASN A 54 2.22 -5.16 2.78
CA ASN A 54 3.65 -5.45 2.83
C ASN A 54 4.24 -5.60 1.44
N VAL A 55 4.97 -4.59 0.99
CA VAL A 55 5.58 -4.61 -0.33
C VAL A 55 7.03 -4.12 -0.27
N HIS A 56 7.79 -4.42 -1.31
CA HIS A 56 9.19 -4.02 -1.38
C HIS A 56 9.32 -2.51 -1.52
N LYS A 57 10.43 -1.97 -1.02
CA LYS A 57 10.67 -0.54 -1.10
C LYS A 57 10.68 -0.05 -2.54
N GLN A 58 11.01 -0.94 -3.46
CA GLN A 58 11.05 -0.61 -4.87
C GLN A 58 9.70 -0.89 -5.54
N CYS A 59 9.02 -1.92 -5.05
CA CYS A 59 7.72 -2.30 -5.60
C CYS A 59 6.71 -1.15 -5.48
N VAL A 60 6.84 -0.37 -4.40
CA VAL A 60 5.95 0.75 -4.16
C VAL A 60 5.87 1.66 -5.38
N ILE A 61 6.91 1.63 -6.21
CA ILE A 61 6.95 2.43 -7.42
C ILE A 61 5.97 1.91 -8.47
N ASN A 62 5.71 0.61 -8.43
CA ASN A 62 4.80 -0.01 -9.38
C ASN A 62 3.38 -0.02 -8.84
N VAL A 63 3.25 -0.23 -7.52
CA VAL A 63 1.94 -0.25 -6.88
C VAL A 63 1.16 1.03 -7.16
N PRO A 64 -0.13 0.88 -7.49
CA PRO A 64 -1.01 2.01 -7.78
C PRO A 64 -1.32 2.85 -6.54
N SER A 65 -1.52 4.14 -6.74
CA SER A 65 -1.82 5.05 -5.64
C SER A 65 -3.31 5.01 -5.30
N LEU A 66 -3.98 3.95 -5.73
CA LEU A 66 -5.40 3.79 -5.47
C LEU A 66 -5.64 3.15 -4.10
N CYS A 67 -4.71 3.38 -3.18
CA CYS A 67 -4.81 2.83 -1.84
C CYS A 67 -6.24 2.91 -1.32
N GLY A 68 -6.65 1.90 -0.56
CA GLY A 68 -8.00 1.89 -0.02
C GLY A 68 -8.87 0.82 -0.67
N MET A 69 -8.25 -0.28 -1.07
CA MET A 69 -8.97 -1.38 -1.71
C MET A 69 -8.10 -2.64 -1.78
N ASP A 70 -8.60 -3.74 -1.23
CA ASP A 70 -7.88 -4.99 -1.23
C ASP A 70 -8.77 -6.14 -1.68
N HIS A 71 -9.63 -5.86 -2.66
CA HIS A 71 -10.55 -6.87 -3.17
C HIS A 71 -10.67 -6.76 -4.69
N THR A 72 -10.48 -7.88 -5.38
CA THR A 72 -10.56 -7.91 -6.83
C THR A 72 -11.50 -9.01 -7.30
N GLU A 73 -12.21 -8.76 -8.40
CA GLU A 73 -13.15 -9.72 -8.95
C GLU A 73 -14.38 -9.85 -8.08
N LYS A 74 -14.91 -8.70 -7.65
CA LYS A 74 -16.10 -8.69 -6.80
C LYS A 74 -17.21 -9.57 -7.39
N ARG A 75 -17.74 -10.46 -6.56
CA ARG A 75 -18.79 -11.36 -7.00
C ARG A 75 -20.16 -10.89 -6.49
N GLY A 76 -21.14 -10.87 -7.38
CA GLY A 76 -22.48 -10.44 -7.00
C GLY A 76 -23.54 -11.44 -7.40
N ARG A 77 -23.55 -11.81 -8.69
CA ARG A 77 -24.53 -12.76 -9.20
C ARG A 77 -24.13 -14.19 -8.86
N ILE A 78 -25.10 -15.09 -8.91
CA ILE A 78 -24.85 -16.50 -8.62
C ILE A 78 -25.16 -17.38 -9.82
N TYR A 79 -24.76 -18.65 -9.74
CA TYR A 79 -24.99 -19.59 -10.82
C TYR A 79 -25.51 -20.92 -10.29
N LEU A 80 -26.16 -21.70 -11.16
CA LEU A 80 -26.70 -22.99 -10.77
C LEU A 80 -25.89 -24.13 -11.38
N LYS A 81 -25.17 -24.86 -10.55
CA LYS A 81 -24.36 -25.97 -11.01
C LYS A 81 -24.75 -27.27 -10.31
N ALA A 82 -25.29 -28.22 -11.07
CA ALA A 82 -25.71 -29.49 -10.52
C ALA A 82 -25.08 -30.65 -11.28
N GLU A 83 -24.72 -30.41 -12.54
CA GLU A 83 -24.11 -31.43 -13.39
C GLU A 83 -24.87 -32.74 -13.26
N VAL A 84 -26.20 -32.67 -13.32
CA VAL A 84 -27.03 -33.85 -13.23
C VAL A 84 -27.25 -34.49 -14.60
N ALA A 85 -26.20 -34.51 -15.40
CA ALA A 85 -26.28 -35.08 -16.74
C ALA A 85 -26.12 -36.60 -16.69
ZN ZN B . -1.87 1.83 1.34
ZN ZN C . 7.70 -6.89 -4.37
N GLY A 1 -10.54 45.28 -12.22
CA GLY A 1 -10.73 44.00 -11.57
C GLY A 1 -10.36 42.84 -12.47
N SER A 2 -9.87 41.76 -11.87
CA SER A 2 -9.47 40.58 -12.61
C SER A 2 -9.13 39.43 -11.68
N SER A 3 -9.28 38.20 -12.18
CA SER A 3 -9.00 37.01 -11.37
C SER A 3 -8.35 35.93 -12.23
N GLY A 4 -7.88 34.86 -11.58
CA GLY A 4 -7.25 33.77 -12.30
C GLY A 4 -7.47 32.43 -11.62
N SER A 5 -7.07 31.36 -12.30
CA SER A 5 -7.24 30.01 -11.75
C SER A 5 -6.47 29.00 -12.59
N SER A 6 -5.69 28.16 -11.93
CA SER A 6 -4.89 27.14 -12.61
C SER A 6 -4.89 25.83 -11.83
N GLY A 7 -4.25 24.81 -12.39
CA GLY A 7 -4.18 23.52 -11.73
C GLY A 7 -3.09 22.63 -12.30
N GLY A 8 -3.31 21.33 -12.25
CA GLY A 8 -2.34 20.39 -12.76
C GLY A 8 -2.95 19.04 -13.09
N PRO A 9 -2.10 18.10 -13.54
CA PRO A 9 -2.53 16.74 -13.90
C PRO A 9 -2.94 15.93 -12.68
N ASP A 10 -2.24 16.14 -11.57
CA ASP A 10 -2.53 15.42 -10.34
C ASP A 10 -2.75 13.93 -10.60
N THR A 11 -1.91 13.37 -11.48
CA THR A 11 -2.01 11.96 -11.82
C THR A 11 -2.44 11.13 -10.62
N ASP A 12 -1.69 11.23 -9.53
CA ASP A 12 -2.00 10.48 -8.31
C ASP A 12 -2.34 11.44 -7.17
N ASP A 13 -3.61 11.47 -6.79
CA ASP A 13 -4.06 12.34 -5.70
C ASP A 13 -3.36 11.98 -4.40
N PRO A 14 -3.23 12.97 -3.51
CA PRO A 14 -2.58 12.78 -2.21
C PRO A 14 -3.41 11.92 -1.26
N ARG A 15 -4.72 11.91 -1.47
CA ARG A 15 -5.63 11.11 -0.65
C ARG A 15 -5.45 9.62 -0.92
N SER A 16 -5.34 9.27 -2.19
CA SER A 16 -5.17 7.87 -2.59
C SER A 16 -3.74 7.40 -2.31
N LYS A 17 -2.78 8.30 -2.48
CA LYS A 17 -1.38 7.98 -2.25
C LYS A 17 -1.23 6.98 -1.11
N HIS A 18 -0.28 6.06 -1.25
CA HIS A 18 -0.03 5.05 -0.22
C HIS A 18 0.84 5.61 0.89
N LYS A 19 0.45 5.34 2.13
CA LYS A 19 1.21 5.82 3.29
C LYS A 19 2.30 4.82 3.67
N PHE A 20 2.86 4.15 2.67
CA PHE A 20 3.91 3.17 2.90
C PHE A 20 5.07 3.79 3.69
N LYS A 21 5.36 3.21 4.84
CA LYS A 21 6.44 3.70 5.69
C LYS A 21 7.51 2.63 5.88
N ILE A 22 8.75 2.97 5.53
CA ILE A 22 9.86 2.04 5.65
C ILE A 22 10.05 1.60 7.10
N HIS A 23 9.74 0.34 7.38
CA HIS A 23 9.88 -0.20 8.72
C HIS A 23 10.41 -1.62 8.69
N THR A 24 11.06 -2.05 9.77
CA THR A 24 11.62 -3.38 9.85
C THR A 24 10.55 -4.40 10.26
N TYR A 25 10.80 -5.67 9.93
CA TYR A 25 9.85 -6.73 10.25
C TYR A 25 10.53 -7.82 11.09
N GLY A 26 9.74 -8.49 11.92
CA GLY A 26 10.27 -9.55 12.76
C GLY A 26 10.03 -10.93 12.19
N SER A 27 9.25 -11.00 11.12
CA SER A 27 8.93 -12.27 10.48
C SER A 27 9.07 -12.16 8.96
N PRO A 28 9.30 -13.31 8.31
CA PRO A 28 9.47 -13.38 6.85
C PRO A 28 8.15 -13.12 6.12
N THR A 29 7.93 -11.85 5.75
CA THR A 29 6.71 -11.48 5.05
C THR A 29 6.90 -11.59 3.54
N PHE A 30 5.81 -11.88 2.83
CA PHE A 30 5.85 -12.01 1.39
C PHE A 30 5.18 -10.83 0.70
N CYS A 31 5.89 -10.21 -0.23
CA CYS A 31 5.36 -9.06 -0.96
C CYS A 31 3.95 -9.33 -1.46
N ASP A 32 3.22 -8.26 -1.76
CA ASP A 32 1.85 -8.38 -2.25
C ASP A 32 1.79 -8.14 -3.76
N HIS A 33 2.58 -7.19 -4.24
CA HIS A 33 2.61 -6.86 -5.65
C HIS A 33 3.23 -8.00 -6.45
N CYS A 34 4.52 -8.24 -6.24
CA CYS A 34 5.23 -9.30 -6.95
C CYS A 34 5.05 -10.63 -6.24
N GLY A 35 5.00 -10.60 -4.91
CA GLY A 35 4.83 -11.82 -4.14
C GLY A 35 6.14 -12.33 -3.57
N SER A 36 7.25 -11.93 -4.17
CA SER A 36 8.57 -12.35 -3.71
C SER A 36 8.70 -12.19 -2.20
N LEU A 37 9.51 -13.05 -1.59
CA LEU A 37 9.71 -13.01 -0.15
C LEU A 37 10.63 -11.85 0.23
N LEU A 38 10.25 -11.12 1.28
CA LEU A 38 11.03 -9.98 1.75
C LEU A 38 12.16 -10.45 2.67
N TYR A 39 13.39 -10.30 2.18
CA TYR A 39 14.56 -10.70 2.96
C TYR A 39 15.47 -9.51 3.21
N GLY A 40 16.07 -9.47 4.41
CA GLY A 40 16.96 -8.38 4.76
C GLY A 40 17.06 -8.18 6.26
N LEU A 41 18.06 -7.41 6.68
CA LEU A 41 18.27 -7.15 8.10
C LEU A 41 17.50 -5.91 8.54
N ILE A 42 17.52 -4.87 7.70
CA ILE A 42 16.82 -3.64 8.00
C ILE A 42 16.12 -3.09 6.76
N HIS A 43 15.02 -2.37 6.97
CA HIS A 43 14.26 -1.79 5.88
C HIS A 43 13.93 -2.84 4.83
N GLN A 44 13.50 -4.02 5.29
CA GLN A 44 13.15 -5.11 4.39
C GLN A 44 12.03 -4.70 3.45
N GLY A 45 10.95 -4.18 4.00
CA GLY A 45 9.82 -3.75 3.20
C GLY A 45 9.10 -2.55 3.79
N MET A 46 7.97 -2.19 3.18
CA MET A 46 7.19 -1.05 3.66
C MET A 46 5.79 -1.49 4.07
N LYS A 47 5.16 -0.73 4.96
CA LYS A 47 3.83 -1.03 5.43
C LYS A 47 2.95 0.22 5.44
N CYS A 48 1.85 0.18 4.70
CA CYS A 48 0.93 1.30 4.62
C CYS A 48 0.32 1.59 5.99
N ASP A 49 -0.35 2.74 6.10
CA ASP A 49 -1.00 3.12 7.35
C ASP A 49 -2.51 2.92 7.27
N THR A 50 -3.04 2.90 6.06
CA THR A 50 -4.47 2.71 5.84
C THR A 50 -4.78 1.28 5.41
N CYS A 51 -3.90 0.71 4.59
CA CYS A 51 -4.08 -0.65 4.10
C CYS A 51 -2.99 -1.57 4.63
N ASP A 52 -2.04 -0.99 5.37
CA ASP A 52 -0.94 -1.76 5.95
C ASP A 52 -0.58 -2.93 5.05
N MET A 53 -0.29 -2.64 3.79
CA MET A 53 0.07 -3.69 2.83
C MET A 53 1.57 -3.92 2.82
N ASN A 54 1.98 -5.19 2.79
CA ASN A 54 3.39 -5.54 2.79
C ASN A 54 3.93 -5.59 1.36
N VAL A 55 4.94 -4.77 1.08
CA VAL A 55 5.54 -4.73 -0.24
C VAL A 55 7.00 -4.29 -0.16
N HIS A 56 7.73 -4.47 -1.26
CA HIS A 56 9.13 -4.09 -1.31
C HIS A 56 9.29 -2.58 -1.42
N LYS A 57 10.39 -2.06 -0.90
CA LYS A 57 10.66 -0.63 -0.93
C LYS A 57 10.68 -0.12 -2.37
N GLN A 58 11.03 -0.99 -3.30
CA GLN A 58 11.09 -0.64 -4.71
C GLN A 58 9.77 -0.95 -5.41
N CYS A 59 9.03 -1.91 -4.87
CA CYS A 59 7.75 -2.30 -5.44
C CYS A 59 6.70 -1.21 -5.24
N VAL A 60 6.85 -0.46 -4.16
CA VAL A 60 5.92 0.62 -3.85
C VAL A 60 5.65 1.48 -5.07
N ILE A 61 6.69 1.71 -5.86
CA ILE A 61 6.57 2.53 -7.06
C ILE A 61 5.65 1.87 -8.08
N ASN A 62 5.61 0.54 -8.07
CA ASN A 62 4.77 -0.21 -8.99
C ASN A 62 3.32 -0.18 -8.55
N VAL A 63 3.09 -0.35 -7.25
CA VAL A 63 1.74 -0.34 -6.70
C VAL A 63 1.03 0.96 -7.02
N PRO A 64 -0.19 0.84 -7.56
CA PRO A 64 -1.01 2.01 -7.93
C PRO A 64 -1.51 2.78 -6.71
N SER A 65 -1.29 4.08 -6.72
CA SER A 65 -1.71 4.93 -5.60
C SER A 65 -3.07 4.48 -5.06
N LEU A 66 -3.86 3.85 -5.92
CA LEU A 66 -5.18 3.37 -5.52
C LEU A 66 -5.12 2.68 -4.16
N CYS A 67 -5.64 3.36 -3.13
CA CYS A 67 -5.65 2.82 -1.79
C CYS A 67 -6.92 3.23 -1.04
N GLY A 68 -7.28 2.46 -0.03
CA GLY A 68 -8.47 2.76 0.75
C GLY A 68 -9.65 1.89 0.35
N MET A 69 -9.39 0.62 0.07
CA MET A 69 -10.45 -0.31 -0.31
C MET A 69 -10.97 -1.07 0.89
N ASP A 70 -10.08 -1.40 1.82
CA ASP A 70 -10.47 -2.12 3.02
C ASP A 70 -11.20 -3.41 2.67
N HIS A 71 -10.73 -4.09 1.63
CA HIS A 71 -11.34 -5.34 1.20
C HIS A 71 -11.19 -6.43 2.25
N THR A 72 -12.17 -6.54 3.14
CA THR A 72 -12.14 -7.54 4.20
C THR A 72 -12.61 -8.90 3.70
N GLU A 73 -12.31 -9.95 4.46
CA GLU A 73 -12.70 -11.30 4.08
C GLU A 73 -14.12 -11.60 4.54
N LYS A 74 -15.02 -10.65 4.33
CA LYS A 74 -16.42 -10.81 4.71
C LYS A 74 -17.35 -10.62 3.51
N ARG A 75 -18.03 -11.69 3.13
CA ARG A 75 -18.95 -11.65 1.99
C ARG A 75 -20.38 -11.84 2.45
N GLY A 76 -21.32 -11.31 1.68
CA GLY A 76 -22.73 -11.42 2.02
C GLY A 76 -23.64 -10.93 0.91
N ARG A 77 -24.87 -11.43 0.90
CA ARG A 77 -25.84 -11.04 -0.11
C ARG A 77 -26.26 -9.58 0.07
N ILE A 78 -26.38 -8.85 -1.04
CA ILE A 78 -26.77 -7.45 -0.99
C ILE A 78 -27.83 -7.15 -2.06
N TYR A 79 -28.70 -8.11 -2.30
CA TYR A 79 -29.77 -7.95 -3.28
C TYR A 79 -30.96 -8.86 -2.96
N LEU A 80 -32.14 -8.25 -2.87
CA LEU A 80 -33.35 -9.00 -2.57
C LEU A 80 -34.32 -8.98 -3.75
N LYS A 81 -35.27 -9.91 -3.76
CA LYS A 81 -36.24 -9.99 -4.83
C LYS A 81 -37.58 -10.52 -4.31
N ALA A 82 -38.62 -10.41 -5.13
CA ALA A 82 -39.95 -10.88 -4.75
C ALA A 82 -40.60 -9.92 -3.75
N GLU A 83 -40.55 -8.63 -4.05
CA GLU A 83 -41.13 -7.62 -3.17
C GLU A 83 -42.64 -7.76 -3.11
N VAL A 84 -43.28 -6.87 -2.36
CA VAL A 84 -44.73 -6.90 -2.22
C VAL A 84 -45.28 -5.50 -1.93
N ALA A 85 -46.53 -5.27 -2.33
CA ALA A 85 -47.17 -3.97 -2.11
C ALA A 85 -48.13 -4.03 -0.94
ZN ZN B . -2.07 1.76 1.08
ZN ZN C . 7.84 -6.98 -4.37
#